data_4NS5
# 
_entry.id   4NS5 
# 
_audit_conform.dict_name       mmcif_pdbx.dic 
_audit_conform.dict_version    5.387 
_audit_conform.dict_location   http://mmcif.pdb.org/dictionaries/ascii/mmcif_pdbx.dic 
# 
loop_
_database_2.database_id 
_database_2.database_code 
_database_2.pdbx_database_accession 
_database_2.pdbx_DOI 
PDB   4NS5         pdb_00004ns5 10.2210/pdb4ns5/pdb 
RCSB  RCSB083588   ?            ?                   
WWPDB D_1000083588 ?            ?                   
# 
loop_
_pdbx_audit_revision_history.ordinal 
_pdbx_audit_revision_history.data_content_type 
_pdbx_audit_revision_history.major_revision 
_pdbx_audit_revision_history.minor_revision 
_pdbx_audit_revision_history.revision_date 
1 'Structure model' 1 0 2014-04-09 
2 'Structure model' 1 1 2014-11-12 
3 'Structure model' 1 2 2024-02-28 
# 
_pdbx_audit_revision_details.ordinal             1 
_pdbx_audit_revision_details.revision_ordinal    1 
_pdbx_audit_revision_details.data_content_type   'Structure model' 
_pdbx_audit_revision_details.provider            repository 
_pdbx_audit_revision_details.type                'Initial release' 
_pdbx_audit_revision_details.description         ? 
_pdbx_audit_revision_details.details             ? 
# 
loop_
_pdbx_audit_revision_group.ordinal 
_pdbx_audit_revision_group.revision_ordinal 
_pdbx_audit_revision_group.data_content_type 
_pdbx_audit_revision_group.group 
1 2 'Structure model' 'Database references'  
2 3 'Structure model' 'Data collection'      
3 3 'Structure model' 'Database references'  
4 3 'Structure model' 'Derived calculations' 
# 
loop_
_pdbx_audit_revision_category.ordinal 
_pdbx_audit_revision_category.revision_ordinal 
_pdbx_audit_revision_category.data_content_type 
_pdbx_audit_revision_category.category 
1 3 'Structure model' chem_comp_atom         
2 3 'Structure model' chem_comp_bond         
3 3 'Structure model' database_2             
4 3 'Structure model' pdbx_struct_conn_angle 
5 3 'Structure model' struct_conn            
6 3 'Structure model' struct_ref_seq_dif     
7 3 'Structure model' struct_site            
# 
loop_
_pdbx_audit_revision_item.ordinal 
_pdbx_audit_revision_item.revision_ordinal 
_pdbx_audit_revision_item.data_content_type 
_pdbx_audit_revision_item.item 
1  3 'Structure model' '_database_2.pdbx_DOI'                        
2  3 'Structure model' '_database_2.pdbx_database_accession'         
3  3 'Structure model' '_pdbx_struct_conn_angle.ptnr1_auth_comp_id'  
4  3 'Structure model' '_pdbx_struct_conn_angle.ptnr1_auth_seq_id'   
5  3 'Structure model' '_pdbx_struct_conn_angle.ptnr1_label_atom_id' 
6  3 'Structure model' '_pdbx_struct_conn_angle.ptnr1_label_comp_id' 
7  3 'Structure model' '_pdbx_struct_conn_angle.ptnr1_label_seq_id'  
8  3 'Structure model' '_pdbx_struct_conn_angle.ptnr3_auth_comp_id'  
9  3 'Structure model' '_pdbx_struct_conn_angle.ptnr3_auth_seq_id'   
10 3 'Structure model' '_pdbx_struct_conn_angle.ptnr3_label_atom_id' 
11 3 'Structure model' '_pdbx_struct_conn_angle.ptnr3_label_comp_id' 
12 3 'Structure model' '_pdbx_struct_conn_angle.ptnr3_label_seq_id'  
13 3 'Structure model' '_pdbx_struct_conn_angle.value'               
14 3 'Structure model' '_struct_conn.pdbx_dist_value'                
15 3 'Structure model' '_struct_conn.ptnr1_auth_comp_id'             
16 3 'Structure model' '_struct_conn.ptnr1_auth_seq_id'              
17 3 'Structure model' '_struct_conn.ptnr1_label_atom_id'            
18 3 'Structure model' '_struct_conn.ptnr1_label_comp_id'            
19 3 'Structure model' '_struct_conn.ptnr1_label_seq_id'             
20 3 'Structure model' '_struct_ref_seq_dif.details'                 
21 3 'Structure model' '_struct_site.pdbx_auth_asym_id'              
22 3 'Structure model' '_struct_site.pdbx_auth_comp_id'              
23 3 'Structure model' '_struct_site.pdbx_auth_seq_id'               
# 
_pdbx_database_status.entry_id                        4NS5 
_pdbx_database_status.deposit_site                    RCSB 
_pdbx_database_status.process_site                    RCSB 
_pdbx_database_status.recvd_initial_deposition_date   2013-11-28 
_pdbx_database_status.status_code                     REL 
_pdbx_database_status.status_code_sf                  REL 
_pdbx_database_status.status_code_mr                  ? 
_pdbx_database_status.SG_entry                        ? 
_pdbx_database_status.status_code_cs                  ? 
_pdbx_database_status.methods_development_category    ? 
_pdbx_database_status.pdb_format_compatible           Y 
_pdbx_database_status.status_code_nmr_data            ? 
# 
loop_
_audit_author.name 
_audit_author.pdbx_ordinal 
'Wang, J.C.' 1 
'Qin, S.'    2 
'Li, F.D.'   3 
'Li, S.'     4 
'Zhang, W.'  5 
'Wu, J.H.'   6 
'Shi, Y.Y.'  7 
# 
_citation.id                        primary 
_citation.title                     
'Crystal structure of human BS69 Bromo-ZnF-PWWP reveals its role in H3K36me3 nucleosome binding.' 
_citation.journal_abbrev            'Cell Res.' 
_citation.journal_volume            24 
_citation.page_first                890 
_citation.page_last                 893 
_citation.year                      2014 
_citation.journal_id_ASTM           ? 
_citation.country                   CN 
_citation.journal_id_ISSN           1001-0602 
_citation.journal_id_CSD            ? 
_citation.book_publisher            ? 
_citation.pdbx_database_id_PubMed   24675531 
_citation.pdbx_database_id_DOI      10.1038/cr.2014.38 
# 
loop_
_citation_author.citation_id 
_citation_author.name 
_citation_author.ordinal 
_citation_author.identifier_ORCID 
primary 'Wang, J.'  1  ? 
primary 'Qin, S.'   2  ? 
primary 'Li, F.'    3  ? 
primary 'Li, S.'    4  ? 
primary 'Zhang, W.' 5  ? 
primary 'Peng, J.'  6  ? 
primary 'Zhang, Z.' 7  ? 
primary 'Gong, Q.'  8  ? 
primary 'Wu, J.'    9  ? 
primary 'Shi, Y.'   10 ? 
# 
loop_
_entity.id 
_entity.type 
_entity.src_method 
_entity.pdbx_description 
_entity.formula_weight 
_entity.pdbx_number_of_molecules 
_entity.pdbx_ec 
_entity.pdbx_mutation 
_entity.pdbx_fragment 
_entity.details 
1 polymer     man 'Zinc finger MYND domain-containing protein 11' 27296.227 1  ? ? 
'Bromo-Zinc finger-PWWP domains (UNP residues 154-371)' ? 
2 non-polymer syn 'ZINC ION'                                      65.409    1  ? ? ? ? 
3 water       nat water                                           18.015    94 ? ? ? ? 
# 
_entity_name_com.entity_id   1 
_entity_name_com.name        'Adenovirus 5 E1A-binding protein, Protein BS69' 
# 
_entity_poly.entity_id                      1 
_entity_poly.type                           'polypeptide(L)' 
_entity_poly.nstd_linkage                   no 
_entity_poly.nstd_monomer                   no 
_entity_poly.pdbx_seq_one_letter_code       
;MNKQEMGTYLRFIVSRMKERAIDLNKKGKDNKHPMYRRLVHSAVDVPTIQEKVNEGKYRSYEEFKADAQLLLHNTVIFYG
ADSEQADIARMLYKDTCHELDELQLCKNCFYLSNARPDNWFCYPCIPNHELVWAKMKGFGFWPAKVMQKEDNQVDVRFFG
HHHQRAWIPSENIQDITVNIHRLHVKRSMGWKKACDELELHQRFLREGRFWKSKNEDRGLEHHHHHH
;
_entity_poly.pdbx_seq_one_letter_code_can   
;MNKQEMGTYLRFIVSRMKERAIDLNKKGKDNKHPMYRRLVHSAVDVPTIQEKVNEGKYRSYEEFKADAQLLLHNTVIFYG
ADSEQADIARMLYKDTCHELDELQLCKNCFYLSNARPDNWFCYPCIPNHELVWAKMKGFGFWPAKVMQKEDNQVDVRFFG
HHHQRAWIPSENIQDITVNIHRLHVKRSMGWKKACDELELHQRFLREGRFWKSKNEDRGLEHHHHHH
;
_entity_poly.pdbx_strand_id                 A 
_entity_poly.pdbx_target_identifier         ? 
# 
loop_
_pdbx_entity_nonpoly.entity_id 
_pdbx_entity_nonpoly.name 
_pdbx_entity_nonpoly.comp_id 
2 'ZINC ION' ZN  
3 water      HOH 
# 
loop_
_entity_poly_seq.entity_id 
_entity_poly_seq.num 
_entity_poly_seq.mon_id 
_entity_poly_seq.hetero 
1 1   MET n 
1 2   ASN n 
1 3   LYS n 
1 4   GLN n 
1 5   GLU n 
1 6   MET n 
1 7   GLY n 
1 8   THR n 
1 9   TYR n 
1 10  LEU n 
1 11  ARG n 
1 12  PHE n 
1 13  ILE n 
1 14  VAL n 
1 15  SER n 
1 16  ARG n 
1 17  MET n 
1 18  LYS n 
1 19  GLU n 
1 20  ARG n 
1 21  ALA n 
1 22  ILE n 
1 23  ASP n 
1 24  LEU n 
1 25  ASN n 
1 26  LYS n 
1 27  LYS n 
1 28  GLY n 
1 29  LYS n 
1 30  ASP n 
1 31  ASN n 
1 32  LYS n 
1 33  HIS n 
1 34  PRO n 
1 35  MET n 
1 36  TYR n 
1 37  ARG n 
1 38  ARG n 
1 39  LEU n 
1 40  VAL n 
1 41  HIS n 
1 42  SER n 
1 43  ALA n 
1 44  VAL n 
1 45  ASP n 
1 46  VAL n 
1 47  PRO n 
1 48  THR n 
1 49  ILE n 
1 50  GLN n 
1 51  GLU n 
1 52  LYS n 
1 53  VAL n 
1 54  ASN n 
1 55  GLU n 
1 56  GLY n 
1 57  LYS n 
1 58  TYR n 
1 59  ARG n 
1 60  SER n 
1 61  TYR n 
1 62  GLU n 
1 63  GLU n 
1 64  PHE n 
1 65  LYS n 
1 66  ALA n 
1 67  ASP n 
1 68  ALA n 
1 69  GLN n 
1 70  LEU n 
1 71  LEU n 
1 72  LEU n 
1 73  HIS n 
1 74  ASN n 
1 75  THR n 
1 76  VAL n 
1 77  ILE n 
1 78  PHE n 
1 79  TYR n 
1 80  GLY n 
1 81  ALA n 
1 82  ASP n 
1 83  SER n 
1 84  GLU n 
1 85  GLN n 
1 86  ALA n 
1 87  ASP n 
1 88  ILE n 
1 89  ALA n 
1 90  ARG n 
1 91  MET n 
1 92  LEU n 
1 93  TYR n 
1 94  LYS n 
1 95  ASP n 
1 96  THR n 
1 97  CYS n 
1 98  HIS n 
1 99  GLU n 
1 100 LEU n 
1 101 ASP n 
1 102 GLU n 
1 103 LEU n 
1 104 GLN n 
1 105 LEU n 
1 106 CYS n 
1 107 LYS n 
1 108 ASN n 
1 109 CYS n 
1 110 PHE n 
1 111 TYR n 
1 112 LEU n 
1 113 SER n 
1 114 ASN n 
1 115 ALA n 
1 116 ARG n 
1 117 PRO n 
1 118 ASP n 
1 119 ASN n 
1 120 TRP n 
1 121 PHE n 
1 122 CYS n 
1 123 TYR n 
1 124 PRO n 
1 125 CYS n 
1 126 ILE n 
1 127 PRO n 
1 128 ASN n 
1 129 HIS n 
1 130 GLU n 
1 131 LEU n 
1 132 VAL n 
1 133 TRP n 
1 134 ALA n 
1 135 LYS n 
1 136 MET n 
1 137 LYS n 
1 138 GLY n 
1 139 PHE n 
1 140 GLY n 
1 141 PHE n 
1 142 TRP n 
1 143 PRO n 
1 144 ALA n 
1 145 LYS n 
1 146 VAL n 
1 147 MET n 
1 148 GLN n 
1 149 LYS n 
1 150 GLU n 
1 151 ASP n 
1 152 ASN n 
1 153 GLN n 
1 154 VAL n 
1 155 ASP n 
1 156 VAL n 
1 157 ARG n 
1 158 PHE n 
1 159 PHE n 
1 160 GLY n 
1 161 HIS n 
1 162 HIS n 
1 163 HIS n 
1 164 GLN n 
1 165 ARG n 
1 166 ALA n 
1 167 TRP n 
1 168 ILE n 
1 169 PRO n 
1 170 SER n 
1 171 GLU n 
1 172 ASN n 
1 173 ILE n 
1 174 GLN n 
1 175 ASP n 
1 176 ILE n 
1 177 THR n 
1 178 VAL n 
1 179 ASN n 
1 180 ILE n 
1 181 HIS n 
1 182 ARG n 
1 183 LEU n 
1 184 HIS n 
1 185 VAL n 
1 186 LYS n 
1 187 ARG n 
1 188 SER n 
1 189 MET n 
1 190 GLY n 
1 191 TRP n 
1 192 LYS n 
1 193 LYS n 
1 194 ALA n 
1 195 CYS n 
1 196 ASP n 
1 197 GLU n 
1 198 LEU n 
1 199 GLU n 
1 200 LEU n 
1 201 HIS n 
1 202 GLN n 
1 203 ARG n 
1 204 PHE n 
1 205 LEU n 
1 206 ARG n 
1 207 GLU n 
1 208 GLY n 
1 209 ARG n 
1 210 PHE n 
1 211 TRP n 
1 212 LYS n 
1 213 SER n 
1 214 LYS n 
1 215 ASN n 
1 216 GLU n 
1 217 ASP n 
1 218 ARG n 
1 219 GLY n 
1 220 LEU n 
1 221 GLU n 
1 222 HIS n 
1 223 HIS n 
1 224 HIS n 
1 225 HIS n 
1 226 HIS n 
1 227 HIS n 
# 
_entity_src_gen.entity_id                          1 
_entity_src_gen.pdbx_src_id                        1 
_entity_src_gen.pdbx_alt_source_flag               sample 
_entity_src_gen.pdbx_seq_type                      ? 
_entity_src_gen.pdbx_beg_seq_num                   ? 
_entity_src_gen.pdbx_end_seq_num                   ? 
_entity_src_gen.gene_src_common_name               human 
_entity_src_gen.gene_src_genus                     ? 
_entity_src_gen.pdbx_gene_src_gene                 'ZMYND11, BS69' 
_entity_src_gen.gene_src_species                   ? 
_entity_src_gen.gene_src_strain                    ? 
_entity_src_gen.gene_src_tissue                    ? 
_entity_src_gen.gene_src_tissue_fraction           ? 
_entity_src_gen.gene_src_details                   ? 
_entity_src_gen.pdbx_gene_src_fragment             ? 
_entity_src_gen.pdbx_gene_src_scientific_name      'Homo sapiens' 
_entity_src_gen.pdbx_gene_src_ncbi_taxonomy_id     9606 
_entity_src_gen.pdbx_gene_src_variant              ? 
_entity_src_gen.pdbx_gene_src_cell_line            ? 
_entity_src_gen.pdbx_gene_src_atcc                 ? 
_entity_src_gen.pdbx_gene_src_organ                ? 
_entity_src_gen.pdbx_gene_src_organelle            ? 
_entity_src_gen.pdbx_gene_src_cell                 ? 
_entity_src_gen.pdbx_gene_src_cellular_location    ? 
_entity_src_gen.host_org_common_name               ? 
_entity_src_gen.pdbx_host_org_scientific_name      'Escherichia coli' 
_entity_src_gen.pdbx_host_org_ncbi_taxonomy_id     562 
_entity_src_gen.host_org_genus                     ? 
_entity_src_gen.pdbx_host_org_gene                 ? 
_entity_src_gen.pdbx_host_org_organ                ? 
_entity_src_gen.host_org_species                   ? 
_entity_src_gen.pdbx_host_org_tissue               ? 
_entity_src_gen.pdbx_host_org_tissue_fraction      ? 
_entity_src_gen.pdbx_host_org_strain               ? 
_entity_src_gen.pdbx_host_org_variant              ? 
_entity_src_gen.pdbx_host_org_cell_line            ? 
_entity_src_gen.pdbx_host_org_atcc                 ? 
_entity_src_gen.pdbx_host_org_culture_collection   ? 
_entity_src_gen.pdbx_host_org_cell                 ? 
_entity_src_gen.pdbx_host_org_organelle            ? 
_entity_src_gen.pdbx_host_org_cellular_location    ? 
_entity_src_gen.pdbx_host_org_vector_type          ? 
_entity_src_gen.pdbx_host_org_vector               ? 
_entity_src_gen.host_org_details                   ? 
_entity_src_gen.expression_system_id               ? 
_entity_src_gen.plasmid_name                       ? 
_entity_src_gen.plasmid_details                    ? 
_entity_src_gen.pdbx_description                   ? 
# 
loop_
_chem_comp.id 
_chem_comp.type 
_chem_comp.mon_nstd_flag 
_chem_comp.name 
_chem_comp.pdbx_synonyms 
_chem_comp.formula 
_chem_comp.formula_weight 
ALA 'L-peptide linking' y ALANINE         ? 'C3 H7 N O2'     89.093  
ARG 'L-peptide linking' y ARGININE        ? 'C6 H15 N4 O2 1' 175.209 
ASN 'L-peptide linking' y ASPARAGINE      ? 'C4 H8 N2 O3'    132.118 
ASP 'L-peptide linking' y 'ASPARTIC ACID' ? 'C4 H7 N O4'     133.103 
CYS 'L-peptide linking' y CYSTEINE        ? 'C3 H7 N O2 S'   121.158 
GLN 'L-peptide linking' y GLUTAMINE       ? 'C5 H10 N2 O3'   146.144 
GLU 'L-peptide linking' y 'GLUTAMIC ACID' ? 'C5 H9 N O4'     147.129 
GLY 'peptide linking'   y GLYCINE         ? 'C2 H5 N O2'     75.067  
HIS 'L-peptide linking' y HISTIDINE       ? 'C6 H10 N3 O2 1' 156.162 
HOH non-polymer         . WATER           ? 'H2 O'           18.015  
ILE 'L-peptide linking' y ISOLEUCINE      ? 'C6 H13 N O2'    131.173 
LEU 'L-peptide linking' y LEUCINE         ? 'C6 H13 N O2'    131.173 
LYS 'L-peptide linking' y LYSINE          ? 'C6 H15 N2 O2 1' 147.195 
MET 'L-peptide linking' y METHIONINE      ? 'C5 H11 N O2 S'  149.211 
PHE 'L-peptide linking' y PHENYLALANINE   ? 'C9 H11 N O2'    165.189 
PRO 'L-peptide linking' y PROLINE         ? 'C5 H9 N O2'     115.130 
SER 'L-peptide linking' y SERINE          ? 'C3 H7 N O3'     105.093 
THR 'L-peptide linking' y THREONINE       ? 'C4 H9 N O3'     119.119 
TRP 'L-peptide linking' y TRYPTOPHAN      ? 'C11 H12 N2 O2'  204.225 
TYR 'L-peptide linking' y TYROSINE        ? 'C9 H11 N O3'    181.189 
VAL 'L-peptide linking' y VALINE          ? 'C5 H11 N O2'    117.146 
ZN  non-polymer         . 'ZINC ION'      ? 'Zn 2'           65.409  
# 
loop_
_pdbx_poly_seq_scheme.asym_id 
_pdbx_poly_seq_scheme.entity_id 
_pdbx_poly_seq_scheme.seq_id 
_pdbx_poly_seq_scheme.mon_id 
_pdbx_poly_seq_scheme.ndb_seq_num 
_pdbx_poly_seq_scheme.pdb_seq_num 
_pdbx_poly_seq_scheme.auth_seq_num 
_pdbx_poly_seq_scheme.pdb_mon_id 
_pdbx_poly_seq_scheme.auth_mon_id 
_pdbx_poly_seq_scheme.pdb_strand_id 
_pdbx_poly_seq_scheme.pdb_ins_code 
_pdbx_poly_seq_scheme.hetero 
A 1 1   MET 1   153 ?   ?   ?   A . n 
A 1 2   ASN 2   154 ?   ?   ?   A . n 
A 1 3   LYS 3   155 ?   ?   ?   A . n 
A 1 4   GLN 4   156 156 GLN GLN A . n 
A 1 5   GLU 5   157 157 GLU GLU A . n 
A 1 6   MET 6   158 158 MET MET A . n 
A 1 7   GLY 7   159 159 GLY GLY A . n 
A 1 8   THR 8   160 160 THR THR A . n 
A 1 9   TYR 9   161 161 TYR TYR A . n 
A 1 10  LEU 10  162 162 LEU LEU A . n 
A 1 11  ARG 11  163 163 ARG ARG A . n 
A 1 12  PHE 12  164 164 PHE PHE A . n 
A 1 13  ILE 13  165 165 ILE ILE A . n 
A 1 14  VAL 14  166 166 VAL VAL A . n 
A 1 15  SER 15  167 167 SER SER A . n 
A 1 16  ARG 16  168 168 ARG ARG A . n 
A 1 17  MET 17  169 169 MET MET A . n 
A 1 18  LYS 18  170 170 LYS LYS A . n 
A 1 19  GLU 19  171 171 GLU GLU A . n 
A 1 20  ARG 20  172 ?   ?   ?   A . n 
A 1 21  ALA 21  173 ?   ?   ?   A . n 
A 1 22  ILE 22  174 ?   ?   ?   A . n 
A 1 23  ASP 23  175 ?   ?   ?   A . n 
A 1 24  LEU 24  176 ?   ?   ?   A . n 
A 1 25  ASN 25  177 ?   ?   ?   A . n 
A 1 26  LYS 26  178 ?   ?   ?   A . n 
A 1 27  LYS 27  179 ?   ?   ?   A . n 
A 1 28  GLY 28  180 ?   ?   ?   A . n 
A 1 29  LYS 29  181 ?   ?   ?   A . n 
A 1 30  ASP 30  182 ?   ?   ?   A . n 
A 1 31  ASN 31  183 ?   ?   ?   A . n 
A 1 32  LYS 32  184 ?   ?   ?   A . n 
A 1 33  HIS 33  185 ?   ?   ?   A . n 
A 1 34  PRO 34  186 ?   ?   ?   A . n 
A 1 35  MET 35  187 ?   ?   ?   A . n 
A 1 36  TYR 36  188 ?   ?   ?   A . n 
A 1 37  ARG 37  189 ?   ?   ?   A . n 
A 1 38  ARG 38  190 ?   ?   ?   A . n 
A 1 39  LEU 39  191 ?   ?   ?   A . n 
A 1 40  VAL 40  192 ?   ?   ?   A . n 
A 1 41  HIS 41  193 ?   ?   ?   A . n 
A 1 42  SER 42  194 ?   ?   ?   A . n 
A 1 43  ALA 43  195 ?   ?   ?   A . n 
A 1 44  VAL 44  196 196 VAL VAL A . n 
A 1 45  ASP 45  197 197 ASP ASP A . n 
A 1 46  VAL 46  198 198 VAL VAL A . n 
A 1 47  PRO 47  199 199 PRO PRO A . n 
A 1 48  THR 48  200 200 THR THR A . n 
A 1 49  ILE 49  201 201 ILE ILE A . n 
A 1 50  GLN 50  202 202 GLN GLN A . n 
A 1 51  GLU 51  203 203 GLU GLU A . n 
A 1 52  LYS 52  204 204 LYS LYS A . n 
A 1 53  VAL 53  205 205 VAL VAL A . n 
A 1 54  ASN 54  206 206 ASN ASN A . n 
A 1 55  GLU 55  207 207 GLU GLU A . n 
A 1 56  GLY 56  208 208 GLY GLY A . n 
A 1 57  LYS 57  209 209 LYS LYS A . n 
A 1 58  TYR 58  210 210 TYR TYR A . n 
A 1 59  ARG 59  211 211 ARG ARG A . n 
A 1 60  SER 60  212 212 SER SER A . n 
A 1 61  TYR 61  213 213 TYR TYR A . n 
A 1 62  GLU 62  214 214 GLU GLU A . n 
A 1 63  GLU 63  215 215 GLU GLU A . n 
A 1 64  PHE 64  216 216 PHE PHE A . n 
A 1 65  LYS 65  217 217 LYS LYS A . n 
A 1 66  ALA 66  218 218 ALA ALA A . n 
A 1 67  ASP 67  219 219 ASP ASP A . n 
A 1 68  ALA 68  220 220 ALA ALA A . n 
A 1 69  GLN 69  221 221 GLN GLN A . n 
A 1 70  LEU 70  222 222 LEU LEU A . n 
A 1 71  LEU 71  223 223 LEU LEU A . n 
A 1 72  LEU 72  224 224 LEU LEU A . n 
A 1 73  HIS 73  225 225 HIS HIS A . n 
A 1 74  ASN 74  226 226 ASN ASN A . n 
A 1 75  THR 75  227 227 THR THR A . n 
A 1 76  VAL 76  228 228 VAL VAL A . n 
A 1 77  ILE 77  229 229 ILE ILE A . n 
A 1 78  PHE 78  230 230 PHE PHE A . n 
A 1 79  TYR 79  231 231 TYR TYR A . n 
A 1 80  GLY 80  232 232 GLY GLY A . n 
A 1 81  ALA 81  233 233 ALA ALA A . n 
A 1 82  ASP 82  234 234 ASP ASP A . n 
A 1 83  SER 83  235 235 SER SER A . n 
A 1 84  GLU 84  236 236 GLU GLU A . n 
A 1 85  GLN 85  237 237 GLN GLN A . n 
A 1 86  ALA 86  238 238 ALA ALA A . n 
A 1 87  ASP 87  239 239 ASP ASP A . n 
A 1 88  ILE 88  240 240 ILE ILE A . n 
A 1 89  ALA 89  241 241 ALA ALA A . n 
A 1 90  ARG 90  242 242 ARG ARG A . n 
A 1 91  MET 91  243 243 MET MET A . n 
A 1 92  LEU 92  244 244 LEU LEU A . n 
A 1 93  TYR 93  245 245 TYR TYR A . n 
A 1 94  LYS 94  246 246 LYS LYS A . n 
A 1 95  ASP 95  247 247 ASP ASP A . n 
A 1 96  THR 96  248 248 THR THR A . n 
A 1 97  CYS 97  249 249 CYS CYS A . n 
A 1 98  HIS 98  250 250 HIS HIS A . n 
A 1 99  GLU 99  251 251 GLU GLU A . n 
A 1 100 LEU 100 252 252 LEU LEU A . n 
A 1 101 ASP 101 253 253 ASP ASP A . n 
A 1 102 GLU 102 254 254 GLU GLU A . n 
A 1 103 LEU 103 255 255 LEU LEU A . n 
A 1 104 GLN 104 256 256 GLN GLN A . n 
A 1 105 LEU 105 257 257 LEU LEU A . n 
A 1 106 CYS 106 258 258 CYS CYS A . n 
A 1 107 LYS 107 259 259 LYS LYS A . n 
A 1 108 ASN 108 260 260 ASN ASN A . n 
A 1 109 CYS 109 261 261 CYS CYS A . n 
A 1 110 PHE 110 262 262 PHE PHE A . n 
A 1 111 TYR 111 263 263 TYR TYR A . n 
A 1 112 LEU 112 264 264 LEU LEU A . n 
A 1 113 SER 113 265 265 SER SER A . n 
A 1 114 ASN 114 266 266 ASN ASN A . n 
A 1 115 ALA 115 267 267 ALA ALA A . n 
A 1 116 ARG 116 268 268 ARG ARG A . n 
A 1 117 PRO 117 269 269 PRO PRO A . n 
A 1 118 ASP 118 270 270 ASP ASP A . n 
A 1 119 ASN 119 271 271 ASN ASN A . n 
A 1 120 TRP 120 272 272 TRP TRP A . n 
A 1 121 PHE 121 273 273 PHE PHE A . n 
A 1 122 CYS 122 274 274 CYS CYS A . n 
A 1 123 TYR 123 275 275 TYR TYR A . n 
A 1 124 PRO 124 276 276 PRO PRO A . n 
A 1 125 CYS 125 277 277 CYS CYS A . n 
A 1 126 ILE 126 278 278 ILE ILE A . n 
A 1 127 PRO 127 279 279 PRO PRO A . n 
A 1 128 ASN 128 280 280 ASN ASN A . n 
A 1 129 HIS 129 281 281 HIS HIS A . n 
A 1 130 GLU 130 282 282 GLU GLU A . n 
A 1 131 LEU 131 283 283 LEU LEU A . n 
A 1 132 VAL 132 284 284 VAL VAL A . n 
A 1 133 TRP 133 285 285 TRP TRP A . n 
A 1 134 ALA 134 286 286 ALA ALA A . n 
A 1 135 LYS 135 287 287 LYS LYS A . n 
A 1 136 MET 136 288 288 MET MET A . n 
A 1 137 LYS 137 289 289 LYS LYS A . n 
A 1 138 GLY 138 290 290 GLY GLY A . n 
A 1 139 PHE 139 291 291 PHE PHE A . n 
A 1 140 GLY 140 292 292 GLY GLY A . n 
A 1 141 PHE 141 293 293 PHE PHE A . n 
A 1 142 TRP 142 294 294 TRP TRP A . n 
A 1 143 PRO 143 295 295 PRO PRO A . n 
A 1 144 ALA 144 296 296 ALA ALA A . n 
A 1 145 LYS 145 297 297 LYS LYS A . n 
A 1 146 VAL 146 298 298 VAL VAL A . n 
A 1 147 MET 147 299 299 MET MET A . n 
A 1 148 GLN 148 300 300 GLN GLN A . n 
A 1 149 LYS 149 301 301 LYS LYS A . n 
A 1 150 GLU 150 302 302 GLU GLU A . n 
A 1 151 ASP 151 303 303 ASP ASP A . n 
A 1 152 ASN 152 304 304 ASN ASN A . n 
A 1 153 GLN 153 305 305 GLN GLN A . n 
A 1 154 VAL 154 306 306 VAL VAL A . n 
A 1 155 ASP 155 307 307 ASP ASP A . n 
A 1 156 VAL 156 308 308 VAL VAL A . n 
A 1 157 ARG 157 309 309 ARG ARG A . n 
A 1 158 PHE 158 310 310 PHE PHE A . n 
A 1 159 PHE 159 311 311 PHE PHE A . n 
A 1 160 GLY 160 312 312 GLY GLY A . n 
A 1 161 HIS 161 313 313 HIS HIS A . n 
A 1 162 HIS 162 314 314 HIS HIS A . n 
A 1 163 HIS 163 315 315 HIS HIS A . n 
A 1 164 GLN 164 316 316 GLN GLN A . n 
A 1 165 ARG 165 317 317 ARG ARG A . n 
A 1 166 ALA 166 318 318 ALA ALA A . n 
A 1 167 TRP 167 319 319 TRP TRP A . n 
A 1 168 ILE 168 320 320 ILE ILE A . n 
A 1 169 PRO 169 321 321 PRO PRO A . n 
A 1 170 SER 170 322 322 SER SER A . n 
A 1 171 GLU 171 323 323 GLU GLU A . n 
A 1 172 ASN 172 324 324 ASN ASN A . n 
A 1 173 ILE 173 325 325 ILE ILE A . n 
A 1 174 GLN 174 326 326 GLN GLN A . n 
A 1 175 ASP 175 327 327 ASP ASP A . n 
A 1 176 ILE 176 328 328 ILE ILE A . n 
A 1 177 THR 177 329 329 THR THR A . n 
A 1 178 VAL 178 330 330 VAL VAL A . n 
A 1 179 ASN 179 331 331 ASN ASN A . n 
A 1 180 ILE 180 332 332 ILE ILE A . n 
A 1 181 HIS 181 333 333 HIS HIS A . n 
A 1 182 ARG 182 334 334 ARG ARG A . n 
A 1 183 LEU 183 335 335 LEU LEU A . n 
A 1 184 HIS 184 336 336 HIS HIS A . n 
A 1 185 VAL 185 337 337 VAL VAL A . n 
A 1 186 LYS 186 338 338 LYS LYS A . n 
A 1 187 ARG 187 339 339 ARG ARG A . n 
A 1 188 SER 188 340 340 SER SER A . n 
A 1 189 MET 189 341 341 MET MET A . n 
A 1 190 GLY 190 342 342 GLY GLY A . n 
A 1 191 TRP 191 343 343 TRP TRP A . n 
A 1 192 LYS 192 344 344 LYS LYS A . n 
A 1 193 LYS 193 345 345 LYS LYS A . n 
A 1 194 ALA 194 346 346 ALA ALA A . n 
A 1 195 CYS 195 347 347 CYS CYS A . n 
A 1 196 ASP 196 348 348 ASP ASP A . n 
A 1 197 GLU 197 349 349 GLU GLU A . n 
A 1 198 LEU 198 350 350 LEU LEU A . n 
A 1 199 GLU 199 351 351 GLU GLU A . n 
A 1 200 LEU 200 352 352 LEU LEU A . n 
A 1 201 HIS 201 353 353 HIS HIS A . n 
A 1 202 GLN 202 354 354 GLN GLN A . n 
A 1 203 ARG 203 355 355 ARG ARG A . n 
A 1 204 PHE 204 356 356 PHE PHE A . n 
A 1 205 LEU 205 357 357 LEU LEU A . n 
A 1 206 ARG 206 358 358 ARG ARG A . n 
A 1 207 GLU 207 359 359 GLU GLU A . n 
A 1 208 GLY 208 360 360 GLY GLY A . n 
A 1 209 ARG 209 361 361 ARG ARG A . n 
A 1 210 PHE 210 362 362 PHE PHE A . n 
A 1 211 TRP 211 363 363 TRP TRP A . n 
A 1 212 LYS 212 364 364 LYS LYS A . n 
A 1 213 SER 213 365 ?   ?   ?   A . n 
A 1 214 LYS 214 366 ?   ?   ?   A . n 
A 1 215 ASN 215 367 ?   ?   ?   A . n 
A 1 216 GLU 216 368 ?   ?   ?   A . n 
A 1 217 ASP 217 369 ?   ?   ?   A . n 
A 1 218 ARG 218 370 ?   ?   ?   A . n 
A 1 219 GLY 219 371 ?   ?   ?   A . n 
A 1 220 LEU 220 372 ?   ?   ?   A . n 
A 1 221 GLU 221 373 ?   ?   ?   A . n 
A 1 222 HIS 222 374 ?   ?   ?   A . n 
A 1 223 HIS 223 375 ?   ?   ?   A . n 
A 1 224 HIS 224 376 ?   ?   ?   A . n 
A 1 225 HIS 225 377 ?   ?   ?   A . n 
A 1 226 HIS 226 378 ?   ?   ?   A . n 
A 1 227 HIS 227 379 ?   ?   ?   A . n 
# 
loop_
_pdbx_nonpoly_scheme.asym_id 
_pdbx_nonpoly_scheme.entity_id 
_pdbx_nonpoly_scheme.mon_id 
_pdbx_nonpoly_scheme.ndb_seq_num 
_pdbx_nonpoly_scheme.pdb_seq_num 
_pdbx_nonpoly_scheme.auth_seq_num 
_pdbx_nonpoly_scheme.pdb_mon_id 
_pdbx_nonpoly_scheme.auth_mon_id 
_pdbx_nonpoly_scheme.pdb_strand_id 
_pdbx_nonpoly_scheme.pdb_ins_code 
B 2 ZN  1  401 1  ZN  ZN  A . 
C 3 HOH 1  501 2  HOH HOH A . 
C 3 HOH 2  502 3  HOH HOH A . 
C 3 HOH 3  503 4  HOH HOH A . 
C 3 HOH 4  504 5  HOH HOH A . 
C 3 HOH 5  505 6  HOH HOH A . 
C 3 HOH 6  506 7  HOH HOH A . 
C 3 HOH 7  507 8  HOH HOH A . 
C 3 HOH 8  508 9  HOH HOH A . 
C 3 HOH 9  509 10 HOH HOH A . 
C 3 HOH 10 510 11 HOH HOH A . 
C 3 HOH 11 511 12 HOH HOH A . 
C 3 HOH 12 512 13 HOH HOH A . 
C 3 HOH 13 513 14 HOH HOH A . 
C 3 HOH 14 514 15 HOH HOH A . 
C 3 HOH 15 515 16 HOH HOH A . 
C 3 HOH 16 516 17 HOH HOH A . 
C 3 HOH 17 517 18 HOH HOH A . 
C 3 HOH 18 518 19 HOH HOH A . 
C 3 HOH 19 519 20 HOH HOH A . 
C 3 HOH 20 520 21 HOH HOH A . 
C 3 HOH 21 521 22 HOH HOH A . 
C 3 HOH 22 522 23 HOH HOH A . 
C 3 HOH 23 523 24 HOH HOH A . 
C 3 HOH 24 524 25 HOH HOH A . 
C 3 HOH 25 525 26 HOH HOH A . 
C 3 HOH 26 526 27 HOH HOH A . 
C 3 HOH 27 527 28 HOH HOH A . 
C 3 HOH 28 528 29 HOH HOH A . 
C 3 HOH 29 529 30 HOH HOH A . 
C 3 HOH 30 530 31 HOH HOH A . 
C 3 HOH 31 531 32 HOH HOH A . 
C 3 HOH 32 532 33 HOH HOH A . 
C 3 HOH 33 533 34 HOH HOH A . 
C 3 HOH 34 534 35 HOH HOH A . 
C 3 HOH 35 535 36 HOH HOH A . 
C 3 HOH 36 536 37 HOH HOH A . 
C 3 HOH 37 537 38 HOH HOH A . 
C 3 HOH 38 538 39 HOH HOH A . 
C 3 HOH 39 539 40 HOH HOH A . 
C 3 HOH 40 540 41 HOH HOH A . 
C 3 HOH 41 541 42 HOH HOH A . 
C 3 HOH 42 542 43 HOH HOH A . 
C 3 HOH 43 543 44 HOH HOH A . 
C 3 HOH 44 544 45 HOH HOH A . 
C 3 HOH 45 545 46 HOH HOH A . 
C 3 HOH 46 546 47 HOH HOH A . 
C 3 HOH 47 547 48 HOH HOH A . 
C 3 HOH 48 548 49 HOH HOH A . 
C 3 HOH 49 549 50 HOH HOH A . 
C 3 HOH 50 550 51 HOH HOH A . 
C 3 HOH 51 551 52 HOH HOH A . 
C 3 HOH 52 552 53 HOH HOH A . 
C 3 HOH 53 553 54 HOH HOH A . 
C 3 HOH 54 554 55 HOH HOH A . 
C 3 HOH 55 555 56 HOH HOH A . 
C 3 HOH 56 556 57 HOH HOH A . 
C 3 HOH 57 557 58 HOH HOH A . 
C 3 HOH 58 558 59 HOH HOH A . 
C 3 HOH 59 559 60 HOH HOH A . 
C 3 HOH 60 560 61 HOH HOH A . 
C 3 HOH 61 561 63 HOH HOH A . 
C 3 HOH 62 562 64 HOH HOH A . 
C 3 HOH 63 563 65 HOH HOH A . 
C 3 HOH 64 564 66 HOH HOH A . 
C 3 HOH 65 565 67 HOH HOH A . 
C 3 HOH 66 566 68 HOH HOH A . 
C 3 HOH 67 567 70 HOH HOH A . 
C 3 HOH 68 568 71 HOH HOH A . 
C 3 HOH 69 569 72 HOH HOH A . 
C 3 HOH 70 570 73 HOH HOH A . 
C 3 HOH 71 571 75 HOH HOH A . 
C 3 HOH 72 572 76 HOH HOH A . 
C 3 HOH 73 573 77 HOH HOH A . 
C 3 HOH 74 574 78 HOH HOH A . 
C 3 HOH 75 575 79 HOH HOH A . 
C 3 HOH 76 576 80 HOH HOH A . 
C 3 HOH 77 577 81 HOH HOH A . 
C 3 HOH 78 578 82 HOH HOH A . 
C 3 HOH 79 579 84 HOH HOH A . 
C 3 HOH 80 580 85 HOH HOH A . 
C 3 HOH 81 581 86 HOH HOH A . 
C 3 HOH 82 582 87 HOH HOH A . 
C 3 HOH 83 583 88 HOH HOH A . 
C 3 HOH 84 584 89 HOH HOH A . 
C 3 HOH 85 585 90 HOH HOH A . 
C 3 HOH 86 586 91 HOH HOH A . 
C 3 HOH 87 587 92 HOH HOH A . 
C 3 HOH 88 588 93 HOH HOH A . 
C 3 HOH 89 589 94 HOH HOH A . 
C 3 HOH 90 590 95 HOH HOH A . 
C 3 HOH 91 591 96 HOH HOH A . 
C 3 HOH 92 592 97 HOH HOH A . 
C 3 HOH 93 593 98 HOH HOH A . 
C 3 HOH 94 594 99 HOH HOH A . 
# 
loop_
_pdbx_unobs_or_zero_occ_atoms.id 
_pdbx_unobs_or_zero_occ_atoms.PDB_model_num 
_pdbx_unobs_or_zero_occ_atoms.polymer_flag 
_pdbx_unobs_or_zero_occ_atoms.occupancy_flag 
_pdbx_unobs_or_zero_occ_atoms.auth_asym_id 
_pdbx_unobs_or_zero_occ_atoms.auth_comp_id 
_pdbx_unobs_or_zero_occ_atoms.auth_seq_id 
_pdbx_unobs_or_zero_occ_atoms.PDB_ins_code 
_pdbx_unobs_or_zero_occ_atoms.auth_atom_id 
_pdbx_unobs_or_zero_occ_atoms.label_alt_id 
_pdbx_unobs_or_zero_occ_atoms.label_asym_id 
_pdbx_unobs_or_zero_occ_atoms.label_comp_id 
_pdbx_unobs_or_zero_occ_atoms.label_seq_id 
_pdbx_unobs_or_zero_occ_atoms.label_atom_id 
1 1 Y 1 A GLU 171 ? CG  ? A GLU 19 CG  
2 1 Y 1 A GLU 171 ? CD  ? A GLU 19 CD  
3 1 Y 1 A GLU 171 ? OE1 ? A GLU 19 OE1 
4 1 Y 1 A GLU 171 ? OE2 ? A GLU 19 OE2 
# 
loop_
_software.pdbx_ordinal 
_software.name 
_software.version 
_software.date 
_software.type 
_software.contact_author 
_software.contact_author_email 
_software.classification 
_software.location 
_software.language 
_software.citation_id 
1 MOSFLM      .        ?                package 'Andrew G.W. Leslie'    andrew@mrc-lmb.cam.ac.uk 'data reduction'  
http://www.mrc-lmb.cam.ac.uk/harry/mosflm/   ?          ? 
2 SCALA       3.3.21   2013/01/04       other   'Phil R. Evans'         pre@mrc-lmb.cam.ac.uk    'data scaling'    
http://www.ccp4.ac.uk/dist/html/scala.html   Fortran_77 ? 
3 SOLVE       2.13     24-Feb-2008      program 'Tom Terwilliger'       terwilliger@LANL.gov     phasing           
http://www.solve.lanl.gov/                   ?          ? 
4 RESOLVE     2.15     20-Mar-2010      program 'Thomas C. Terwilliger' terwilliger@lanl.gov     phasing           
http://www.solve.lanl.gov/                   ?          ? 
5 REFMAC      5.7.0032 ?                program 'Garib N. Murshudov'    garib@ysbl.york.ac.uk    refinement        
http://www.ccp4.ac.uk/dist/html/refmac5.html Fortran_77 ? 
6 PDB_EXTRACT 3.11     'April 22, 2011' package PDB                     deposit@deposit.rcsb.org 'data extraction' 
http://sw-tools.pdb.org/apps/PDB_EXTRACT/    C++        ? 
7 MAR345dtb   .        ?                ?       ?                       ?                        'data collection' ? ?          ? 
# 
_cell.length_a           54.760 
_cell.length_b           64.380 
_cell.length_c           73.400 
_cell.angle_alpha        90.000 
_cell.angle_beta         90.000 
_cell.angle_gamma        90.000 
_cell.entry_id           4NS5 
_cell.pdbx_unique_axis   ? 
_cell.Z_PDB              4 
_cell.length_a_esd       ? 
_cell.length_b_esd       ? 
_cell.length_c_esd       ? 
_cell.angle_alpha_esd    ? 
_cell.angle_beta_esd     ? 
_cell.angle_gamma_esd    ? 
# 
_symmetry.space_group_name_H-M             'P 21 21 21' 
_symmetry.entry_id                         4NS5 
_symmetry.Int_Tables_number                19 
_symmetry.pdbx_full_space_group_name_H-M   ? 
_symmetry.cell_setting                     ? 
_symmetry.space_group_name_Hall            ? 
# 
_exptl.crystals_number   2 
_exptl.entry_id          4NS5 
_exptl.method            'X-RAY DIFFRACTION' 
# 
loop_
_exptl_crystal.id 
_exptl_crystal.density_Matthews 
_exptl_crystal.density_meas 
_exptl_crystal.density_percent_sol 
_exptl_crystal.description 
_exptl_crystal.F_000 
_exptl_crystal.preparation 
1 2.37 ? 48.10 ? ? ? 
2 ?    ? ?     ? ? ? 
# 
loop_
_exptl_crystal_grow.crystal_id 
_exptl_crystal_grow.method 
_exptl_crystal_grow.pH 
_exptl_crystal_grow.temp 
_exptl_crystal_grow.temp_details 
_exptl_crystal_grow.pdbx_details 
_exptl_crystal_grow.pdbx_pH_range 
1 'VAPOR DIFFUSION, SITTING DROP' 9.0 285 ? 
'0.1M Tris-HCl pH 9.0, 4% w/v Polyethylene glycol (PEG) 8000, VAPOR DIFFUSION, SITTING DROP, temperature 285K' ? 
2 'VAPOR DIFFUSION, SITTING DROP' 8.4 285 ? 
'0.1 M Bicine, pH8.4, 2% v/v 1, 4-Dioxane, 2% w/v PEG 20000, VAPOR DIFFUSION, SITTING DROP, temperature 285K'  ? 
# 
loop_
_diffrn.id 
_diffrn.ambient_temp 
_diffrn.ambient_temp_details 
_diffrn.crystal_id 
1 100 ? 1 
2 100 ? 2 
# 
loop_
_diffrn_detector.diffrn_id 
_diffrn_detector.detector 
_diffrn_detector.type 
_diffrn_detector.pdbx_collection_date 
_diffrn_detector.details 
1 CCD 'RAYONIX MX-225' 2010-09-22 ? 
2 CCD 'RAYONIX MX-225' 2010-11-14 ? 
# 
loop_
_diffrn_radiation.diffrn_id 
_diffrn_radiation.wavelength_id 
_diffrn_radiation.pdbx_diffrn_protocol 
_diffrn_radiation.monochromator 
_diffrn_radiation.pdbx_monochromatic_or_laue_m_l 
_diffrn_radiation.pdbx_scattering_type 
1 1 'SINGLE WAVELENGTH' 'Si 111 CHANNEL' M x-ray 
2 1 'SINGLE WAVELENGTH' 'Si 111 CHANNEL' M x-ray 
# 
_diffrn_radiation_wavelength.id           1 
_diffrn_radiation_wavelength.wavelength   0.9793 
_diffrn_radiation_wavelength.wt           1.0 
# 
loop_
_diffrn_source.diffrn_id 
_diffrn_source.source 
_diffrn_source.type 
_diffrn_source.pdbx_wavelength 
_diffrn_source.pdbx_wavelength_list 
_diffrn_source.pdbx_synchrotron_site 
_diffrn_source.pdbx_synchrotron_beamline 
1 SYNCHROTRON 'SSRF BEAMLINE BL17U' ? 0.9793 SSRF BL17U 
2 SYNCHROTRON 'SSRF BEAMLINE BL17U' ? 0.9793 SSRF BL17U 
# 
_reflns.entry_id                     4NS5 
_reflns.d_resolution_high            1.900 
_reflns.d_resolution_low             48.400 
_reflns.number_all                   20832 
_reflns.number_obs                   20832 
_reflns.pdbx_netI_over_sigmaI        12.200 
_reflns.pdbx_Rsym_value              0.102 
_reflns.pdbx_redundancy              7.300 
_reflns.percent_possible_obs         99.100 
_reflns.observed_criterion_sigma_F   1 
_reflns.observed_criterion_sigma_I   1 
_reflns.pdbx_Rmerge_I_obs            ? 
_reflns.B_iso_Wilson_estimate        ? 
_reflns.R_free_details               ? 
_reflns.limit_h_max                  ? 
_reflns.limit_h_min                  ? 
_reflns.limit_k_max                  ? 
_reflns.limit_k_min                  ? 
_reflns.limit_l_max                  ? 
_reflns.limit_l_min                  ? 
_reflns.observed_criterion_F_max     ? 
_reflns.observed_criterion_F_min     ? 
_reflns.pdbx_chi_squared             ? 
_reflns.pdbx_scaling_rejects         ? 
_reflns.pdbx_ordinal                 1 
_reflns.pdbx_diffrn_id               1,2 
# 
loop_
_reflns_shell.d_res_high 
_reflns_shell.d_res_low 
_reflns_shell.number_measured_obs 
_reflns_shell.number_measured_all 
_reflns_shell.number_unique_obs 
_reflns_shell.Rmerge_I_obs 
_reflns_shell.meanI_over_sigI_obs 
_reflns_shell.pdbx_Rsym_value 
_reflns_shell.pdbx_chi_squared 
_reflns_shell.pdbx_redundancy 
_reflns_shell.percent_possible_obs 
_reflns_shell.number_unique_all 
_reflns_shell.percent_possible_all 
_reflns_shell.pdbx_ordinal 
_reflns_shell.pdbx_diffrn_id 
1.900 2.000  ? 21967 ? 0.548 1.300 0.548 ? 7.400 ? 2952 98.400 1  1,2 
2.000 2.120  ? 20956 ? 0.330 2.200 0.330 ? 7.400 ? 2824 98.700 2  1,2 
2.120 2.270  ? 19733 ? 0.216 3.300 0.216 ? 7.400 ? 2659 98.800 3  1,2 
2.270 2.450  ? 18400 ? 0.166 4.100 0.166 ? 7.400 ? 2488 99.000 4  1,2 
2.450 2.690  ? 17008 ? 0.128 4.900 0.128 ? 7.400 ? 2302 99.000 5  1,2 
2.690 3.000  ? 15443 ? 0.101 5.900 0.101 ? 7.400 ? 2100 99.500 6  1,2 
3.000 3.470  ? 13695 ? 0.091 5.800 0.091 ? 7.300 ? 1879 99.600 7  1,2 
3.470 4.250  ? 11610 ? 0.085 6.300 0.085 ? 7.200 ? 1617 99.800 8  1,2 
4.250 6.010  ? 8921  ? 0.074 6.900 0.074 ? 7.100 ? 1263 99.800 9  1,2 
6.010 31.883 ? 4834  ? 0.069 7.100 0.069 ? 6.500 ? 748  98.900 10 1,2 
# 
_refine.entry_id                                 4NS5 
_refine.ls_d_res_high                            1.9000 
_refine.ls_d_res_low                             31.8800 
_refine.pdbx_ls_sigma_F                          0.000 
_refine.pdbx_data_cutoff_high_absF               ? 
_refine.pdbx_data_cutoff_low_absF                ? 
_refine.ls_percent_reflns_obs                    98.1700 
_refine.ls_number_reflns_obs                     20667 
_refine.ls_number_reflns_all                     20832 
_refine.pdbx_ls_cross_valid_method               THROUGHOUT 
_refine.pdbx_R_Free_selection_details            RANDOM 
_refine.details                                  
'HYDROGENS HAVE BEEN ADDED IN THE RIDING POSITIONS U VALUES      : REFINED INDIVIDUALLY' 
_refine.ls_R_factor_all                          ? 
_refine.ls_R_factor_obs                          0.2087 
_refine.ls_R_factor_R_work                       0.2065 
_refine.ls_wR_factor_R_work                      ? 
_refine.ls_R_factor_R_free                       0.2506 
_refine.ls_wR_factor_R_free                      ? 
_refine.ls_percent_reflns_R_free                 5.2000 
_refine.ls_number_reflns_R_free                  1067 
_refine.ls_R_factor_R_free_error                 ? 
_refine.B_iso_mean                               37.0629 
_refine.solvent_model_param_bsol                 ? 
_refine.solvent_model_param_ksol                 ? 
_refine.pdbx_isotropic_thermal_model             ? 
_refine.aniso_B[1][1]                            0.0200 
_refine.aniso_B[2][2]                            -0.0100 
_refine.aniso_B[3][3]                            -0.0100 
_refine.aniso_B[1][2]                            -0.0000 
_refine.aniso_B[1][3]                            -0.0000 
_refine.aniso_B[2][3]                            0.0000 
_refine.correlation_coeff_Fo_to_Fc               0.9530 
_refine.correlation_coeff_Fo_to_Fc_free          0.9260 
_refine.overall_SU_R_Cruickshank_DPI             ? 
_refine.overall_SU_R_free                        ? 
_refine.pdbx_overall_ESU_R                       0.1430 
_refine.pdbx_overall_ESU_R_Free                  0.1420 
_refine.overall_SU_ML                            0.0950 
_refine.overall_SU_B                             3.2200 
_refine.solvent_model_details                    MASK 
_refine.pdbx_solvent_vdw_probe_radii             1.2000 
_refine.pdbx_solvent_ion_probe_radii             0.8000 
_refine.pdbx_solvent_shrinkage_radii             0.8000 
_refine.ls_number_parameters                     ? 
_refine.ls_number_restraints                     ? 
_refine.pdbx_starting_model                      ? 
_refine.pdbx_method_to_determine_struct          SAD 
_refine.pdbx_stereochemistry_target_values       'MAXIMUM LIKELIHOOD' 
_refine.pdbx_stereochem_target_val_spec_case     ? 
_refine.overall_FOM_work_R_set                   ? 
_refine.B_iso_max                                94.580 
_refine.B_iso_min                                19.960 
_refine.pdbx_overall_phase_error                 ? 
_refine.occupancy_max                            1.000 
_refine.occupancy_min                            0.200 
_refine.pdbx_ls_sigma_I                          ? 
_refine.ls_redundancy_reflns_obs                 ? 
_refine.ls_R_factor_R_free_error_details         ? 
_refine.pdbx_data_cutoff_high_rms_absF           ? 
_refine.overall_FOM_free_R_set                   ? 
_refine.pdbx_diffrn_id                           1,2 
_refine.pdbx_refine_id                           'X-RAY DIFFRACTION' 
_refine.pdbx_TLS_residual_ADP_flag               ? 
_refine.pdbx_overall_SU_R_free_Cruickshank_DPI   ? 
_refine.pdbx_overall_SU_R_Blow_DPI               ? 
_refine.pdbx_overall_SU_R_free_Blow_DPI          ? 
# 
_refine_hist.pdbx_refine_id                   'X-RAY DIFFRACTION' 
_refine_hist.cycle_id                         LAST 
_refine_hist.pdbx_number_atoms_protein        1558 
_refine_hist.pdbx_number_atoms_nucleic_acid   0 
_refine_hist.pdbx_number_atoms_ligand         1 
_refine_hist.number_atoms_solvent             94 
_refine_hist.number_atoms_total               1653 
_refine_hist.d_res_high                       1.9000 
_refine_hist.d_res_low                        31.8800 
# 
loop_
_refine_ls_restr.type 
_refine_ls_restr.number 
_refine_ls_restr.dev_ideal 
_refine_ls_restr.dev_ideal_target 
_refine_ls_restr.weight 
_refine_ls_restr.pdbx_restraint_function 
_refine_ls_restr.pdbx_refine_id 
r_bond_refined_d       1601 0.008  0.019  ? ? 'X-RAY DIFFRACTION' 
r_bond_other_d         1492 0.001  0.020  ? ? 'X-RAY DIFFRACTION' 
r_angle_refined_deg    2157 1.128  1.917  ? ? 'X-RAY DIFFRACTION' 
r_angle_other_deg      3421 0.707  3.000  ? ? 'X-RAY DIFFRACTION' 
r_dihedral_angle_1_deg 183  5.536  5.000  ? ? 'X-RAY DIFFRACTION' 
r_dihedral_angle_2_deg 89   31.338 23.596 ? ? 'X-RAY DIFFRACTION' 
r_dihedral_angle_3_deg 285  17.183 15.000 ? ? 'X-RAY DIFFRACTION' 
r_dihedral_angle_4_deg 12   27.935 15.000 ? ? 'X-RAY DIFFRACTION' 
r_chiral_restr         216  0.069  0.200  ? ? 'X-RAY DIFFRACTION' 
r_gen_planes_refined   1808 0.005  0.020  ? ? 'X-RAY DIFFRACTION' 
r_gen_planes_other     418  0.001  0.020  ? ? 'X-RAY DIFFRACTION' 
r_mcbond_it            738  1.953  3.475  ? ? 'X-RAY DIFFRACTION' 
r_mcbond_other         737  1.954  3.473  ? ? 'X-RAY DIFFRACTION' 
r_mcangle_it           919  3.104  5.191  ? ? 'X-RAY DIFFRACTION' 
# 
_refine_ls_shell.d_res_high                       1.9000 
_refine_ls_shell.d_res_low                        1.9490 
_refine_ls_shell.pdbx_total_number_of_bins_used   20 
_refine_ls_shell.percent_reflns_obs               92.6500 
_refine_ls_shell.number_reflns_R_work             1346 
_refine_ls_shell.R_factor_all                     ? 
_refine_ls_shell.R_factor_R_work                  0.2770 
_refine_ls_shell.R_factor_R_free                  0.2840 
_refine_ls_shell.percent_reflns_R_free            ? 
_refine_ls_shell.number_reflns_R_free             65 
_refine_ls_shell.R_factor_R_free_error            ? 
_refine_ls_shell.number_reflns_all                1411 
_refine_ls_shell.number_reflns_obs                ? 
_refine_ls_shell.redundancy_reflns_obs            ? 
_refine_ls_shell.pdbx_refine_id                   'X-RAY DIFFRACTION' 
# 
_struct.entry_id                  4NS5 
_struct.title                     'Crystal structure of human BS69 Bromo-Zinc finger-PWWP' 
_struct.pdbx_model_details        ? 
_struct.pdbx_CASP_flag            ? 
_struct.pdbx_model_type_details   ? 
# 
_struct_keywords.entry_id        4NS5 
_struct_keywords.pdbx_keywords   'TRANSCRIPTION REGULATOR' 
_struct_keywords.text            'Zinc Finger, chromatin binding, histone, nucleus, TRANSCRIPTION REGULATOR' 
# 
loop_
_struct_asym.id 
_struct_asym.pdbx_blank_PDB_chainid_flag 
_struct_asym.pdbx_modified 
_struct_asym.entity_id 
_struct_asym.details 
A N N 1 ? 
B N N 2 ? 
C N N 3 ? 
# 
_struct_ref.id                         1 
_struct_ref.db_name                    UNP 
_struct_ref.db_code                    ZMY11_HUMAN 
_struct_ref.pdbx_db_accession          Q15326 
_struct_ref.entity_id                  1 
_struct_ref.pdbx_seq_one_letter_code   
;NKQEMGTYLRFIVSRMKERAIDLNKKGKDNKHPMYRRLVHSAVDVPTIQEKVNEGKYRSYEEFKADAQLLLHNTVIFYGA
DSEQADIARMLYKDTCHELDELQLCKNCFYLSNARPDNWFCYPCIPNHELVWAKMKGFGFWPAKVMQKEDNQVDVRFFGH
HHQRAWIPSENIQDITVNIHRLHVKRSMGWKKACDELELHQRFLREGRFWKSKNEDRG
;
_struct_ref.pdbx_align_begin           154 
_struct_ref.pdbx_db_isoform            ? 
# 
_struct_ref_seq.align_id                      1 
_struct_ref_seq.ref_id                        1 
_struct_ref_seq.pdbx_PDB_id_code              4NS5 
_struct_ref_seq.pdbx_strand_id                A 
_struct_ref_seq.seq_align_beg                 2 
_struct_ref_seq.pdbx_seq_align_beg_ins_code   ? 
_struct_ref_seq.seq_align_end                 219 
_struct_ref_seq.pdbx_seq_align_end_ins_code   ? 
_struct_ref_seq.pdbx_db_accession             Q15326 
_struct_ref_seq.db_align_beg                  154 
_struct_ref_seq.pdbx_db_align_beg_ins_code    ? 
_struct_ref_seq.db_align_end                  371 
_struct_ref_seq.pdbx_db_align_end_ins_code    ? 
_struct_ref_seq.pdbx_auth_seq_align_beg       154 
_struct_ref_seq.pdbx_auth_seq_align_end       371 
# 
loop_
_struct_ref_seq_dif.align_id 
_struct_ref_seq_dif.pdbx_pdb_id_code 
_struct_ref_seq_dif.mon_id 
_struct_ref_seq_dif.pdbx_pdb_strand_id 
_struct_ref_seq_dif.seq_num 
_struct_ref_seq_dif.pdbx_pdb_ins_code 
_struct_ref_seq_dif.pdbx_seq_db_name 
_struct_ref_seq_dif.pdbx_seq_db_accession_code 
_struct_ref_seq_dif.db_mon_id 
_struct_ref_seq_dif.pdbx_seq_db_seq_num 
_struct_ref_seq_dif.details 
_struct_ref_seq_dif.pdbx_auth_seq_num 
_struct_ref_seq_dif.pdbx_ordinal 
1 4NS5 MET A 1   ? UNP Q15326 ? ? 'initiating methionine' 153 1 
1 4NS5 LEU A 220 ? UNP Q15326 ? ? 'expression tag'        372 2 
1 4NS5 GLU A 221 ? UNP Q15326 ? ? 'expression tag'        373 3 
1 4NS5 HIS A 222 ? UNP Q15326 ? ? 'expression tag'        374 4 
1 4NS5 HIS A 223 ? UNP Q15326 ? ? 'expression tag'        375 5 
1 4NS5 HIS A 224 ? UNP Q15326 ? ? 'expression tag'        376 6 
1 4NS5 HIS A 225 ? UNP Q15326 ? ? 'expression tag'        377 7 
1 4NS5 HIS A 226 ? UNP Q15326 ? ? 'expression tag'        378 8 
1 4NS5 HIS A 227 ? UNP Q15326 ? ? 'expression tag'        379 9 
# 
_pdbx_struct_assembly.id                   1 
_pdbx_struct_assembly.details              author_and_software_defined_assembly 
_pdbx_struct_assembly.method_details       PISA 
_pdbx_struct_assembly.oligomeric_details   monomeric 
_pdbx_struct_assembly.oligomeric_count     1 
# 
_pdbx_struct_assembly_gen.assembly_id       1 
_pdbx_struct_assembly_gen.oper_expression   1 
_pdbx_struct_assembly_gen.asym_id_list      A,B,C 
# 
_pdbx_struct_oper_list.id                   1 
_pdbx_struct_oper_list.type                 'identity operation' 
_pdbx_struct_oper_list.name                 1_555 
_pdbx_struct_oper_list.symmetry_operation   x,y,z 
_pdbx_struct_oper_list.matrix[1][1]         1.0000000000 
_pdbx_struct_oper_list.matrix[1][2]         0.0000000000 
_pdbx_struct_oper_list.matrix[1][3]         0.0000000000 
_pdbx_struct_oper_list.vector[1]            0.0000000000 
_pdbx_struct_oper_list.matrix[2][1]         0.0000000000 
_pdbx_struct_oper_list.matrix[2][2]         1.0000000000 
_pdbx_struct_oper_list.matrix[2][3]         0.0000000000 
_pdbx_struct_oper_list.vector[2]            0.0000000000 
_pdbx_struct_oper_list.matrix[3][1]         0.0000000000 
_pdbx_struct_oper_list.matrix[3][2]         0.0000000000 
_pdbx_struct_oper_list.matrix[3][3]         1.0000000000 
_pdbx_struct_oper_list.vector[3]            0.0000000000 
# 
_struct_biol.id        1 
_struct_biol.details   ? 
# 
loop_
_struct_conf.conf_type_id 
_struct_conf.id 
_struct_conf.pdbx_PDB_helix_id 
_struct_conf.beg_label_comp_id 
_struct_conf.beg_label_asym_id 
_struct_conf.beg_label_seq_id 
_struct_conf.pdbx_beg_PDB_ins_code 
_struct_conf.end_label_comp_id 
_struct_conf.end_label_asym_id 
_struct_conf.end_label_seq_id 
_struct_conf.pdbx_end_PDB_ins_code 
_struct_conf.beg_auth_comp_id 
_struct_conf.beg_auth_asym_id 
_struct_conf.beg_auth_seq_id 
_struct_conf.end_auth_comp_id 
_struct_conf.end_auth_asym_id 
_struct_conf.end_auth_seq_id 
_struct_conf.pdbx_PDB_helix_class 
_struct_conf.details 
_struct_conf.pdbx_PDB_helix_length 
HELX_P HELX_P1 1 GLN A 4   ? LYS A 18  ? GLN A 156 LYS A 170 1 ? 15 
HELX_P HELX_P2 2 ASP A 45  ? GLU A 55  ? ASP A 197 GLU A 207 1 ? 11 
HELX_P HELX_P3 3 SER A 60  ? GLY A 80  ? SER A 212 GLY A 232 1 ? 21 
HELX_P HELX_P4 4 SER A 83  ? CYS A 106 ? SER A 235 CYS A 258 1 ? 24 
HELX_P HELX_P5 5 CYS A 106 ? ARG A 116 ? CYS A 258 ARG A 268 1 ? 11 
HELX_P HELX_P6 6 ASN A 119 ? TYR A 123 ? ASN A 271 TYR A 275 5 ? 5  
HELX_P HELX_P7 7 ASN A 179 ? LEU A 183 ? ASN A 331 LEU A 335 5 ? 5  
HELX_P HELX_P8 8 SER A 188 ? GLY A 208 ? SER A 340 GLY A 360 1 ? 21 
# 
_struct_conf_type.id          HELX_P 
_struct_conf_type.criteria    ? 
_struct_conf_type.reference   ? 
# 
loop_
_struct_conn.id 
_struct_conn.conn_type_id 
_struct_conn.pdbx_leaving_atom_flag 
_struct_conn.pdbx_PDB_id 
_struct_conn.ptnr1_label_asym_id 
_struct_conn.ptnr1_label_comp_id 
_struct_conn.ptnr1_label_seq_id 
_struct_conn.ptnr1_label_atom_id 
_struct_conn.pdbx_ptnr1_label_alt_id 
_struct_conn.pdbx_ptnr1_PDB_ins_code 
_struct_conn.pdbx_ptnr1_standard_comp_id 
_struct_conn.ptnr1_symmetry 
_struct_conn.ptnr2_label_asym_id 
_struct_conn.ptnr2_label_comp_id 
_struct_conn.ptnr2_label_seq_id 
_struct_conn.ptnr2_label_atom_id 
_struct_conn.pdbx_ptnr2_label_alt_id 
_struct_conn.pdbx_ptnr2_PDB_ins_code 
_struct_conn.ptnr1_auth_asym_id 
_struct_conn.ptnr1_auth_comp_id 
_struct_conn.ptnr1_auth_seq_id 
_struct_conn.ptnr2_auth_asym_id 
_struct_conn.ptnr2_auth_comp_id 
_struct_conn.ptnr2_auth_seq_id 
_struct_conn.ptnr2_symmetry 
_struct_conn.pdbx_ptnr3_label_atom_id 
_struct_conn.pdbx_ptnr3_label_seq_id 
_struct_conn.pdbx_ptnr3_label_comp_id 
_struct_conn.pdbx_ptnr3_label_asym_id 
_struct_conn.pdbx_ptnr3_label_alt_id 
_struct_conn.pdbx_ptnr3_PDB_ins_code 
_struct_conn.details 
_struct_conn.pdbx_dist_value 
_struct_conn.pdbx_value_order 
_struct_conn.pdbx_role 
metalc1 metalc ? ? A CYS 106 SG  ? ? ? 1_555 B ZN . ZN ? ? A CYS 258 A ZN 401 1_555 ? ? ? ? ? ? ? 2.249 ? ? 
metalc2 metalc ? ? A CYS 109 SG  ? ? ? 1_555 B ZN . ZN ? ? A CYS 261 A ZN 401 1_555 ? ? ? ? ? ? ? 2.233 ? ? 
metalc3 metalc ? ? A CYS 125 SG  ? ? ? 1_555 B ZN . ZN ? ? A CYS 277 A ZN 401 1_555 ? ? ? ? ? ? ? 2.360 ? ? 
metalc4 metalc ? ? A HIS 129 NE2 ? ? ? 1_555 B ZN . ZN ? ? A HIS 281 A ZN 401 1_555 ? ? ? ? ? ? ? 2.099 ? ? 
# 
_struct_conn_type.id          metalc 
_struct_conn_type.criteria    ? 
_struct_conn_type.reference   ? 
# 
loop_
_pdbx_struct_conn_angle.id 
_pdbx_struct_conn_angle.ptnr1_label_atom_id 
_pdbx_struct_conn_angle.ptnr1_label_alt_id 
_pdbx_struct_conn_angle.ptnr1_label_asym_id 
_pdbx_struct_conn_angle.ptnr1_label_comp_id 
_pdbx_struct_conn_angle.ptnr1_label_seq_id 
_pdbx_struct_conn_angle.ptnr1_auth_atom_id 
_pdbx_struct_conn_angle.ptnr1_auth_asym_id 
_pdbx_struct_conn_angle.ptnr1_auth_comp_id 
_pdbx_struct_conn_angle.ptnr1_auth_seq_id 
_pdbx_struct_conn_angle.ptnr1_PDB_ins_code 
_pdbx_struct_conn_angle.ptnr1_symmetry 
_pdbx_struct_conn_angle.ptnr2_label_atom_id 
_pdbx_struct_conn_angle.ptnr2_label_alt_id 
_pdbx_struct_conn_angle.ptnr2_label_asym_id 
_pdbx_struct_conn_angle.ptnr2_label_comp_id 
_pdbx_struct_conn_angle.ptnr2_label_seq_id 
_pdbx_struct_conn_angle.ptnr2_auth_atom_id 
_pdbx_struct_conn_angle.ptnr2_auth_asym_id 
_pdbx_struct_conn_angle.ptnr2_auth_comp_id 
_pdbx_struct_conn_angle.ptnr2_auth_seq_id 
_pdbx_struct_conn_angle.ptnr2_PDB_ins_code 
_pdbx_struct_conn_angle.ptnr2_symmetry 
_pdbx_struct_conn_angle.ptnr3_label_atom_id 
_pdbx_struct_conn_angle.ptnr3_label_alt_id 
_pdbx_struct_conn_angle.ptnr3_label_asym_id 
_pdbx_struct_conn_angle.ptnr3_label_comp_id 
_pdbx_struct_conn_angle.ptnr3_label_seq_id 
_pdbx_struct_conn_angle.ptnr3_auth_atom_id 
_pdbx_struct_conn_angle.ptnr3_auth_asym_id 
_pdbx_struct_conn_angle.ptnr3_auth_comp_id 
_pdbx_struct_conn_angle.ptnr3_auth_seq_id 
_pdbx_struct_conn_angle.ptnr3_PDB_ins_code 
_pdbx_struct_conn_angle.ptnr3_symmetry 
_pdbx_struct_conn_angle.value 
_pdbx_struct_conn_angle.value_esd 
1 SG ? A CYS 106 ? A CYS 258 ? 1_555 ZN ? B ZN . ? A ZN 401 ? 1_555 SG  ? A CYS 109 ? A CYS 261 ? 1_555 112.9 ? 
2 SG ? A CYS 106 ? A CYS 258 ? 1_555 ZN ? B ZN . ? A ZN 401 ? 1_555 SG  ? A CYS 125 ? A CYS 277 ? 1_555 109.5 ? 
3 SG ? A CYS 109 ? A CYS 261 ? 1_555 ZN ? B ZN . ? A ZN 401 ? 1_555 SG  ? A CYS 125 ? A CYS 277 ? 1_555 113.0 ? 
4 SG ? A CYS 106 ? A CYS 258 ? 1_555 ZN ? B ZN . ? A ZN 401 ? 1_555 NE2 ? A HIS 129 ? A HIS 281 ? 1_555 118.6 ? 
5 SG ? A CYS 109 ? A CYS 261 ? 1_555 ZN ? B ZN . ? A ZN 401 ? 1_555 NE2 ? A HIS 129 ? A HIS 281 ? 1_555 96.3  ? 
6 SG ? A CYS 125 ? A CYS 277 ? 1_555 ZN ? B ZN . ? A ZN 401 ? 1_555 NE2 ? A HIS 129 ? A HIS 281 ? 1_555 106.1 ? 
# 
_struct_mon_prot_cis.pdbx_id                1 
_struct_mon_prot_cis.label_comp_id          ILE 
_struct_mon_prot_cis.label_seq_id           126 
_struct_mon_prot_cis.label_asym_id          A 
_struct_mon_prot_cis.label_alt_id           . 
_struct_mon_prot_cis.pdbx_PDB_ins_code      ? 
_struct_mon_prot_cis.auth_comp_id           ILE 
_struct_mon_prot_cis.auth_seq_id            278 
_struct_mon_prot_cis.auth_asym_id           A 
_struct_mon_prot_cis.pdbx_label_comp_id_2   PRO 
_struct_mon_prot_cis.pdbx_label_seq_id_2    127 
_struct_mon_prot_cis.pdbx_label_asym_id_2   A 
_struct_mon_prot_cis.pdbx_PDB_ins_code_2    ? 
_struct_mon_prot_cis.pdbx_auth_comp_id_2    PRO 
_struct_mon_prot_cis.pdbx_auth_seq_id_2     279 
_struct_mon_prot_cis.pdbx_auth_asym_id_2    A 
_struct_mon_prot_cis.pdbx_PDB_model_num     1 
_struct_mon_prot_cis.pdbx_omega_angle       -2.17 
# 
_struct_sheet.id               A 
_struct_sheet.type             ? 
_struct_sheet.number_strands   5 
_struct_sheet.details          ? 
# 
loop_
_struct_sheet_order.sheet_id 
_struct_sheet_order.range_id_1 
_struct_sheet_order.range_id_2 
_struct_sheet_order.offset 
_struct_sheet_order.sense 
A 1 2 ? anti-parallel 
A 2 3 ? anti-parallel 
A 3 4 ? anti-parallel 
A 4 5 ? anti-parallel 
# 
loop_
_struct_sheet_range.sheet_id 
_struct_sheet_range.id 
_struct_sheet_range.beg_label_comp_id 
_struct_sheet_range.beg_label_asym_id 
_struct_sheet_range.beg_label_seq_id 
_struct_sheet_range.pdbx_beg_PDB_ins_code 
_struct_sheet_range.end_label_comp_id 
_struct_sheet_range.end_label_asym_id 
_struct_sheet_range.end_label_seq_id 
_struct_sheet_range.pdbx_end_PDB_ins_code 
_struct_sheet_range.beg_auth_comp_id 
_struct_sheet_range.beg_auth_asym_id 
_struct_sheet_range.beg_auth_seq_id 
_struct_sheet_range.end_auth_comp_id 
_struct_sheet_range.end_auth_asym_id 
_struct_sheet_range.end_auth_seq_id 
A 1 ARG A 165 ? PRO A 169 ? ARG A 317 PRO A 321 
A 2 GLN A 153 ? PHE A 158 ? GLN A 305 PHE A 310 
A 3 PHE A 141 ? GLU A 150 ? PHE A 293 GLU A 302 
A 4 LEU A 131 ? LYS A 135 ? LEU A 283 LYS A 287 
A 5 ILE A 173 ? ASP A 175 ? ILE A 325 ASP A 327 
# 
loop_
_pdbx_struct_sheet_hbond.sheet_id 
_pdbx_struct_sheet_hbond.range_id_1 
_pdbx_struct_sheet_hbond.range_id_2 
_pdbx_struct_sheet_hbond.range_1_label_atom_id 
_pdbx_struct_sheet_hbond.range_1_label_comp_id 
_pdbx_struct_sheet_hbond.range_1_label_asym_id 
_pdbx_struct_sheet_hbond.range_1_label_seq_id 
_pdbx_struct_sheet_hbond.range_1_PDB_ins_code 
_pdbx_struct_sheet_hbond.range_1_auth_atom_id 
_pdbx_struct_sheet_hbond.range_1_auth_comp_id 
_pdbx_struct_sheet_hbond.range_1_auth_asym_id 
_pdbx_struct_sheet_hbond.range_1_auth_seq_id 
_pdbx_struct_sheet_hbond.range_2_label_atom_id 
_pdbx_struct_sheet_hbond.range_2_label_comp_id 
_pdbx_struct_sheet_hbond.range_2_label_asym_id 
_pdbx_struct_sheet_hbond.range_2_label_seq_id 
_pdbx_struct_sheet_hbond.range_2_PDB_ins_code 
_pdbx_struct_sheet_hbond.range_2_auth_atom_id 
_pdbx_struct_sheet_hbond.range_2_auth_comp_id 
_pdbx_struct_sheet_hbond.range_2_auth_asym_id 
_pdbx_struct_sheet_hbond.range_2_auth_seq_id 
A 1 2 O ILE A 168 ? O ILE A 320 N VAL A 154 ? N VAL A 306 
A 2 3 O ASP A 155 ? O ASP A 307 N MET A 147 ? N MET A 299 
A 3 4 O TRP A 142 ? O TRP A 294 N ALA A 134 ? N ALA A 286 
A 4 5 N TRP A 133 ? N TRP A 285 O GLN A 174 ? O GLN A 326 
# 
_struct_site.id                   AC1 
_struct_site.pdbx_evidence_code   Software 
_struct_site.pdbx_auth_asym_id    A 
_struct_site.pdbx_auth_comp_id    ZN 
_struct_site.pdbx_auth_seq_id     401 
_struct_site.pdbx_auth_ins_code   ? 
_struct_site.pdbx_num_residues    4 
_struct_site.details              'BINDING SITE FOR RESIDUE ZN A 401' 
# 
loop_
_struct_site_gen.id 
_struct_site_gen.site_id 
_struct_site_gen.pdbx_num_res 
_struct_site_gen.label_comp_id 
_struct_site_gen.label_asym_id 
_struct_site_gen.label_seq_id 
_struct_site_gen.pdbx_auth_ins_code 
_struct_site_gen.auth_comp_id 
_struct_site_gen.auth_asym_id 
_struct_site_gen.auth_seq_id 
_struct_site_gen.label_atom_id 
_struct_site_gen.label_alt_id 
_struct_site_gen.symmetry 
_struct_site_gen.details 
1 AC1 4 CYS A 106 ? CYS A 258 . ? 1_555 ? 
2 AC1 4 CYS A 109 ? CYS A 261 . ? 1_555 ? 
3 AC1 4 CYS A 125 ? CYS A 277 . ? 1_555 ? 
4 AC1 4 HIS A 129 ? HIS A 281 . ? 1_555 ? 
# 
_pdbx_validate_torsion.id              1 
_pdbx_validate_torsion.PDB_model_num   1 
_pdbx_validate_torsion.auth_comp_id    CYS 
_pdbx_validate_torsion.auth_asym_id    A 
_pdbx_validate_torsion.auth_seq_id     258 
_pdbx_validate_torsion.PDB_ins_code    ? 
_pdbx_validate_torsion.label_alt_id    ? 
_pdbx_validate_torsion.phi             -164.07 
_pdbx_validate_torsion.psi             110.04 
# 
loop_
_pdbx_phasing_MAD_set_site.id 
_pdbx_phasing_MAD_set_site.atom_type_symbol 
_pdbx_phasing_MAD_set_site.occupancy 
_pdbx_phasing_MAD_set_site.fract_x 
_pdbx_phasing_MAD_set_site.fract_y 
_pdbx_phasing_MAD_set_site.fract_z 
_pdbx_phasing_MAD_set_site.b_iso 
1 Se 1.655 0.999 0.464 0.260 17.747 
2 Se 0.862 0.644 0.811 0.136 30.333 
3 Se 1.386 0.383 0.417 0.191 59.838 
4 Se 1.010 0.156 0.869 0.106 47.277 
5 Se 0.919 0.055 0.523 0.237 39.587 
6 Se 0.208 0.716 0.371 0.049 1.000  
7 Se 0.273 0.951 0.378 0.238 20.303 
# 
loop_
_pdbx_phasing_MAD_shell.d_res_low 
_pdbx_phasing_MAD_shell.d_res_high 
_pdbx_phasing_MAD_shell.reflns 
_pdbx_phasing_MAD_shell.fom 
1000.00 7.30 871  0.340 
7.30    4.58 1495 0.370 
4.58    3.57 1899 0.330 
3.57    3.02 2230 0.310 
3.02    2.66 2500 0.270 
2.66    2.41 2740 0.210 
2.41    2.22 2981 0.160 
2.22    2.06 3197 0.130 
# 
_pdbx_phasing_dm.entry_id          4NS5 
_pdbx_phasing_dm.fom_acentric      0.360 
_pdbx_phasing_dm.fom_centric       0.280 
_pdbx_phasing_dm.fom               0.340 
_pdbx_phasing_dm.reflns_acentric   7831 
_pdbx_phasing_dm.reflns_centric    1475 
_pdbx_phasing_dm.reflns            9306 
# 
loop_
_pdbx_phasing_dm_shell.d_res_high 
_pdbx_phasing_dm_shell.d_res_low 
_pdbx_phasing_dm_shell.delta_phi_final 
_pdbx_phasing_dm_shell.delta_phi_initial 
_pdbx_phasing_dm_shell.fom_acentric 
_pdbx_phasing_dm_shell.fom_centric 
_pdbx_phasing_dm_shell.fom 
_pdbx_phasing_dm_shell.reflns_acentric 
_pdbx_phasing_dm_shell.reflns_centric 
_pdbx_phasing_dm_shell.reflns 
7.100 31.883 ? ? 0.550 0.440 0.510 280  166 446  
4.500 7.100  ? ? 0.520 0.360 0.480 993  288 1281 
3.600 4.500  ? ? 0.540 0.330 0.510 1298 264 1562 
3.100 3.600  ? ? 0.410 0.270 0.390 1339 224 1563 
2.700 3.100  ? ? 0.260 0.180 0.250 2403 344 2747 
2.500 2.700  ? ? 0.160 0.130 0.160 1518 189 1707 
# 
_phasing.method   SAD 
# 
_phasing_MAD.entry_id          4NS5 
_phasing_MAD.pdbx_d_res_high   2.00 
_phasing_MAD.pdbx_d_res_low    1000.00 
_phasing_MAD.pdbx_reflns       17913 
_phasing_MAD.pdbx_fom          0.240 
# 
loop_
_pdbx_unobs_or_zero_occ_residues.id 
_pdbx_unobs_or_zero_occ_residues.PDB_model_num 
_pdbx_unobs_or_zero_occ_residues.polymer_flag 
_pdbx_unobs_or_zero_occ_residues.occupancy_flag 
_pdbx_unobs_or_zero_occ_residues.auth_asym_id 
_pdbx_unobs_or_zero_occ_residues.auth_comp_id 
_pdbx_unobs_or_zero_occ_residues.auth_seq_id 
_pdbx_unobs_or_zero_occ_residues.PDB_ins_code 
_pdbx_unobs_or_zero_occ_residues.label_asym_id 
_pdbx_unobs_or_zero_occ_residues.label_comp_id 
_pdbx_unobs_or_zero_occ_residues.label_seq_id 
1  1 Y 1 A MET 153 ? A MET 1   
2  1 Y 1 A ASN 154 ? A ASN 2   
3  1 Y 1 A LYS 155 ? A LYS 3   
4  1 Y 1 A ARG 172 ? A ARG 20  
5  1 Y 1 A ALA 173 ? A ALA 21  
6  1 Y 1 A ILE 174 ? A ILE 22  
7  1 Y 1 A ASP 175 ? A ASP 23  
8  1 Y 1 A LEU 176 ? A LEU 24  
9  1 Y 1 A ASN 177 ? A ASN 25  
10 1 Y 1 A LYS 178 ? A LYS 26  
11 1 Y 1 A LYS 179 ? A LYS 27  
12 1 Y 1 A GLY 180 ? A GLY 28  
13 1 Y 1 A LYS 181 ? A LYS 29  
14 1 Y 1 A ASP 182 ? A ASP 30  
15 1 Y 1 A ASN 183 ? A ASN 31  
16 1 Y 1 A LYS 184 ? A LYS 32  
17 1 Y 1 A HIS 185 ? A HIS 33  
18 1 Y 1 A PRO 186 ? A PRO 34  
19 1 Y 1 A MET 187 ? A MET 35  
20 1 Y 1 A TYR 188 ? A TYR 36  
21 1 Y 1 A ARG 189 ? A ARG 37  
22 1 Y 1 A ARG 190 ? A ARG 38  
23 1 Y 1 A LEU 191 ? A LEU 39  
24 1 Y 1 A VAL 192 ? A VAL 40  
25 1 Y 1 A HIS 193 ? A HIS 41  
26 1 Y 1 A SER 194 ? A SER 42  
27 1 Y 1 A ALA 195 ? A ALA 43  
28 1 Y 1 A SER 365 ? A SER 213 
29 1 Y 1 A LYS 366 ? A LYS 214 
30 1 Y 1 A ASN 367 ? A ASN 215 
31 1 Y 1 A GLU 368 ? A GLU 216 
32 1 Y 1 A ASP 369 ? A ASP 217 
33 1 Y 1 A ARG 370 ? A ARG 218 
34 1 Y 1 A GLY 371 ? A GLY 219 
35 1 Y 1 A LEU 372 ? A LEU 220 
36 1 Y 1 A GLU 373 ? A GLU 221 
37 1 Y 1 A HIS 374 ? A HIS 222 
38 1 Y 1 A HIS 375 ? A HIS 223 
39 1 Y 1 A HIS 376 ? A HIS 224 
40 1 Y 1 A HIS 377 ? A HIS 225 
41 1 Y 1 A HIS 378 ? A HIS 226 
42 1 Y 1 A HIS 379 ? A HIS 227 
# 
loop_
_chem_comp_atom.comp_id 
_chem_comp_atom.atom_id 
_chem_comp_atom.type_symbol 
_chem_comp_atom.pdbx_aromatic_flag 
_chem_comp_atom.pdbx_stereo_config 
_chem_comp_atom.pdbx_ordinal 
ALA N    N  N N 1   
ALA CA   C  N S 2   
ALA C    C  N N 3   
ALA O    O  N N 4   
ALA CB   C  N N 5   
ALA OXT  O  N N 6   
ALA H    H  N N 7   
ALA H2   H  N N 8   
ALA HA   H  N N 9   
ALA HB1  H  N N 10  
ALA HB2  H  N N 11  
ALA HB3  H  N N 12  
ALA HXT  H  N N 13  
ARG N    N  N N 14  
ARG CA   C  N S 15  
ARG C    C  N N 16  
ARG O    O  N N 17  
ARG CB   C  N N 18  
ARG CG   C  N N 19  
ARG CD   C  N N 20  
ARG NE   N  N N 21  
ARG CZ   C  N N 22  
ARG NH1  N  N N 23  
ARG NH2  N  N N 24  
ARG OXT  O  N N 25  
ARG H    H  N N 26  
ARG H2   H  N N 27  
ARG HA   H  N N 28  
ARG HB2  H  N N 29  
ARG HB3  H  N N 30  
ARG HG2  H  N N 31  
ARG HG3  H  N N 32  
ARG HD2  H  N N 33  
ARG HD3  H  N N 34  
ARG HE   H  N N 35  
ARG HH11 H  N N 36  
ARG HH12 H  N N 37  
ARG HH21 H  N N 38  
ARG HH22 H  N N 39  
ARG HXT  H  N N 40  
ASN N    N  N N 41  
ASN CA   C  N S 42  
ASN C    C  N N 43  
ASN O    O  N N 44  
ASN CB   C  N N 45  
ASN CG   C  N N 46  
ASN OD1  O  N N 47  
ASN ND2  N  N N 48  
ASN OXT  O  N N 49  
ASN H    H  N N 50  
ASN H2   H  N N 51  
ASN HA   H  N N 52  
ASN HB2  H  N N 53  
ASN HB3  H  N N 54  
ASN HD21 H  N N 55  
ASN HD22 H  N N 56  
ASN HXT  H  N N 57  
ASP N    N  N N 58  
ASP CA   C  N S 59  
ASP C    C  N N 60  
ASP O    O  N N 61  
ASP CB   C  N N 62  
ASP CG   C  N N 63  
ASP OD1  O  N N 64  
ASP OD2  O  N N 65  
ASP OXT  O  N N 66  
ASP H    H  N N 67  
ASP H2   H  N N 68  
ASP HA   H  N N 69  
ASP HB2  H  N N 70  
ASP HB3  H  N N 71  
ASP HD2  H  N N 72  
ASP HXT  H  N N 73  
CYS N    N  N N 74  
CYS CA   C  N R 75  
CYS C    C  N N 76  
CYS O    O  N N 77  
CYS CB   C  N N 78  
CYS SG   S  N N 79  
CYS OXT  O  N N 80  
CYS H    H  N N 81  
CYS H2   H  N N 82  
CYS HA   H  N N 83  
CYS HB2  H  N N 84  
CYS HB3  H  N N 85  
CYS HG   H  N N 86  
CYS HXT  H  N N 87  
GLN N    N  N N 88  
GLN CA   C  N S 89  
GLN C    C  N N 90  
GLN O    O  N N 91  
GLN CB   C  N N 92  
GLN CG   C  N N 93  
GLN CD   C  N N 94  
GLN OE1  O  N N 95  
GLN NE2  N  N N 96  
GLN OXT  O  N N 97  
GLN H    H  N N 98  
GLN H2   H  N N 99  
GLN HA   H  N N 100 
GLN HB2  H  N N 101 
GLN HB3  H  N N 102 
GLN HG2  H  N N 103 
GLN HG3  H  N N 104 
GLN HE21 H  N N 105 
GLN HE22 H  N N 106 
GLN HXT  H  N N 107 
GLU N    N  N N 108 
GLU CA   C  N S 109 
GLU C    C  N N 110 
GLU O    O  N N 111 
GLU CB   C  N N 112 
GLU CG   C  N N 113 
GLU CD   C  N N 114 
GLU OE1  O  N N 115 
GLU OE2  O  N N 116 
GLU OXT  O  N N 117 
GLU H    H  N N 118 
GLU H2   H  N N 119 
GLU HA   H  N N 120 
GLU HB2  H  N N 121 
GLU HB3  H  N N 122 
GLU HG2  H  N N 123 
GLU HG3  H  N N 124 
GLU HE2  H  N N 125 
GLU HXT  H  N N 126 
GLY N    N  N N 127 
GLY CA   C  N N 128 
GLY C    C  N N 129 
GLY O    O  N N 130 
GLY OXT  O  N N 131 
GLY H    H  N N 132 
GLY H2   H  N N 133 
GLY HA2  H  N N 134 
GLY HA3  H  N N 135 
GLY HXT  H  N N 136 
HIS N    N  N N 137 
HIS CA   C  N S 138 
HIS C    C  N N 139 
HIS O    O  N N 140 
HIS CB   C  N N 141 
HIS CG   C  Y N 142 
HIS ND1  N  Y N 143 
HIS CD2  C  Y N 144 
HIS CE1  C  Y N 145 
HIS NE2  N  Y N 146 
HIS OXT  O  N N 147 
HIS H    H  N N 148 
HIS H2   H  N N 149 
HIS HA   H  N N 150 
HIS HB2  H  N N 151 
HIS HB3  H  N N 152 
HIS HD1  H  N N 153 
HIS HD2  H  N N 154 
HIS HE1  H  N N 155 
HIS HE2  H  N N 156 
HIS HXT  H  N N 157 
HOH O    O  N N 158 
HOH H1   H  N N 159 
HOH H2   H  N N 160 
ILE N    N  N N 161 
ILE CA   C  N S 162 
ILE C    C  N N 163 
ILE O    O  N N 164 
ILE CB   C  N S 165 
ILE CG1  C  N N 166 
ILE CG2  C  N N 167 
ILE CD1  C  N N 168 
ILE OXT  O  N N 169 
ILE H    H  N N 170 
ILE H2   H  N N 171 
ILE HA   H  N N 172 
ILE HB   H  N N 173 
ILE HG12 H  N N 174 
ILE HG13 H  N N 175 
ILE HG21 H  N N 176 
ILE HG22 H  N N 177 
ILE HG23 H  N N 178 
ILE HD11 H  N N 179 
ILE HD12 H  N N 180 
ILE HD13 H  N N 181 
ILE HXT  H  N N 182 
LEU N    N  N N 183 
LEU CA   C  N S 184 
LEU C    C  N N 185 
LEU O    O  N N 186 
LEU CB   C  N N 187 
LEU CG   C  N N 188 
LEU CD1  C  N N 189 
LEU CD2  C  N N 190 
LEU OXT  O  N N 191 
LEU H    H  N N 192 
LEU H2   H  N N 193 
LEU HA   H  N N 194 
LEU HB2  H  N N 195 
LEU HB3  H  N N 196 
LEU HG   H  N N 197 
LEU HD11 H  N N 198 
LEU HD12 H  N N 199 
LEU HD13 H  N N 200 
LEU HD21 H  N N 201 
LEU HD22 H  N N 202 
LEU HD23 H  N N 203 
LEU HXT  H  N N 204 
LYS N    N  N N 205 
LYS CA   C  N S 206 
LYS C    C  N N 207 
LYS O    O  N N 208 
LYS CB   C  N N 209 
LYS CG   C  N N 210 
LYS CD   C  N N 211 
LYS CE   C  N N 212 
LYS NZ   N  N N 213 
LYS OXT  O  N N 214 
LYS H    H  N N 215 
LYS H2   H  N N 216 
LYS HA   H  N N 217 
LYS HB2  H  N N 218 
LYS HB3  H  N N 219 
LYS HG2  H  N N 220 
LYS HG3  H  N N 221 
LYS HD2  H  N N 222 
LYS HD3  H  N N 223 
LYS HE2  H  N N 224 
LYS HE3  H  N N 225 
LYS HZ1  H  N N 226 
LYS HZ2  H  N N 227 
LYS HZ3  H  N N 228 
LYS HXT  H  N N 229 
MET N    N  N N 230 
MET CA   C  N S 231 
MET C    C  N N 232 
MET O    O  N N 233 
MET CB   C  N N 234 
MET CG   C  N N 235 
MET SD   S  N N 236 
MET CE   C  N N 237 
MET OXT  O  N N 238 
MET H    H  N N 239 
MET H2   H  N N 240 
MET HA   H  N N 241 
MET HB2  H  N N 242 
MET HB3  H  N N 243 
MET HG2  H  N N 244 
MET HG3  H  N N 245 
MET HE1  H  N N 246 
MET HE2  H  N N 247 
MET HE3  H  N N 248 
MET HXT  H  N N 249 
PHE N    N  N N 250 
PHE CA   C  N S 251 
PHE C    C  N N 252 
PHE O    O  N N 253 
PHE CB   C  N N 254 
PHE CG   C  Y N 255 
PHE CD1  C  Y N 256 
PHE CD2  C  Y N 257 
PHE CE1  C  Y N 258 
PHE CE2  C  Y N 259 
PHE CZ   C  Y N 260 
PHE OXT  O  N N 261 
PHE H    H  N N 262 
PHE H2   H  N N 263 
PHE HA   H  N N 264 
PHE HB2  H  N N 265 
PHE HB3  H  N N 266 
PHE HD1  H  N N 267 
PHE HD2  H  N N 268 
PHE HE1  H  N N 269 
PHE HE2  H  N N 270 
PHE HZ   H  N N 271 
PHE HXT  H  N N 272 
PRO N    N  N N 273 
PRO CA   C  N S 274 
PRO C    C  N N 275 
PRO O    O  N N 276 
PRO CB   C  N N 277 
PRO CG   C  N N 278 
PRO CD   C  N N 279 
PRO OXT  O  N N 280 
PRO H    H  N N 281 
PRO HA   H  N N 282 
PRO HB2  H  N N 283 
PRO HB3  H  N N 284 
PRO HG2  H  N N 285 
PRO HG3  H  N N 286 
PRO HD2  H  N N 287 
PRO HD3  H  N N 288 
PRO HXT  H  N N 289 
SER N    N  N N 290 
SER CA   C  N S 291 
SER C    C  N N 292 
SER O    O  N N 293 
SER CB   C  N N 294 
SER OG   O  N N 295 
SER OXT  O  N N 296 
SER H    H  N N 297 
SER H2   H  N N 298 
SER HA   H  N N 299 
SER HB2  H  N N 300 
SER HB3  H  N N 301 
SER HG   H  N N 302 
SER HXT  H  N N 303 
THR N    N  N N 304 
THR CA   C  N S 305 
THR C    C  N N 306 
THR O    O  N N 307 
THR CB   C  N R 308 
THR OG1  O  N N 309 
THR CG2  C  N N 310 
THR OXT  O  N N 311 
THR H    H  N N 312 
THR H2   H  N N 313 
THR HA   H  N N 314 
THR HB   H  N N 315 
THR HG1  H  N N 316 
THR HG21 H  N N 317 
THR HG22 H  N N 318 
THR HG23 H  N N 319 
THR HXT  H  N N 320 
TRP N    N  N N 321 
TRP CA   C  N S 322 
TRP C    C  N N 323 
TRP O    O  N N 324 
TRP CB   C  N N 325 
TRP CG   C  Y N 326 
TRP CD1  C  Y N 327 
TRP CD2  C  Y N 328 
TRP NE1  N  Y N 329 
TRP CE2  C  Y N 330 
TRP CE3  C  Y N 331 
TRP CZ2  C  Y N 332 
TRP CZ3  C  Y N 333 
TRP CH2  C  Y N 334 
TRP OXT  O  N N 335 
TRP H    H  N N 336 
TRP H2   H  N N 337 
TRP HA   H  N N 338 
TRP HB2  H  N N 339 
TRP HB3  H  N N 340 
TRP HD1  H  N N 341 
TRP HE1  H  N N 342 
TRP HE3  H  N N 343 
TRP HZ2  H  N N 344 
TRP HZ3  H  N N 345 
TRP HH2  H  N N 346 
TRP HXT  H  N N 347 
TYR N    N  N N 348 
TYR CA   C  N S 349 
TYR C    C  N N 350 
TYR O    O  N N 351 
TYR CB   C  N N 352 
TYR CG   C  Y N 353 
TYR CD1  C  Y N 354 
TYR CD2  C  Y N 355 
TYR CE1  C  Y N 356 
TYR CE2  C  Y N 357 
TYR CZ   C  Y N 358 
TYR OH   O  N N 359 
TYR OXT  O  N N 360 
TYR H    H  N N 361 
TYR H2   H  N N 362 
TYR HA   H  N N 363 
TYR HB2  H  N N 364 
TYR HB3  H  N N 365 
TYR HD1  H  N N 366 
TYR HD2  H  N N 367 
TYR HE1  H  N N 368 
TYR HE2  H  N N 369 
TYR HH   H  N N 370 
TYR HXT  H  N N 371 
VAL N    N  N N 372 
VAL CA   C  N S 373 
VAL C    C  N N 374 
VAL O    O  N N 375 
VAL CB   C  N N 376 
VAL CG1  C  N N 377 
VAL CG2  C  N N 378 
VAL OXT  O  N N 379 
VAL H    H  N N 380 
VAL H2   H  N N 381 
VAL HA   H  N N 382 
VAL HB   H  N N 383 
VAL HG11 H  N N 384 
VAL HG12 H  N N 385 
VAL HG13 H  N N 386 
VAL HG21 H  N N 387 
VAL HG22 H  N N 388 
VAL HG23 H  N N 389 
VAL HXT  H  N N 390 
ZN  ZN   ZN N N 391 
# 
loop_
_chem_comp_bond.comp_id 
_chem_comp_bond.atom_id_1 
_chem_comp_bond.atom_id_2 
_chem_comp_bond.value_order 
_chem_comp_bond.pdbx_aromatic_flag 
_chem_comp_bond.pdbx_stereo_config 
_chem_comp_bond.pdbx_ordinal 
ALA N   CA   sing N N 1   
ALA N   H    sing N N 2   
ALA N   H2   sing N N 3   
ALA CA  C    sing N N 4   
ALA CA  CB   sing N N 5   
ALA CA  HA   sing N N 6   
ALA C   O    doub N N 7   
ALA C   OXT  sing N N 8   
ALA CB  HB1  sing N N 9   
ALA CB  HB2  sing N N 10  
ALA CB  HB3  sing N N 11  
ALA OXT HXT  sing N N 12  
ARG N   CA   sing N N 13  
ARG N   H    sing N N 14  
ARG N   H2   sing N N 15  
ARG CA  C    sing N N 16  
ARG CA  CB   sing N N 17  
ARG CA  HA   sing N N 18  
ARG C   O    doub N N 19  
ARG C   OXT  sing N N 20  
ARG CB  CG   sing N N 21  
ARG CB  HB2  sing N N 22  
ARG CB  HB3  sing N N 23  
ARG CG  CD   sing N N 24  
ARG CG  HG2  sing N N 25  
ARG CG  HG3  sing N N 26  
ARG CD  NE   sing N N 27  
ARG CD  HD2  sing N N 28  
ARG CD  HD3  sing N N 29  
ARG NE  CZ   sing N N 30  
ARG NE  HE   sing N N 31  
ARG CZ  NH1  sing N N 32  
ARG CZ  NH2  doub N N 33  
ARG NH1 HH11 sing N N 34  
ARG NH1 HH12 sing N N 35  
ARG NH2 HH21 sing N N 36  
ARG NH2 HH22 sing N N 37  
ARG OXT HXT  sing N N 38  
ASN N   CA   sing N N 39  
ASN N   H    sing N N 40  
ASN N   H2   sing N N 41  
ASN CA  C    sing N N 42  
ASN CA  CB   sing N N 43  
ASN CA  HA   sing N N 44  
ASN C   O    doub N N 45  
ASN C   OXT  sing N N 46  
ASN CB  CG   sing N N 47  
ASN CB  HB2  sing N N 48  
ASN CB  HB3  sing N N 49  
ASN CG  OD1  doub N N 50  
ASN CG  ND2  sing N N 51  
ASN ND2 HD21 sing N N 52  
ASN ND2 HD22 sing N N 53  
ASN OXT HXT  sing N N 54  
ASP N   CA   sing N N 55  
ASP N   H    sing N N 56  
ASP N   H2   sing N N 57  
ASP CA  C    sing N N 58  
ASP CA  CB   sing N N 59  
ASP CA  HA   sing N N 60  
ASP C   O    doub N N 61  
ASP C   OXT  sing N N 62  
ASP CB  CG   sing N N 63  
ASP CB  HB2  sing N N 64  
ASP CB  HB3  sing N N 65  
ASP CG  OD1  doub N N 66  
ASP CG  OD2  sing N N 67  
ASP OD2 HD2  sing N N 68  
ASP OXT HXT  sing N N 69  
CYS N   CA   sing N N 70  
CYS N   H    sing N N 71  
CYS N   H2   sing N N 72  
CYS CA  C    sing N N 73  
CYS CA  CB   sing N N 74  
CYS CA  HA   sing N N 75  
CYS C   O    doub N N 76  
CYS C   OXT  sing N N 77  
CYS CB  SG   sing N N 78  
CYS CB  HB2  sing N N 79  
CYS CB  HB3  sing N N 80  
CYS SG  HG   sing N N 81  
CYS OXT HXT  sing N N 82  
GLN N   CA   sing N N 83  
GLN N   H    sing N N 84  
GLN N   H2   sing N N 85  
GLN CA  C    sing N N 86  
GLN CA  CB   sing N N 87  
GLN CA  HA   sing N N 88  
GLN C   O    doub N N 89  
GLN C   OXT  sing N N 90  
GLN CB  CG   sing N N 91  
GLN CB  HB2  sing N N 92  
GLN CB  HB3  sing N N 93  
GLN CG  CD   sing N N 94  
GLN CG  HG2  sing N N 95  
GLN CG  HG3  sing N N 96  
GLN CD  OE1  doub N N 97  
GLN CD  NE2  sing N N 98  
GLN NE2 HE21 sing N N 99  
GLN NE2 HE22 sing N N 100 
GLN OXT HXT  sing N N 101 
GLU N   CA   sing N N 102 
GLU N   H    sing N N 103 
GLU N   H2   sing N N 104 
GLU CA  C    sing N N 105 
GLU CA  CB   sing N N 106 
GLU CA  HA   sing N N 107 
GLU C   O    doub N N 108 
GLU C   OXT  sing N N 109 
GLU CB  CG   sing N N 110 
GLU CB  HB2  sing N N 111 
GLU CB  HB3  sing N N 112 
GLU CG  CD   sing N N 113 
GLU CG  HG2  sing N N 114 
GLU CG  HG3  sing N N 115 
GLU CD  OE1  doub N N 116 
GLU CD  OE2  sing N N 117 
GLU OE2 HE2  sing N N 118 
GLU OXT HXT  sing N N 119 
GLY N   CA   sing N N 120 
GLY N   H    sing N N 121 
GLY N   H2   sing N N 122 
GLY CA  C    sing N N 123 
GLY CA  HA2  sing N N 124 
GLY CA  HA3  sing N N 125 
GLY C   O    doub N N 126 
GLY C   OXT  sing N N 127 
GLY OXT HXT  sing N N 128 
HIS N   CA   sing N N 129 
HIS N   H    sing N N 130 
HIS N   H2   sing N N 131 
HIS CA  C    sing N N 132 
HIS CA  CB   sing N N 133 
HIS CA  HA   sing N N 134 
HIS C   O    doub N N 135 
HIS C   OXT  sing N N 136 
HIS CB  CG   sing N N 137 
HIS CB  HB2  sing N N 138 
HIS CB  HB3  sing N N 139 
HIS CG  ND1  sing Y N 140 
HIS CG  CD2  doub Y N 141 
HIS ND1 CE1  doub Y N 142 
HIS ND1 HD1  sing N N 143 
HIS CD2 NE2  sing Y N 144 
HIS CD2 HD2  sing N N 145 
HIS CE1 NE2  sing Y N 146 
HIS CE1 HE1  sing N N 147 
HIS NE2 HE2  sing N N 148 
HIS OXT HXT  sing N N 149 
HOH O   H1   sing N N 150 
HOH O   H2   sing N N 151 
ILE N   CA   sing N N 152 
ILE N   H    sing N N 153 
ILE N   H2   sing N N 154 
ILE CA  C    sing N N 155 
ILE CA  CB   sing N N 156 
ILE CA  HA   sing N N 157 
ILE C   O    doub N N 158 
ILE C   OXT  sing N N 159 
ILE CB  CG1  sing N N 160 
ILE CB  CG2  sing N N 161 
ILE CB  HB   sing N N 162 
ILE CG1 CD1  sing N N 163 
ILE CG1 HG12 sing N N 164 
ILE CG1 HG13 sing N N 165 
ILE CG2 HG21 sing N N 166 
ILE CG2 HG22 sing N N 167 
ILE CG2 HG23 sing N N 168 
ILE CD1 HD11 sing N N 169 
ILE CD1 HD12 sing N N 170 
ILE CD1 HD13 sing N N 171 
ILE OXT HXT  sing N N 172 
LEU N   CA   sing N N 173 
LEU N   H    sing N N 174 
LEU N   H2   sing N N 175 
LEU CA  C    sing N N 176 
LEU CA  CB   sing N N 177 
LEU CA  HA   sing N N 178 
LEU C   O    doub N N 179 
LEU C   OXT  sing N N 180 
LEU CB  CG   sing N N 181 
LEU CB  HB2  sing N N 182 
LEU CB  HB3  sing N N 183 
LEU CG  CD1  sing N N 184 
LEU CG  CD2  sing N N 185 
LEU CG  HG   sing N N 186 
LEU CD1 HD11 sing N N 187 
LEU CD1 HD12 sing N N 188 
LEU CD1 HD13 sing N N 189 
LEU CD2 HD21 sing N N 190 
LEU CD2 HD22 sing N N 191 
LEU CD2 HD23 sing N N 192 
LEU OXT HXT  sing N N 193 
LYS N   CA   sing N N 194 
LYS N   H    sing N N 195 
LYS N   H2   sing N N 196 
LYS CA  C    sing N N 197 
LYS CA  CB   sing N N 198 
LYS CA  HA   sing N N 199 
LYS C   O    doub N N 200 
LYS C   OXT  sing N N 201 
LYS CB  CG   sing N N 202 
LYS CB  HB2  sing N N 203 
LYS CB  HB3  sing N N 204 
LYS CG  CD   sing N N 205 
LYS CG  HG2  sing N N 206 
LYS CG  HG3  sing N N 207 
LYS CD  CE   sing N N 208 
LYS CD  HD2  sing N N 209 
LYS CD  HD3  sing N N 210 
LYS CE  NZ   sing N N 211 
LYS CE  HE2  sing N N 212 
LYS CE  HE3  sing N N 213 
LYS NZ  HZ1  sing N N 214 
LYS NZ  HZ2  sing N N 215 
LYS NZ  HZ3  sing N N 216 
LYS OXT HXT  sing N N 217 
MET N   CA   sing N N 218 
MET N   H    sing N N 219 
MET N   H2   sing N N 220 
MET CA  C    sing N N 221 
MET CA  CB   sing N N 222 
MET CA  HA   sing N N 223 
MET C   O    doub N N 224 
MET C   OXT  sing N N 225 
MET CB  CG   sing N N 226 
MET CB  HB2  sing N N 227 
MET CB  HB3  sing N N 228 
MET CG  SD   sing N N 229 
MET CG  HG2  sing N N 230 
MET CG  HG3  sing N N 231 
MET SD  CE   sing N N 232 
MET CE  HE1  sing N N 233 
MET CE  HE2  sing N N 234 
MET CE  HE3  sing N N 235 
MET OXT HXT  sing N N 236 
PHE N   CA   sing N N 237 
PHE N   H    sing N N 238 
PHE N   H2   sing N N 239 
PHE CA  C    sing N N 240 
PHE CA  CB   sing N N 241 
PHE CA  HA   sing N N 242 
PHE C   O    doub N N 243 
PHE C   OXT  sing N N 244 
PHE CB  CG   sing N N 245 
PHE CB  HB2  sing N N 246 
PHE CB  HB3  sing N N 247 
PHE CG  CD1  doub Y N 248 
PHE CG  CD2  sing Y N 249 
PHE CD1 CE1  sing Y N 250 
PHE CD1 HD1  sing N N 251 
PHE CD2 CE2  doub Y N 252 
PHE CD2 HD2  sing N N 253 
PHE CE1 CZ   doub Y N 254 
PHE CE1 HE1  sing N N 255 
PHE CE2 CZ   sing Y N 256 
PHE CE2 HE2  sing N N 257 
PHE CZ  HZ   sing N N 258 
PHE OXT HXT  sing N N 259 
PRO N   CA   sing N N 260 
PRO N   CD   sing N N 261 
PRO N   H    sing N N 262 
PRO CA  C    sing N N 263 
PRO CA  CB   sing N N 264 
PRO CA  HA   sing N N 265 
PRO C   O    doub N N 266 
PRO C   OXT  sing N N 267 
PRO CB  CG   sing N N 268 
PRO CB  HB2  sing N N 269 
PRO CB  HB3  sing N N 270 
PRO CG  CD   sing N N 271 
PRO CG  HG2  sing N N 272 
PRO CG  HG3  sing N N 273 
PRO CD  HD2  sing N N 274 
PRO CD  HD3  sing N N 275 
PRO OXT HXT  sing N N 276 
SER N   CA   sing N N 277 
SER N   H    sing N N 278 
SER N   H2   sing N N 279 
SER CA  C    sing N N 280 
SER CA  CB   sing N N 281 
SER CA  HA   sing N N 282 
SER C   O    doub N N 283 
SER C   OXT  sing N N 284 
SER CB  OG   sing N N 285 
SER CB  HB2  sing N N 286 
SER CB  HB3  sing N N 287 
SER OG  HG   sing N N 288 
SER OXT HXT  sing N N 289 
THR N   CA   sing N N 290 
THR N   H    sing N N 291 
THR N   H2   sing N N 292 
THR CA  C    sing N N 293 
THR CA  CB   sing N N 294 
THR CA  HA   sing N N 295 
THR C   O    doub N N 296 
THR C   OXT  sing N N 297 
THR CB  OG1  sing N N 298 
THR CB  CG2  sing N N 299 
THR CB  HB   sing N N 300 
THR OG1 HG1  sing N N 301 
THR CG2 HG21 sing N N 302 
THR CG2 HG22 sing N N 303 
THR CG2 HG23 sing N N 304 
THR OXT HXT  sing N N 305 
TRP N   CA   sing N N 306 
TRP N   H    sing N N 307 
TRP N   H2   sing N N 308 
TRP CA  C    sing N N 309 
TRP CA  CB   sing N N 310 
TRP CA  HA   sing N N 311 
TRP C   O    doub N N 312 
TRP C   OXT  sing N N 313 
TRP CB  CG   sing N N 314 
TRP CB  HB2  sing N N 315 
TRP CB  HB3  sing N N 316 
TRP CG  CD1  doub Y N 317 
TRP CG  CD2  sing Y N 318 
TRP CD1 NE1  sing Y N 319 
TRP CD1 HD1  sing N N 320 
TRP CD2 CE2  doub Y N 321 
TRP CD2 CE3  sing Y N 322 
TRP NE1 CE2  sing Y N 323 
TRP NE1 HE1  sing N N 324 
TRP CE2 CZ2  sing Y N 325 
TRP CE3 CZ3  doub Y N 326 
TRP CE3 HE3  sing N N 327 
TRP CZ2 CH2  doub Y N 328 
TRP CZ2 HZ2  sing N N 329 
TRP CZ3 CH2  sing Y N 330 
TRP CZ3 HZ3  sing N N 331 
TRP CH2 HH2  sing N N 332 
TRP OXT HXT  sing N N 333 
TYR N   CA   sing N N 334 
TYR N   H    sing N N 335 
TYR N   H2   sing N N 336 
TYR CA  C    sing N N 337 
TYR CA  CB   sing N N 338 
TYR CA  HA   sing N N 339 
TYR C   O    doub N N 340 
TYR C   OXT  sing N N 341 
TYR CB  CG   sing N N 342 
TYR CB  HB2  sing N N 343 
TYR CB  HB3  sing N N 344 
TYR CG  CD1  doub Y N 345 
TYR CG  CD2  sing Y N 346 
TYR CD1 CE1  sing Y N 347 
TYR CD1 HD1  sing N N 348 
TYR CD2 CE2  doub Y N 349 
TYR CD2 HD2  sing N N 350 
TYR CE1 CZ   doub Y N 351 
TYR CE1 HE1  sing N N 352 
TYR CE2 CZ   sing Y N 353 
TYR CE2 HE2  sing N N 354 
TYR CZ  OH   sing N N 355 
TYR OH  HH   sing N N 356 
TYR OXT HXT  sing N N 357 
VAL N   CA   sing N N 358 
VAL N   H    sing N N 359 
VAL N   H2   sing N N 360 
VAL CA  C    sing N N 361 
VAL CA  CB   sing N N 362 
VAL CA  HA   sing N N 363 
VAL C   O    doub N N 364 
VAL C   OXT  sing N N 365 
VAL CB  CG1  sing N N 366 
VAL CB  CG2  sing N N 367 
VAL CB  HB   sing N N 368 
VAL CG1 HG11 sing N N 369 
VAL CG1 HG12 sing N N 370 
VAL CG1 HG13 sing N N 371 
VAL CG2 HG21 sing N N 372 
VAL CG2 HG22 sing N N 373 
VAL CG2 HG23 sing N N 374 
VAL OXT HXT  sing N N 375 
# 
_atom_sites.entry_id                    4NS5 
_atom_sites.fract_transf_matrix[1][1]   -0.00408448 
_atom_sites.fract_transf_matrix[1][2]   0.00382939 
_atom_sites.fract_transf_matrix[1][3]   0.01738256 
_atom_sites.fract_transf_matrix[2][1]   -0.01504140 
_atom_sites.fract_transf_matrix[2][2]   -0.00246670 
_atom_sites.fract_transf_matrix[2][3]   -0.00299095 
_atom_sites.fract_transf_matrix[3][1]   0.00150926 
_atom_sites.fract_transf_matrix[3][2]   -0.01314424 
_atom_sites.fract_transf_matrix[3][3]   0.00325032 
_atom_sites.fract_transf_vector[1]      -0.078621 
_atom_sites.fract_transf_vector[2]      -0.078947 
_atom_sites.fract_transf_vector[3]      0.183239 
# 
loop_
_atom_type.symbol 
C  
N  
O  
S  
ZN 
# 
loop_
_atom_site.group_PDB 
_atom_site.id 
_atom_site.type_symbol 
_atom_site.label_atom_id 
_atom_site.label_alt_id 
_atom_site.label_comp_id 
_atom_site.label_asym_id 
_atom_site.label_entity_id 
_atom_site.label_seq_id 
_atom_site.pdbx_PDB_ins_code 
_atom_site.Cartn_x 
_atom_site.Cartn_y 
_atom_site.Cartn_z 
_atom_site.occupancy 
_atom_site.B_iso_or_equiv 
_atom_site.pdbx_formal_charge 
_atom_site.auth_seq_id 
_atom_site.auth_comp_id 
_atom_site.auth_asym_id 
_atom_site.auth_atom_id 
_atom_site.pdbx_PDB_model_num 
ATOM   1    N  N   . GLN A 1 4   ? 0.296   -13.808 -16.509 1.00 74.07 ? 156 GLN A N   1 
ATOM   2    C  CA  . GLN A 1 4   ? -0.856  -12.985 -17.014 1.00 76.36 ? 156 GLN A CA  1 
ATOM   3    C  C   . GLN A 1 4   ? -1.326  -11.960 -15.983 1.00 73.89 ? 156 GLN A C   1 
ATOM   4    O  O   . GLN A 1 4   ? -1.370  -10.760 -16.263 1.00 73.79 ? 156 GLN A O   1 
ATOM   5    C  CB  . GLN A 1 4   ? -2.027  -13.886 -17.454 1.00 79.22 ? 156 GLN A CB  1 
ATOM   6    C  CG  . GLN A 1 4   ? -3.428  -13.275 -17.342 1.00 81.16 ? 156 GLN A CG  1 
ATOM   7    C  CD  . GLN A 1 4   ? -3.626  -12.032 -18.202 1.00 81.93 ? 156 GLN A CD  1 
ATOM   8    O  OE1 . GLN A 1 4   ? -3.227  -11.999 -19.365 1.00 84.87 ? 156 GLN A OE1 1 
ATOM   9    N  NE2 . GLN A 1 4   ? -4.256  -11.007 -17.633 1.00 82.12 ? 156 GLN A NE2 1 
ATOM   10   N  N   . GLU A 1 5   ? -1.694  -12.436 -14.798 1.00 71.69 ? 157 GLU A N   1 
ATOM   11   C  CA  . GLU A 1 5   ? -2.093  -11.539 -13.719 1.00 66.89 ? 157 GLU A CA  1 
ATOM   12   C  C   . GLU A 1 5   ? -0.913  -10.651 -13.336 1.00 61.51 ? 157 GLU A C   1 
ATOM   13   O  O   . GLU A 1 5   ? -1.088  -9.502  -12.932 1.00 56.41 ? 157 GLU A O   1 
ATOM   14   C  CB  . GLU A 1 5   ? -2.558  -12.331 -12.503 1.00 71.52 ? 157 GLU A CB  1 
ATOM   15   C  CG  . GLU A 1 5   ? -3.272  -11.473 -11.477 1.00 72.95 ? 157 GLU A CG  1 
ATOM   16   C  CD  . GLU A 1 5   ? -3.695  -12.251 -10.250 1.00 74.43 ? 157 GLU A CD  1 
ATOM   17   O  OE1 . GLU A 1 5   ? -2.899  -13.075 -9.752  1.00 76.75 ? 157 GLU A OE1 1 
ATOM   18   O  OE2 . GLU A 1 5   ? -4.826  -12.024 -9.774  1.00 79.30 ? 157 GLU A OE2 1 
ATOM   19   N  N   . MET A 1 6   ? 0.286   -11.212 -13.466 1.00 55.69 ? 158 MET A N   1 
ATOM   20   C  CA  . MET A 1 6   ? 1.528   -10.477 -13.292 1.00 53.64 ? 158 MET A CA  1 
ATOM   21   C  C   . MET A 1 6   ? 1.529   -9.182  -14.101 1.00 51.71 ? 158 MET A C   1 
ATOM   22   O  O   . MET A 1 6   ? 1.911   -8.124  -13.597 1.00 46.66 ? 158 MET A O   1 
ATOM   23   C  CB  . MET A 1 6   ? 2.688   -11.352 -13.744 1.00 56.77 ? 158 MET A CB  1 
ATOM   24   C  CG  . MET A 1 6   ? 3.965   -11.129 -12.989 1.00 58.87 ? 158 MET A CG  1 
ATOM   25   S  SD  . MET A 1 6   ? 5.313   -11.987 -13.812 1.00 64.19 ? 158 MET A SD  1 
ATOM   26   C  CE  . MET A 1 6   ? 6.642   -11.284 -12.881 1.00 63.96 ? 158 MET A CE  1 
ATOM   27   N  N   . GLY A 1 7   ? 1.099   -9.277  -15.358 1.00 47.77 ? 159 GLY A N   1 
ATOM   28   C  CA  . GLY A 1 7   ? 1.018   -8.124  -16.245 1.00 44.32 ? 159 GLY A CA  1 
ATOM   29   C  C   . GLY A 1 7   ? 0.138   -7.017  -15.707 1.00 43.56 ? 159 GLY A C   1 
ATOM   30   O  O   . GLY A 1 7   ? 0.471   -5.836  -15.834 1.00 43.43 ? 159 GLY A O   1 
ATOM   31   N  N   . THR A 1 8   ? -0.985  -7.384  -15.098 1.00 40.95 ? 160 THR A N   1 
ATOM   32   C  CA  . THR A 1 8   ? -1.870  -6.393  -14.507 1.00 41.74 ? 160 THR A CA  1 
ATOM   33   C  C   . THR A 1 8   ? -1.152  -5.589  -13.430 1.00 38.24 ? 160 THR A C   1 
ATOM   34   O  O   . THR A 1 8   ? -1.256  -4.371  -13.401 1.00 35.08 ? 160 THR A O   1 
ATOM   35   C  CB  . THR A 1 8   ? -3.121  -7.010  -13.855 1.00 44.72 ? 160 THR A CB  1 
ATOM   36   O  OG1 . THR A 1 8   ? -3.693  -7.998  -14.725 1.00 47.41 ? 160 THR A OG1 1 
ATOM   37   C  CG2 . THR A 1 8   ? -4.161  -5.911  -13.567 1.00 45.48 ? 160 THR A CG2 1 
ATOM   38   N  N   . TYR A 1 9   ? -0.449  -6.276  -12.537 1.00 36.56 ? 161 TYR A N   1 
ATOM   39   C  CA  . TYR A 1 9   ? 0.230   -5.586  -11.426 1.00 37.01 ? 161 TYR A CA  1 
ATOM   40   C  C   . TYR A 1 9   ? 1.421   -4.764  -11.901 1.00 36.51 ? 161 TYR A C   1 
ATOM   41   O  O   . TYR A 1 9   ? 1.582   -3.607  -11.500 1.00 34.40 ? 161 TYR A O   1 
ATOM   42   C  CB  . TYR A 1 9   ? 0.667   -6.580  -10.350 1.00 37.12 ? 161 TYR A CB  1 
ATOM   43   C  CG  . TYR A 1 9   ? -0.496  -7.345  -9.758  1.00 38.27 ? 161 TYR A CG  1 
ATOM   44   C  CD1 . TYR A 1 9   ? -1.655  -6.689  -9.353  1.00 42.25 ? 161 TYR A CD1 1 
ATOM   45   C  CD2 . TYR A 1 9   ? -0.448  -8.722  -9.621  1.00 43.23 ? 161 TYR A CD2 1 
ATOM   46   C  CE1 . TYR A 1 9   ? -2.729  -7.387  -8.825  1.00 42.68 ? 161 TYR A CE1 1 
ATOM   47   C  CE2 . TYR A 1 9   ? -1.516  -9.432  -9.095  1.00 44.46 ? 161 TYR A CE2 1 
ATOM   48   C  CZ  . TYR A 1 9   ? -2.651  -8.759  -8.704  1.00 44.59 ? 161 TYR A CZ  1 
ATOM   49   O  OH  . TYR A 1 9   ? -3.701  -9.469  -8.179  1.00 47.85 ? 161 TYR A OH  1 
ATOM   50   N  N   . LEU A 1 10  ? 2.249   -5.353  -12.756 1.00 34.44 ? 162 LEU A N   1 
ATOM   51   C  CA  . LEU A 1 10  ? 3.422   -4.641  -13.269 1.00 34.12 ? 162 LEU A CA  1 
ATOM   52   C  C   . LEU A 1 10  ? 3.039   -3.433  -14.081 1.00 34.80 ? 162 LEU A C   1 
ATOM   53   O  O   . LEU A 1 10  ? 3.707   -2.395  -14.016 1.00 34.15 ? 162 LEU A O   1 
ATOM   54   C  CB  . LEU A 1 10  ? 4.304   -5.572  -14.092 1.00 33.98 ? 162 LEU A CB  1 
ATOM   55   C  CG  . LEU A 1 10  ? 4.973   -6.680  -13.280 1.00 34.82 ? 162 LEU A CG  1 
ATOM   56   C  CD1 . LEU A 1 10  ? 5.885   -7.477  -14.192 1.00 35.38 ? 162 LEU A CD1 1 
ATOM   57   C  CD2 . LEU A 1 10  ? 5.776   -6.116  -12.115 1.00 35.13 ? 162 LEU A CD2 1 
ATOM   58   N  N   . ARG A 1 11  ? 1.941   -3.543  -14.828 1.00 36.14 ? 163 ARG A N   1 
ATOM   59   C  CA  . ARG A 1 11  ? 1.431   -2.391  -15.541 1.00 37.75 ? 163 ARG A CA  1 
ATOM   60   C  C   . ARG A 1 11  ? 1.214   -1.223  -14.586 1.00 36.80 ? 163 ARG A C   1 
ATOM   61   O  O   . ARG A 1 11  ? 1.554   -0.086  -14.904 1.00 35.29 ? 163 ARG A O   1 
ATOM   62   C  CB  . ARG A 1 11  ? 0.127   -2.728  -16.283 1.00 42.23 ? 163 ARG A CB  1 
ATOM   63   C  CG  . ARG A 1 11  ? 0.184   -2.414  -17.771 1.00 47.92 ? 163 ARG A CG  1 
ATOM   64   C  CD  . ARG A 1 11  ? -0.758  -3.311  -18.572 1.00 49.75 ? 163 ARG A CD  1 
ATOM   65   N  NE  . ARG A 1 11  ? -0.103  -4.578  -18.898 1.00 53.80 ? 163 ARG A NE  1 
ATOM   66   C  CZ  . ARG A 1 11  ? -0.713  -5.756  -19.015 1.00 57.53 ? 163 ARG A CZ  1 
ATOM   67   N  NH1 . ARG A 1 11  ? -2.026  -5.879  -18.831 1.00 58.77 ? 163 ARG A NH1 1 
ATOM   68   N  NH2 . ARG A 1 11  ? 0.007   -6.835  -19.308 1.00 61.47 ? 163 ARG A NH2 1 
ATOM   69   N  N   . PHE A 1 12  ? 0.644   -1.495  -13.412 1.00 36.70 ? 164 PHE A N   1 
ATOM   70   C  CA  . PHE A 1 12  ? 0.421   -0.433  -12.425 1.00 38.19 ? 164 PHE A CA  1 
ATOM   71   C  C   . PHE A 1 12  ? 1.736   0.163   -11.982 1.00 36.44 ? 164 PHE A C   1 
ATOM   72   O  O   . PHE A 1 12  ? 1.852   1.371   -11.794 1.00 34.86 ? 164 PHE A O   1 
ATOM   73   C  CB  . PHE A 1 12  ? -0.294  -0.960  -11.170 1.00 39.23 ? 164 PHE A CB  1 
ATOM   74   C  CG  . PHE A 1 12  ? -1.753  -1.232  -11.367 1.00 42.92 ? 164 PHE A CG  1 
ATOM   75   C  CD1 . PHE A 1 12  ? -2.581  -0.272  -11.947 1.00 46.17 ? 164 PHE A CD1 1 
ATOM   76   C  CD2 . PHE A 1 12  ? -2.311  -2.425  -10.935 1.00 44.40 ? 164 PHE A CD2 1 
ATOM   77   C  CE1 . PHE A 1 12  ? -3.932  -0.515  -12.119 1.00 48.14 ? 164 PHE A CE1 1 
ATOM   78   C  CE2 . PHE A 1 12  ? -3.661  -2.673  -11.102 1.00 46.53 ? 164 PHE A CE2 1 
ATOM   79   C  CZ  . PHE A 1 12  ? -4.474  -1.721  -11.697 1.00 47.25 ? 164 PHE A CZ  1 
ATOM   80   N  N   . ILE A 1 13  ? 2.721   -0.701  -11.780 1.00 34.38 ? 165 ILE A N   1 
ATOM   81   C  CA  . ILE A 1 13  ? 4.006   -0.260  -11.263 1.00 33.52 ? 165 ILE A CA  1 
ATOM   82   C  C   . ILE A 1 13  ? 4.761   0.589   -12.286 1.00 34.03 ? 165 ILE A C   1 
ATOM   83   O  O   . ILE A 1 13  ? 5.364   1.595   -11.939 1.00 34.02 ? 165 ILE A O   1 
ATOM   84   C  CB  . ILE A 1 13  ? 4.839   -1.475  -10.792 1.00 31.32 ? 165 ILE A CB  1 
ATOM   85   C  CG1 . ILE A 1 13  ? 4.159   -2.089  -9.556  1.00 31.15 ? 165 ILE A CG1 1 
ATOM   86   C  CG2 . ILE A 1 13  ? 6.264   -1.058  -10.469 1.00 30.78 ? 165 ILE A CG2 1 
ATOM   87   C  CD1 . ILE A 1 13  ? 4.817   -3.335  -9.009  1.00 30.71 ? 165 ILE A CD1 1 
ATOM   88   N  N   . VAL A 1 14  ? 4.732   0.183   -13.550 1.00 37.89 ? 166 VAL A N   1 
ATOM   89   C  CA  . VAL A 1 14  ? 5.446   0.920   -14.597 1.00 38.68 ? 166 VAL A CA  1 
ATOM   90   C  C   . VAL A 1 14  ? 4.792   2.262   -14.842 1.00 41.01 ? 166 VAL A C   1 
ATOM   91   O  O   . VAL A 1 14  ? 5.467   3.285   -14.951 1.00 40.84 ? 166 VAL A O   1 
ATOM   92   C  CB  . VAL A 1 14  ? 5.475   0.153   -15.922 1.00 39.74 ? 166 VAL A CB  1 
ATOM   93   C  CG1 . VAL A 1 14  ? 6.078   1.017   -17.029 1.00 40.80 ? 166 VAL A CG1 1 
ATOM   94   C  CG2 . VAL A 1 14  ? 6.284   -1.105  -15.754 1.00 38.88 ? 166 VAL A CG2 1 
ATOM   95   N  N   . SER A 1 15  ? 3.469   2.241   -14.929 1.00 44.57 ? 167 SER A N   1 
ATOM   96   C  CA  . SER A 1 15  ? 2.693   3.455   -15.085 1.00 47.65 ? 167 SER A CA  1 
ATOM   97   C  C   . SER A 1 15  ? 3.085   4.464   -14.015 1.00 49.08 ? 167 SER A C   1 
ATOM   98   O  O   . SER A 1 15  ? 3.400   5.608   -14.336 1.00 54.05 ? 167 SER A O   1 
ATOM   99   C  CB  . SER A 1 15  ? 1.196   3.141   -15.028 1.00 49.01 ? 167 SER A CB  1 
ATOM   100  O  OG  . SER A 1 15  ? 0.458   4.315   -14.779 1.00 54.20 ? 167 SER A OG  1 
ATOM   101  N  N   . ARG A 1 16  ? 3.105   4.040   -12.753 1.00 49.70 ? 168 ARG A N   1 
ATOM   102  C  CA  . ARG A 1 16  ? 3.585   4.909   -11.666 1.00 50.87 ? 168 ARG A CA  1 
ATOM   103  C  C   . ARG A 1 16  ? 5.086   5.171   -11.742 1.00 52.07 ? 168 ARG A C   1 
ATOM   104  O  O   . ARG A 1 16  ? 5.565   6.171   -11.218 1.00 53.69 ? 168 ARG A O   1 
ATOM   105  C  CB  . ARG A 1 16  ? 3.239   4.329   -10.292 1.00 49.73 ? 168 ARG A CB  1 
ATOM   106  C  CG  . ARG A 1 16  ? 1.833   4.674   -9.828  1.00 50.85 ? 168 ARG A CG  1 
ATOM   107  C  CD  . ARG A 1 16  ? 1.325   3.702   -8.766  1.00 48.00 ? 168 ARG A CD  1 
ATOM   108  N  NE  . ARG A 1 16  ? 1.843   4.019   -7.435  0.50 46.24 ? 168 ARG A NE  1 
ATOM   109  C  CZ  . ARG A 1 16  ? 1.111   4.111   -6.324  0.50 46.77 ? 168 ARG A CZ  1 
ATOM   110  N  NH1 . ARG A 1 16  ? -0.205  3.899   -6.328  0.50 46.20 ? 168 ARG A NH1 1 
ATOM   111  N  NH2 . ARG A 1 16  ? 1.709   4.411   -5.180  0.50 46.90 ? 168 ARG A NH2 1 
ATOM   112  N  N   . MET A 1 17  ? 5.830   4.272   -12.379 1.00 55.03 ? 169 MET A N   1 
ATOM   113  C  CA  . MET A 1 17  ? 7.266   4.481   -12.576 1.00 57.21 ? 169 MET A CA  1 
ATOM   114  C  C   . MET A 1 17  ? 7.472   5.762   -13.378 1.00 57.99 ? 169 MET A C   1 
ATOM   115  O  O   . MET A 1 17  ? 8.393   6.530   -13.112 1.00 57.74 ? 169 MET A O   1 
ATOM   116  C  CB  . MET A 1 17  ? 7.903   3.291   -13.309 1.00 57.24 ? 169 MET A CB  1 
ATOM   117  C  CG  . MET A 1 17  ? 9.251   2.861   -12.764 1.00 57.38 ? 169 MET A CG  1 
ATOM   118  S  SD  . MET A 1 17  ? 9.898   1.412   -13.630 1.00 56.28 ? 169 MET A SD  1 
ATOM   119  C  CE  . MET A 1 17  ? 11.060  2.216   -14.708 1.00 58.37 ? 169 MET A CE  1 
ATOM   120  N  N   . LYS A 1 18  ? 6.597   5.988   -14.354 1.00 61.03 ? 170 LYS A N   1 
ATOM   121  C  CA  . LYS A 1 18  ? 6.620   7.218   -15.143 1.00 61.43 ? 170 LYS A CA  1 
ATOM   122  C  C   . LYS A 1 18  ? 6.181   8.434   -14.336 1.00 63.66 ? 170 LYS A C   1 
ATOM   123  O  O   . LYS A 1 18  ? 4.985   8.706   -14.186 1.00 66.07 ? 170 LYS A O   1 
ATOM   124  C  CB  . LYS A 1 18  ? 5.787   7.041   -16.398 1.00 62.85 ? 170 LYS A CB  1 
ATOM   125  C  CG  . LYS A 1 18  ? 6.534   6.168   -17.373 1.00 63.71 ? 170 LYS A CG  1 
ATOM   126  C  CD  . LYS A 1 18  ? 5.642   5.415   -18.322 1.00 66.03 ? 170 LYS A CD  1 
ATOM   127  C  CE  . LYS A 1 18  ? 6.480   5.001   -19.513 1.00 68.39 ? 170 LYS A CE  1 
ATOM   128  N  NZ  . LYS A 1 18  ? 5.989   3.736   -20.075 1.00 69.96 ? 170 LYS A NZ  1 
ATOM   129  N  N   . GLU A 1 19  ? 7.184   9.158   -13.833 1.00 63.72 ? 171 GLU A N   1 
ATOM   130  C  CA  . GLU A 1 19  ? 7.015   10.258  -12.884 1.00 58.57 ? 171 GLU A CA  1 
ATOM   131  C  C   . GLU A 1 19  ? 8.033   10.134  -11.740 1.00 60.08 ? 171 GLU A C   1 
ATOM   132  O  O   . GLU A 1 19  ? 9.244   10.060  -11.966 1.00 57.96 ? 171 GLU A O   1 
ATOM   133  C  CB  . GLU A 1 19  ? 5.602   10.272  -12.303 1.00 55.89 ? 171 GLU A CB  1 
ATOM   134  N  N   . VAL A 1 44  ? 18.956  -0.277  -21.472 1.00 57.69 ? 196 VAL A N   1 
ATOM   135  C  CA  . VAL A 1 44  ? 17.640  -0.489  -20.880 1.00 57.14 ? 196 VAL A CA  1 
ATOM   136  C  C   . VAL A 1 44  ? 17.048  0.825   -20.331 1.00 52.61 ? 196 VAL A C   1 
ATOM   137  O  O   . VAL A 1 44  ? 17.769  1.675   -19.810 1.00 55.05 ? 196 VAL A O   1 
ATOM   138  C  CB  . VAL A 1 44  ? 17.710  -1.567  -19.775 1.00 58.50 ? 196 VAL A CB  1 
ATOM   139  C  CG1 . VAL A 1 44  ? 18.028  -0.951  -18.417 1.00 60.12 ? 196 VAL A CG1 1 
ATOM   140  C  CG2 . VAL A 1 44  ? 16.413  -2.357  -19.711 1.00 58.28 ? 196 VAL A CG2 1 
ATOM   141  N  N   . ASP A 1 45  ? 15.735  0.975   -20.456 1.00 48.36 ? 197 ASP A N   1 
ATOM   142  C  CA  . ASP A 1 45  ? 15.036  2.181   -20.015 1.00 48.28 ? 197 ASP A CA  1 
ATOM   143  C  C   . ASP A 1 45  ? 13.572  1.862   -19.722 1.00 45.11 ? 197 ASP A C   1 
ATOM   144  O  O   . ASP A 1 45  ? 13.123  0.732   -19.919 1.00 42.40 ? 197 ASP A O   1 
ATOM   145  C  CB  . ASP A 1 45  ? 15.133  3.268   -21.094 1.00 51.25 ? 197 ASP A CB  1 
ATOM   146  C  CG  . ASP A 1 45  ? 14.730  2.761   -22.465 1.00 53.95 ? 197 ASP A CG  1 
ATOM   147  O  OD1 . ASP A 1 45  ? 13.649  2.155   -22.591 1.00 54.32 ? 197 ASP A OD1 1 
ATOM   148  O  OD2 . ASP A 1 45  ? 15.506  2.964   -23.422 1.00 60.04 ? 197 ASP A OD2 1 
ATOM   149  N  N   . VAL A 1 46  ? 12.823  2.862   -19.278 1.00 44.26 ? 198 VAL A N   1 
ATOM   150  C  CA  . VAL A 1 46  ? 11.428  2.650   -18.890 1.00 44.39 ? 198 VAL A CA  1 
ATOM   151  C  C   . VAL A 1 46  ? 10.519  2.191   -20.047 1.00 43.64 ? 198 VAL A C   1 
ATOM   152  O  O   . VAL A 1 46  ? 9.661   1.325   -19.849 1.00 42.27 ? 198 VAL A O   1 
ATOM   153  C  CB  . VAL A 1 46  ? 10.853  3.900   -18.191 1.00 45.40 ? 198 VAL A CB  1 
ATOM   154  C  CG1 . VAL A 1 46  ? 9.436   3.633   -17.695 1.00 46.76 ? 198 VAL A CG1 1 
ATOM   155  C  CG2 . VAL A 1 46  ? 11.760  4.311   -17.033 1.00 45.62 ? 198 VAL A CG2 1 
ATOM   156  N  N   . PRO A 1 47  ? 10.690  2.765   -21.257 1.00 44.98 ? 199 PRO A N   1 
ATOM   157  C  CA  . PRO A 1 47  ? 9.910   2.247   -22.397 1.00 44.67 ? 199 PRO A CA  1 
ATOM   158  C  C   . PRO A 1 47  ? 10.193  0.770   -22.718 1.00 43.40 ? 199 PRO A C   1 
ATOM   159  O  O   . PRO A 1 47  ? 9.270   0.014   -23.010 1.00 44.73 ? 199 PRO A O   1 
ATOM   160  C  CB  . PRO A 1 47  ? 10.351  3.147   -23.561 1.00 45.98 ? 199 PRO A CB  1 
ATOM   161  C  CG  . PRO A 1 47  ? 10.729  4.432   -22.905 1.00 45.65 ? 199 PRO A CG  1 
ATOM   162  C  CD  . PRO A 1 47  ? 11.319  4.064   -21.569 1.00 45.66 ? 199 PRO A CD  1 
ATOM   163  N  N   . THR A 1 48  ? 11.457  0.374   -22.654 1.00 41.17 ? 200 THR A N   1 
ATOM   164  C  CA  . THR A 1 48  ? 11.822  -1.026  -22.804 1.00 43.05 ? 200 THR A CA  1 
ATOM   165  C  C   . THR A 1 48  ? 11.126  -1.894  -21.742 1.00 40.60 ? 200 THR A C   1 
ATOM   166  O  O   . THR A 1 48  ? 10.510  -2.912  -22.054 1.00 39.50 ? 200 THR A O   1 
ATOM   167  C  CB  . THR A 1 48  ? 13.341  -1.200  -22.672 1.00 44.88 ? 200 THR A CB  1 
ATOM   168  O  OG1 . THR A 1 48  ? 13.995  -0.280  -23.557 1.00 48.81 ? 200 THR A OG1 1 
ATOM   169  C  CG2 . THR A 1 48  ? 13.763  -2.624  -23.007 1.00 44.30 ? 200 THR A CG2 1 
ATOM   170  N  N   . ILE A 1 49  ? 11.223  -1.472  -20.489 1.00 37.62 ? 201 ILE A N   1 
ATOM   171  C  CA  . ILE A 1 49  ? 10.627  -2.230  -19.400 1.00 36.18 ? 201 ILE A CA  1 
ATOM   172  C  C   . ILE A 1 49  ? 9.123   -2.325  -19.612 1.00 34.74 ? 201 ILE A C   1 
ATOM   173  O  O   . ILE A 1 49  ? 8.534   -3.384  -19.429 1.00 36.91 ? 201 ILE A O   1 
ATOM   174  C  CB  . ILE A 1 49  ? 10.949  -1.599  -18.018 1.00 34.37 ? 201 ILE A CB  1 
ATOM   175  C  CG1 . ILE A 1 49  ? 12.438  -1.788  -17.715 1.00 35.32 ? 201 ILE A CG1 1 
ATOM   176  C  CG2 . ILE A 1 49  ? 10.080  -2.233  -16.930 1.00 32.91 ? 201 ILE A CG2 1 
ATOM   177  C  CD1 . ILE A 1 49  ? 12.971  -1.021  -16.521 1.00 35.69 ? 201 ILE A CD1 1 
ATOM   178  N  N   . GLN A 1 50  ? 8.503   -1.224  -20.013 1.00 37.98 ? 202 GLN A N   1 
ATOM   179  C  CA  . GLN A 1 50  ? 7.066   -1.219  -20.234 1.00 38.98 ? 202 GLN A CA  1 
ATOM   180  C  C   . GLN A 1 50  ? 6.667   -2.245  -21.284 1.00 38.90 ? 202 GLN A C   1 
ATOM   181  O  O   . GLN A 1 50  ? 5.678   -2.971  -21.117 1.00 36.45 ? 202 GLN A O   1 
ATOM   182  C  CB  . GLN A 1 50  ? 6.572   0.164   -20.670 1.00 42.63 ? 202 GLN A CB  1 
ATOM   183  C  CG  . GLN A 1 50  ? 5.142   0.130   -21.192 1.00 46.35 ? 202 GLN A CG  1 
ATOM   184  C  CD  . GLN A 1 50  ? 4.368   1.382   -20.882 1.00 52.03 ? 202 GLN A CD  1 
ATOM   185  O  OE1 . GLN A 1 50  ? 3.631   1.447   -19.889 1.00 55.85 ? 202 GLN A OE1 1 
ATOM   186  N  NE2 . GLN A 1 50  ? 4.530   2.390   -21.725 1.00 53.13 ? 202 GLN A NE2 1 
ATOM   187  N  N   . GLU A 1 51  ? 7.417   -2.303  -22.379 1.00 40.72 ? 203 GLU A N   1 
ATOM   188  C  CA  . GLU A 1 51  ? 7.018   -3.189  -23.459 1.00 41.83 ? 203 GLU A CA  1 
ATOM   189  C  C   . GLU A 1 51  ? 7.392   -4.615  -23.100 1.00 39.65 ? 203 GLU A C   1 
ATOM   190  O  O   . GLU A 1 51  ? 6.696   -5.544  -23.485 1.00 43.88 ? 203 GLU A O   1 
ATOM   191  C  CB  . GLU A 1 51  ? 7.582   -2.744  -24.826 1.00 43.93 ? 203 GLU A CB  1 
ATOM   192  C  CG  . GLU A 1 51  ? 7.074   -1.384  -25.343 1.00 45.73 ? 203 GLU A CG  1 
ATOM   193  C  CD  . GLU A 1 51  ? 5.571   -1.111  -25.155 1.00 48.71 ? 203 GLU A CD  1 
ATOM   194  O  OE1 . GLU A 1 51  ? 5.208   0.086   -25.011 1.00 50.84 ? 203 GLU A OE1 1 
ATOM   195  O  OE2 . GLU A 1 51  ? 4.737   -2.054  -25.157 1.00 49.42 ? 203 GLU A OE2 1 
ATOM   196  N  N   . LYS A 1 52  ? 8.452   -4.793  -22.322 1.00 40.50 ? 204 LYS A N   1 
ATOM   197  C  CA  . LYS A 1 52  ? 8.754   -6.122  -21.789 1.00 38.94 ? 204 LYS A CA  1 
ATOM   198  C  C   . LYS A 1 52  ? 7.596   -6.622  -20.920 1.00 38.64 ? 204 LYS A C   1 
ATOM   199  O  O   . LYS A 1 52  ? 7.198   -7.776  -21.023 1.00 38.47 ? 204 LYS A O   1 
ATOM   200  C  CB  . LYS A 1 52  ? 10.075  -6.130  -21.024 1.00 39.64 ? 204 LYS A CB  1 
ATOM   201  C  CG  . LYS A 1 52  ? 11.279  -6.275  -21.932 1.00 39.99 ? 204 LYS A CG  1 
ATOM   202  C  CD  . LYS A 1 52  ? 12.595  -6.221  -21.171 1.00 39.81 ? 204 LYS A CD  1 
ATOM   203  C  CE  . LYS A 1 52  ? 12.917  -7.555  -20.519 1.00 39.13 ? 204 LYS A CE  1 
ATOM   204  N  NZ  . LYS A 1 52  ? 14.310  -7.588  -20.024 1.00 38.93 ? 204 LYS A NZ  1 
ATOM   205  N  N   . VAL A 1 53  ? 7.034   -5.748  -20.091 1.00 40.23 ? 205 VAL A N   1 
ATOM   206  C  CA  . VAL A 1 53  ? 5.849   -6.110  -19.302 1.00 39.53 ? 205 VAL A CA  1 
ATOM   207  C  C   . VAL A 1 53  ? 4.702   -6.535  -20.210 1.00 40.70 ? 205 VAL A C   1 
ATOM   208  O  O   . VAL A 1 53  ? 4.114   -7.590  -20.019 1.00 39.64 ? 205 VAL A O   1 
ATOM   209  C  CB  . VAL A 1 53  ? 5.360   -4.949  -18.411 1.00 38.89 ? 205 VAL A CB  1 
ATOM   210  C  CG1 . VAL A 1 53  ? 3.958   -5.219  -17.877 1.00 38.53 ? 205 VAL A CG1 1 
ATOM   211  C  CG2 . VAL A 1 53  ? 6.325   -4.738  -17.254 1.00 38.99 ? 205 VAL A CG2 1 
ATOM   212  N  N   . ASN A 1 54  ? 4.391   -5.701  -21.193 1.00 41.41 ? 206 ASN A N   1 
ATOM   213  C  CA  . ASN A 1 54  ? 3.248   -5.946  -22.071 1.00 43.16 ? 206 ASN A CA  1 
ATOM   214  C  C   . ASN A 1 54  ? 3.419   -7.215  -22.902 1.00 42.19 ? 206 ASN A C   1 
ATOM   215  O  O   . ASN A 1 54  ? 2.460   -7.943  -23.128 1.00 39.99 ? 206 ASN A O   1 
ATOM   216  C  CB  . ASN A 1 54  ? 3.010   -4.733  -22.967 1.00 43.54 ? 206 ASN A CB  1 
ATOM   217  C  CG  . ASN A 1 54  ? 2.496   -3.531  -22.189 1.00 43.65 ? 206 ASN A CG  1 
ATOM   218  O  OD1 . ASN A 1 54  ? 1.875   -3.678  -21.132 1.00 46.10 ? 206 ASN A OD1 1 
ATOM   219  N  ND2 . ASN A 1 54  ? 2.750   -2.339  -22.704 1.00 42.81 ? 206 ASN A ND2 1 
ATOM   220  N  N   . GLU A 1 55  ? 4.651   -7.506  -23.304 1.00 42.67 ? 207 GLU A N   1 
ATOM   221  C  CA  . GLU A 1 55  ? 4.926   -8.710  -24.097 1.00 44.91 ? 207 GLU A CA  1 
ATOM   222  C  C   . GLU A 1 55  ? 5.260   -9.935  -23.240 1.00 46.49 ? 207 GLU A C   1 
ATOM   223  O  O   . GLU A 1 55  ? 5.763   -10.932 -23.755 1.00 51.65 ? 207 GLU A O   1 
ATOM   224  C  CB  . GLU A 1 55  ? 6.063   -8.426  -25.070 1.00 43.84 ? 207 GLU A CB  1 
ATOM   225  C  CG  . GLU A 1 55  ? 5.815   -7.217  -25.963 1.00 42.38 ? 207 GLU A CG  1 
ATOM   226  C  CD  . GLU A 1 55  ? 7.077   -6.726  -26.641 1.00 41.28 ? 207 GLU A CD  1 
ATOM   227  O  OE1 . GLU A 1 55  ? 8.058   -7.493  -26.704 1.00 44.24 ? 207 GLU A OE1 1 
ATOM   228  O  OE2 . GLU A 1 55  ? 7.094   -5.575  -27.114 1.00 42.90 ? 207 GLU A OE2 1 
ATOM   229  N  N   . GLY A 1 56  ? 4.988   -9.860  -21.939 1.00 44.52 ? 208 GLY A N   1 
ATOM   230  C  CA  . GLY A 1 56  ? 5.192   -10.988 -21.028 1.00 43.52 ? 208 GLY A CA  1 
ATOM   231  C  C   . GLY A 1 56  ? 6.621   -11.494 -20.953 1.00 43.76 ? 208 GLY A C   1 
ATOM   232  O  O   . GLY A 1 56  ? 6.847   -12.694 -20.787 1.00 50.02 ? 208 GLY A O   1 
ATOM   233  N  N   . LYS A 1 57  ? 7.593   -10.593 -21.073 1.00 43.64 ? 209 LYS A N   1 
ATOM   234  C  CA  . LYS A 1 57  ? 9.001   -10.985 -21.078 1.00 42.38 ? 209 LYS A CA  1 
ATOM   235  C  C   . LYS A 1 57  ? 9.539   -11.316 -19.688 1.00 43.95 ? 209 LYS A C   1 
ATOM   236  O  O   . LYS A 1 57  ? 10.569  -11.979 -19.566 1.00 43.93 ? 209 LYS A O   1 
ATOM   237  C  CB  . LYS A 1 57  ? 9.868   -9.896  -21.702 1.00 44.69 ? 209 LYS A CB  1 
ATOM   238  C  CG  . LYS A 1 57  ? 9.570   -9.611  -23.166 1.00 44.42 ? 209 LYS A CG  1 
ATOM   239  C  CD  . LYS A 1 57  ? 9.792   -10.855 -24.003 1.00 42.23 ? 209 LYS A CD  1 
ATOM   240  C  CE  . LYS A 1 57  ? 9.872   -10.524 -25.480 1.00 40.76 ? 209 LYS A CE  1 
ATOM   241  N  NZ  . LYS A 1 57  ? 9.918   -11.806 -26.232 1.00 40.31 ? 209 LYS A NZ  1 
ATOM   242  N  N   . TYR A 1 58  ? 8.855   -10.871 -18.640 1.00 40.55 ? 210 TYR A N   1 
ATOM   243  C  CA  . TYR A 1 58  ? 9.311   -11.161 -17.284 1.00 41.19 ? 210 TYR A CA  1 
ATOM   244  C  C   . TYR A 1 58  ? 8.706   -12.460 -16.768 1.00 41.66 ? 210 TYR A C   1 
ATOM   245  O  O   . TYR A 1 58  ? 7.505   -12.557 -16.602 1.00 42.58 ? 210 TYR A O   1 
ATOM   246  C  CB  . TYR A 1 58  ? 8.974   -10.004 -16.348 1.00 38.25 ? 210 TYR A CB  1 
ATOM   247  C  CG  . TYR A 1 58  ? 9.723   -8.746  -16.726 1.00 38.16 ? 210 TYR A CG  1 
ATOM   248  C  CD1 . TYR A 1 58  ? 11.098  -8.677  -16.590 1.00 36.76 ? 210 TYR A CD1 1 
ATOM   249  C  CD2 . TYR A 1 58  ? 9.057   -7.646  -17.245 1.00 35.94 ? 210 TYR A CD2 1 
ATOM   250  C  CE1 . TYR A 1 58  ? 11.791  -7.545  -16.946 1.00 37.20 ? 210 TYR A CE1 1 
ATOM   251  C  CE2 . TYR A 1 58  ? 9.743   -6.506  -17.603 1.00 34.64 ? 210 TYR A CE2 1 
ATOM   252  C  CZ  . TYR A 1 58  ? 11.102  -6.463  -17.448 1.00 34.43 ? 210 TYR A CZ  1 
ATOM   253  O  OH  . TYR A 1 58  ? 11.789  -5.340  -17.799 1.00 33.97 ? 210 TYR A OH  1 
ATOM   254  N  N   . ARG A 1 59  ? 9.550   -13.450 -16.511 1.00 45.99 ? 211 ARG A N   1 
ATOM   255  C  CA  . ARG A 1 59  ? 9.082   -14.719 -15.950 1.00 50.82 ? 211 ARG A CA  1 
ATOM   256  C  C   . ARG A 1 59  ? 8.723   -14.602 -14.462 1.00 48.94 ? 211 ARG A C   1 
ATOM   257  O  O   . ARG A 1 59  ? 7.939   -15.405 -13.953 1.00 48.12 ? 211 ARG A O   1 
ATOM   258  C  CB  . ARG A 1 59  ? 10.136  -15.813 -16.141 1.00 56.40 ? 211 ARG A CB  1 
ATOM   259  C  CG  . ARG A 1 59  ? 10.470  -16.119 -17.599 1.00 62.09 ? 211 ARG A CG  1 
ATOM   260  C  CD  . ARG A 1 59  ? 11.533  -17.212 -17.698 1.00 68.76 ? 211 ARG A CD  1 
ATOM   261  N  NE  . ARG A 1 59  ? 10.977  -18.518 -18.074 1.00 75.59 ? 211 ARG A NE  1 
ATOM   262  C  CZ  . ARG A 1 59  ? 11.467  -19.707 -17.704 1.00 78.99 ? 211 ARG A CZ  1 
ATOM   263  N  NH1 . ARG A 1 59  ? 12.531  -19.800 -16.909 1.00 81.61 ? 211 ARG A NH1 1 
ATOM   264  N  NH2 . ARG A 1 59  ? 10.875  -20.823 -18.125 1.00 79.39 ? 211 ARG A NH2 1 
ATOM   265  N  N   . SER A 1 60  ? 9.297   -13.617 -13.770 1.00 46.09 ? 212 SER A N   1 
ATOM   266  C  CA  . SER A 1 60  ? 9.047   -13.431 -12.340 1.00 44.44 ? 212 SER A CA  1 
ATOM   267  C  C   . SER A 1 60  ? 9.215   -11.981 -11.900 1.00 42.20 ? 212 SER A C   1 
ATOM   268  O  O   . SER A 1 60  ? 9.759   -11.141 -12.632 1.00 40.81 ? 212 SER A O   1 
ATOM   269  C  CB  . SER A 1 60  ? 9.991   -14.292 -11.523 1.00 44.48 ? 212 SER A CB  1 
ATOM   270  O  OG  . SER A 1 60  ? 11.305  -13.776 -11.601 1.00 45.93 ? 212 SER A OG  1 
ATOM   271  N  N   . TYR A 1 61  ? 8.720   -11.681 -10.706 1.00 38.57 ? 213 TYR A N   1 
ATOM   272  C  CA  . TYR A 1 61  ? 8.853   -10.326 -10.173 1.00 37.48 ? 213 TYR A CA  1 
ATOM   273  C  C   . TYR A 1 61  ? 10.313  -9.995  -9.980  1.00 35.85 ? 213 TYR A C   1 
ATOM   274  O  O   . TYR A 1 61  ? 10.712  -8.835  -10.106 1.00 36.21 ? 213 TYR A O   1 
ATOM   275  C  CB  . TYR A 1 61  ? 8.077   -10.146 -8.865  1.00 36.74 ? 213 TYR A CB  1 
ATOM   276  C  CG  . TYR A 1 61  ? 6.594   -10.128 -9.097  1.00 39.05 ? 213 TYR A CG  1 
ATOM   277  C  CD1 . TYR A 1 61  ? 6.014   -9.124  -9.845  1.00 38.62 ? 213 TYR A CD1 1 
ATOM   278  C  CD2 . TYR A 1 61  ? 5.775   -11.134 -8.609  1.00 41.63 ? 213 TYR A CD2 1 
ATOM   279  C  CE1 . TYR A 1 61  ? 4.663   -9.104  -10.093 1.00 38.71 ? 213 TYR A CE1 1 
ATOM   280  C  CE2 . TYR A 1 61  ? 4.409   -11.120 -8.848  1.00 41.39 ? 213 TYR A CE2 1 
ATOM   281  C  CZ  . TYR A 1 61  ? 3.865   -10.100 -9.596  1.00 39.62 ? 213 TYR A CZ  1 
ATOM   282  O  OH  . TYR A 1 61  ? 2.525   -10.062 -9.852  1.00 38.42 ? 213 TYR A OH  1 
ATOM   283  N  N   . GLU A 1 62  ? 11.113  -11.019 -9.704  1.00 37.47 ? 214 GLU A N   1 
ATOM   284  C  CA  . GLU A 1 62  ? 12.542  -10.836 -9.489  1.00 41.12 ? 214 GLU A CA  1 
ATOM   285  C  C   . GLU A 1 62  ? 13.236  -10.401 -10.790 1.00 39.62 ? 214 GLU A C   1 
ATOM   286  O  O   . GLU A 1 62  ? 14.164  -9.607  -10.751 1.00 33.11 ? 214 GLU A O   1 
ATOM   287  C  CB  . GLU A 1 62  ? 13.181  -12.123 -8.932  1.00 44.97 ? 214 GLU A CB  1 
ATOM   288  C  CG  . GLU A 1 62  ? 12.800  -12.464 -7.488  1.00 49.58 ? 214 GLU A CG  1 
ATOM   289  C  CD  . GLU A 1 62  ? 11.304  -12.730 -7.278  1.00 54.35 ? 214 GLU A CD  1 
ATOM   290  O  OE1 . GLU A 1 62  ? 10.675  -13.435 -8.104  1.00 54.67 ? 214 GLU A OE1 1 
ATOM   291  O  OE2 . GLU A 1 62  ? 10.748  -12.225 -6.271  1.00 61.24 ? 214 GLU A OE2 1 
ATOM   292  N  N   . GLU A 1 63  ? 12.784  -10.927 -11.930 1.00 38.51 ? 215 GLU A N   1 
ATOM   293  C  CA  . GLU A 1 63  ? 13.318  -10.505 -13.240 1.00 37.53 ? 215 GLU A CA  1 
ATOM   294  C  C   . GLU A 1 63  ? 12.985  -9.047  -13.523 1.00 35.75 ? 215 GLU A C   1 
ATOM   295  O  O   . GLU A 1 63  ? 13.813  -8.305  -14.052 1.00 33.85 ? 215 GLU A O   1 
ATOM   296  C  CB  . GLU A 1 63  ? 12.783  -11.395 -14.371 1.00 39.30 ? 215 GLU A CB  1 
ATOM   297  C  CG  . GLU A 1 63  ? 13.610  -12.658 -14.539 1.00 43.12 ? 215 GLU A CG  1 
ATOM   298  C  CD  . GLU A 1 63  ? 13.198  -13.532 -15.714 1.00 45.67 ? 215 GLU A CD  1 
ATOM   299  O  OE1 . GLU A 1 63  ? 12.143  -13.296 -16.332 1.00 44.51 ? 215 GLU A OE1 1 
ATOM   300  O  OE2 . GLU A 1 63  ? 13.956  -14.481 -16.015 1.00 51.28 ? 215 GLU A OE2 1 
ATOM   301  N  N   . PHE A 1 64  ? 11.773  -8.645  -13.142 1.00 33.22 ? 216 PHE A N   1 
ATOM   302  C  CA  . PHE A 1 64  ? 11.343  -7.275  -13.285 1.00 31.98 ? 216 PHE A CA  1 
ATOM   303  C  C   . PHE A 1 64  ? 12.210  -6.379  -12.413 1.00 31.76 ? 216 PHE A C   1 
ATOM   304  O  O   . PHE A 1 64  ? 12.791  -5.422  -12.895 1.00 30.06 ? 216 PHE A O   1 
ATOM   305  C  CB  . PHE A 1 64  ? 9.865   -7.137  -12.933 1.00 32.35 ? 216 PHE A CB  1 
ATOM   306  C  CG  . PHE A 1 64  ? 9.388   -5.718  -12.891 1.00 33.12 ? 216 PHE A CG  1 
ATOM   307  C  CD1 . PHE A 1 64  ? 9.023   -5.060  -14.052 1.00 33.35 ? 216 PHE A CD1 1 
ATOM   308  C  CD2 . PHE A 1 64  ? 9.315   -5.037  -11.690 1.00 32.75 ? 216 PHE A CD2 1 
ATOM   309  C  CE1 . PHE A 1 64  ? 8.591   -3.757  -14.021 1.00 33.82 ? 216 PHE A CE1 1 
ATOM   310  C  CE2 . PHE A 1 64  ? 8.888   -3.728  -11.645 1.00 34.03 ? 216 PHE A CE2 1 
ATOM   311  C  CZ  . PHE A 1 64  ? 8.522   -3.080  -12.809 1.00 33.30 ? 216 PHE A CZ  1 
ATOM   312  N  N   . LYS A 1 65  ? 12.347  -6.727  -11.139 1.00 31.02 ? 217 LYS A N   1 
ATOM   313  C  CA  . LYS A 1 65  ? 13.152  -5.928  -10.235 1.00 30.80 ? 217 LYS A CA  1 
ATOM   314  C  C   . LYS A 1 65  ? 14.610  -5.778  -10.706 1.00 32.34 ? 217 LYS A C   1 
ATOM   315  O  O   . LYS A 1 65  ? 15.227  -4.734  -10.491 1.00 32.13 ? 217 LYS A O   1 
ATOM   316  C  CB  . LYS A 1 65  ? 13.093  -6.536  -8.837  1.00 32.32 ? 217 LYS A CB  1 
ATOM   317  C  CG  . LYS A 1 65  ? 13.776  -5.725  -7.751  1.00 32.78 ? 217 LYS A CG  1 
ATOM   318  C  CD  . LYS A 1 65  ? 13.434  -6.346  -6.398  1.00 37.15 ? 217 LYS A CD  1 
ATOM   319  C  CE  . LYS A 1 65  ? 14.425  -5.952  -5.314  1.00 39.39 ? 217 LYS A CE  1 
ATOM   320  N  NZ  . LYS A 1 65  ? 13.879  -6.251  -3.953  1.00 40.46 ? 217 LYS A NZ  1 
ATOM   321  N  N   . ALA A 1 66  ? 15.165  -6.821  -11.329 1.00 33.67 ? 218 ALA A N   1 
ATOM   322  C  CA  . ALA A 1 66  ? 16.554  -6.783  -11.800 1.00 33.87 ? 218 ALA A CA  1 
ATOM   323  C  C   . ALA A 1 66  ? 16.739  -5.756  -12.912 1.00 33.88 ? 218 ALA A C   1 
ATOM   324  O  O   . ALA A 1 66  ? 17.785  -5.099  -12.996 1.00 33.42 ? 218 ALA A O   1 
ATOM   325  C  CB  . ALA A 1 66  ? 17.003  -8.159  -12.278 1.00 35.42 ? 218 ALA A CB  1 
ATOM   326  N  N   . ASP A 1 67  ? 15.728  -5.609  -13.759 1.00 35.87 ? 219 ASP A N   1 
ATOM   327  C  CA  . ASP A 1 67  ? 15.770  -4.608  -14.811 1.00 34.82 ? 219 ASP A CA  1 
ATOM   328  C  C   . ASP A 1 67  ? 15.653  -3.206  -14.215 1.00 35.62 ? 219 ASP A C   1 
ATOM   329  O  O   . ASP A 1 67  ? 16.380  -2.303  -14.616 1.00 33.25 ? 219 ASP A O   1 
ATOM   330  C  CB  . ASP A 1 67  ? 14.672  -4.855  -15.853 1.00 36.35 ? 219 ASP A CB  1 
ATOM   331  C  CG  . ASP A 1 67  ? 15.191  -5.495  -17.122 1.00 39.00 ? 219 ASP A CG  1 
ATOM   332  O  OD1 . ASP A 1 67  ? 16.421  -5.678  -17.263 1.00 39.69 ? 219 ASP A OD1 1 
ATOM   333  O  OD2 . ASP A 1 67  ? 14.347  -5.797  -17.994 1.00 41.74 ? 219 ASP A OD2 1 
ATOM   334  N  N   . ALA A 1 68  ? 14.779  -3.027  -13.228 1.00 34.20 ? 220 ALA A N   1 
ATOM   335  C  CA  . ALA A 1 68  ? 14.745  -1.764  -12.486 1.00 33.34 ? 220 ALA A CA  1 
ATOM   336  C  C   . ALA A 1 68  ? 16.089  -1.475  -11.831 1.00 34.15 ? 220 ALA A C   1 
ATOM   337  O  O   . ALA A 1 68  ? 16.510  -0.324  -11.771 1.00 34.39 ? 220 ALA A O   1 
ATOM   338  C  CB  . ALA A 1 68  ? 13.648  -1.767  -11.440 1.00 33.83 ? 220 ALA A CB  1 
ATOM   339  N  N   . GLN A 1 69  ? 16.765  -2.513  -11.339 1.00 33.59 ? 221 GLN A N   1 
ATOM   340  C  CA  . GLN A 1 69  ? 18.065  -2.322  -10.687 1.00 36.67 ? 221 GLN A CA  1 
ATOM   341  C  C   . GLN A 1 69  ? 19.132  -1.936  -11.699 1.00 37.09 ? 221 GLN A C   1 
ATOM   342  O  O   . GLN A 1 69  ? 19.962  -1.069  -11.439 1.00 35.59 ? 221 GLN A O   1 
ATOM   343  C  CB  . GLN A 1 69  ? 18.508  -3.588  -9.953  1.00 37.93 ? 221 GLN A CB  1 
ATOM   344  C  CG  . GLN A 1 69  ? 19.856  -3.475  -9.234  1.00 41.97 ? 221 GLN A CG  1 
ATOM   345  C  CD  . GLN A 1 69  ? 20.366  -4.826  -8.761  1.00 45.36 ? 221 GLN A CD  1 
ATOM   346  O  OE1 . GLN A 1 69  ? 19.582  -5.710  -8.446  1.00 48.42 ? 221 GLN A OE1 1 
ATOM   347  N  NE2 . GLN A 1 69  ? 21.682  -4.998  -8.730  1.00 51.23 ? 221 GLN A NE2 1 
ATOM   348  N  N   . LEU A 1 70  ? 19.129  -2.626  -12.828 1.00 38.28 ? 222 LEU A N   1 
ATOM   349  C  CA  . LEU A 1 70  ? 20.068  -2.351  -13.910 1.00 40.41 ? 222 LEU A CA  1 
ATOM   350  C  C   . LEU A 1 70  ? 19.927  -0.907  -14.397 1.00 41.86 ? 222 LEU A C   1 
ATOM   351  O  O   . LEU A 1 70  ? 20.924  -0.205  -14.618 1.00 47.15 ? 222 LEU A O   1 
ATOM   352  C  CB  . LEU A 1 70  ? 19.808  -3.321  -15.061 1.00 41.52 ? 222 LEU A CB  1 
ATOM   353  C  CG  . LEU A 1 70  ? 20.742  -3.226  -16.270 1.00 42.74 ? 222 LEU A CG  1 
ATOM   354  C  CD1 . LEU A 1 70  ? 22.202  -3.327  -15.841 1.00 42.82 ? 222 LEU A CD1 1 
ATOM   355  C  CD2 . LEU A 1 70  ? 20.370  -4.298  -17.280 1.00 41.51 ? 222 LEU A CD2 1 
ATOM   356  N  N   . LEU A 1 71  ? 18.683  -0.466  -14.543 1.00 38.80 ? 223 LEU A N   1 
ATOM   357  C  CA  . LEU A 1 71  ? 18.378  0.921   -14.879 1.00 38.96 ? 223 LEU A CA  1 
ATOM   358  C  C   . LEU A 1 71  ? 19.062  1.902   -13.919 1.00 39.03 ? 223 LEU A C   1 
ATOM   359  O  O   . LEU A 1 71  ? 19.654  2.902   -14.341 1.00 38.09 ? 223 LEU A O   1 
ATOM   360  C  CB  . LEU A 1 71  ? 16.861  1.122   -14.867 1.00 39.83 ? 223 LEU A CB  1 
ATOM   361  C  CG  . LEU A 1 71  ? 16.287  2.525   -15.053 1.00 41.80 ? 223 LEU A CG  1 
ATOM   362  C  CD1 . LEU A 1 71  ? 16.753  3.136   -16.369 1.00 43.12 ? 223 LEU A CD1 1 
ATOM   363  C  CD2 . LEU A 1 71  ? 14.761  2.464   -14.989 1.00 42.94 ? 223 LEU A CD2 1 
ATOM   364  N  N   . LEU A 1 72  ? 18.970  1.615   -12.625 1.00 34.17 ? 224 LEU A N   1 
ATOM   365  C  CA  . LEU A 1 72  ? 19.640  2.413   -11.608 1.00 33.59 ? 224 LEU A CA  1 
ATOM   366  C  C   . LEU A 1 72  ? 21.158  2.306   -11.731 1.00 34.12 ? 224 LEU A C   1 
ATOM   367  O  O   . LEU A 1 72  ? 21.880  3.296   -11.561 1.00 32.43 ? 224 LEU A O   1 
ATOM   368  C  CB  . LEU A 1 72  ? 19.206  1.954   -10.208 1.00 34.35 ? 224 LEU A CB  1 
ATOM   369  C  CG  . LEU A 1 72  ? 20.107  2.280   -9.026  1.00 32.92 ? 224 LEU A CG  1 
ATOM   370  C  CD1 . LEU A 1 72  ? 20.208  3.782   -8.823  1.00 32.29 ? 224 LEU A CD1 1 
ATOM   371  C  CD2 . LEU A 1 72  ? 19.571  1.591   -7.775  1.00 32.78 ? 224 LEU A CD2 1 
ATOM   372  N  N   . HIS A 1 73  ? 21.661  1.105   -11.983 1.00 35.42 ? 225 HIS A N   1 
ATOM   373  C  CA  . HIS A 1 73  ? 23.101  0.939   -11.953 1.00 38.10 ? 225 HIS A CA  1 
ATOM   374  C  C   . HIS A 1 73  ? 23.741  1.692   -13.114 1.00 38.33 ? 225 HIS A C   1 
ATOM   375  O  O   . HIS A 1 73  ? 24.816  2.245   -12.970 1.00 39.68 ? 225 HIS A O   1 
ATOM   376  C  CB  . HIS A 1 73  ? 23.535  -0.516  -11.964 1.00 36.94 ? 225 HIS A CB  1 
ATOM   377  C  CG  . HIS A 1 73  ? 25.001  -0.676  -11.699 1.00 36.02 ? 225 HIS A CG  1 
ATOM   378  N  ND1 . HIS A 1 73  ? 25.901  -1.047  -12.675 1.00 39.35 ? 225 HIS A ND1 1 
ATOM   379  C  CD2 . HIS A 1 73  ? 25.731  -0.449  -10.583 1.00 35.53 ? 225 HIS A CD2 1 
ATOM   380  C  CE1 . HIS A 1 73  ? 27.119  -1.074  -12.161 1.00 37.25 ? 225 HIS A CE1 1 
ATOM   381  N  NE2 . HIS A 1 73  ? 27.043  -0.711  -10.893 1.00 39.09 ? 225 HIS A NE2 1 
ATOM   382  N  N   . ASN A 1 74  ? 23.055  1.705   -14.251 1.00 40.96 ? 226 ASN A N   1 
ATOM   383  C  CA  . ASN A 1 74  ? 23.502  2.438   -15.433 1.00 42.09 ? 226 ASN A CA  1 
ATOM   384  C  C   . ASN A 1 74  ? 23.605  3.943   -15.189 1.00 42.24 ? 226 ASN A C   1 
ATOM   385  O  O   . ASN A 1 74  ? 24.544  4.595   -15.644 1.00 39.44 ? 226 ASN A O   1 
ATOM   386  C  CB  . ASN A 1 74  ? 22.558  2.147   -16.603 1.00 42.66 ? 226 ASN A CB  1 
ATOM   387  C  CG  . ASN A 1 74  ? 22.732  0.750   -17.152 1.00 44.44 ? 226 ASN A CG  1 
ATOM   388  O  OD1 . ASN A 1 74  ? 23.689  0.055   -16.815 1.00 47.51 ? 226 ASN A OD1 1 
ATOM   389  N  ND2 . ASN A 1 74  ? 21.812  0.328   -17.999 1.00 47.98 ? 226 ASN A ND2 1 
ATOM   390  N  N   . THR A 1 75  ? 22.643  4.486   -14.454 1.00 40.55 ? 227 THR A N   1 
ATOM   391  C  CA  . THR A 1 75  ? 22.685  5.875   -14.017 1.00 38.67 ? 227 THR A CA  1 
ATOM   392  C  C   . THR A 1 75  ? 23.858  6.158   -13.078 1.00 41.09 ? 227 THR A C   1 
ATOM   393  O  O   . THR A 1 75  ? 24.487  7.228   -13.152 1.00 40.58 ? 227 THR A O   1 
ATOM   394  C  CB  . THR A 1 75  ? 21.390  6.220   -13.289 1.00 38.35 ? 227 THR A CB  1 
ATOM   395  O  OG1 . THR A 1 75  ? 20.299  5.882   -14.136 1.00 39.04 ? 227 THR A OG1 1 
ATOM   396  C  CG2 . THR A 1 75  ? 21.329  7.674   -12.947 1.00 38.66 ? 227 THR A CG2 1 
ATOM   397  N  N   . VAL A 1 76  ? 24.118  5.208   -12.181 1.00 41.69 ? 228 VAL A N   1 
ATOM   398  C  CA  . VAL A 1 76  ? 25.263  5.270   -11.268 1.00 42.83 ? 228 VAL A CA  1 
ATOM   399  C  C   . VAL A 1 76  ? 26.581  5.292   -12.050 1.00 43.09 ? 228 VAL A C   1 
ATOM   400  O  O   . VAL A 1 76  ? 27.449  6.122   -11.782 1.00 42.80 ? 228 VAL A O   1 
ATOM   401  C  CB  . VAL A 1 76  ? 25.241  4.081   -10.273 1.00 43.70 ? 228 VAL A CB  1 
ATOM   402  C  CG1 . VAL A 1 76  ? 26.597  3.869   -9.609  1.00 44.37 ? 228 VAL A CG1 1 
ATOM   403  C  CG2 . VAL A 1 76  ? 24.171  4.313   -9.215  1.00 43.42 ? 228 VAL A CG2 1 
ATOM   404  N  N   . ILE A 1 77  ? 26.711  4.368   -12.999 1.00 43.98 ? 229 ILE A N   1 
ATOM   405  C  CA  . ILE A 1 77  ? 27.859  4.315   -13.917 1.00 49.31 ? 229 ILE A CA  1 
ATOM   406  C  C   . ILE A 1 77  ? 28.039  5.628   -14.667 1.00 48.24 ? 229 ILE A C   1 
ATOM   407  O  O   . ILE A 1 77  ? 29.087  6.261   -14.584 1.00 49.78 ? 229 ILE A O   1 
ATOM   408  C  CB  . ILE A 1 77  ? 27.689  3.172   -14.962 1.00 51.16 ? 229 ILE A CB  1 
ATOM   409  C  CG1 . ILE A 1 77  ? 27.869  1.785   -14.315 1.00 52.50 ? 229 ILE A CG1 1 
ATOM   410  C  CG2 . ILE A 1 77  ? 28.638  3.337   -16.152 1.00 53.56 ? 229 ILE A CG2 1 
ATOM   411  C  CD1 . ILE A 1 77  ? 28.807  1.734   -13.127 1.00 53.66 ? 229 ILE A CD1 1 
ATOM   412  N  N   . PHE A 1 78  ? 27.002  6.029   -15.388 1.00 49.54 ? 230 PHE A N   1 
ATOM   413  C  CA  . PHE A 1 78  ? 27.057  7.200   -16.260 1.00 49.69 ? 230 PHE A CA  1 
ATOM   414  C  C   . PHE A 1 78  ? 27.401  8.515   -15.543 1.00 49.07 ? 230 PHE A C   1 
ATOM   415  O  O   . PHE A 1 78  ? 28.300  9.243   -15.976 1.00 49.15 ? 230 PHE A O   1 
ATOM   416  C  CB  . PHE A 1 78  ? 25.729  7.350   -16.996 1.00 51.55 ? 230 PHE A CB  1 
ATOM   417  C  CG  . PHE A 1 78  ? 25.820  8.192   -18.233 1.00 55.50 ? 230 PHE A CG  1 
ATOM   418  C  CD1 . PHE A 1 78  ? 26.432  7.694   -19.379 1.00 55.56 ? 230 PHE A CD1 1 
ATOM   419  C  CD2 . PHE A 1 78  ? 25.294  9.476   -18.258 1.00 55.35 ? 230 PHE A CD2 1 
ATOM   420  C  CE1 . PHE A 1 78  ? 26.514  8.462   -20.527 1.00 56.81 ? 230 PHE A CE1 1 
ATOM   421  C  CE2 . PHE A 1 78  ? 25.372  10.250  -19.405 1.00 57.92 ? 230 PHE A CE2 1 
ATOM   422  C  CZ  . PHE A 1 78  ? 25.983  9.742   -20.541 1.00 56.81 ? 230 PHE A CZ  1 
ATOM   423  N  N   . TYR A 1 79  ? 26.699  8.818   -14.452 1.00 44.04 ? 231 TYR A N   1 
ATOM   424  C  CA  . TYR A 1 79  ? 26.830  10.121  -13.789 1.00 41.70 ? 231 TYR A CA  1 
ATOM   425  C  C   . TYR A 1 79  ? 27.722  10.149  -12.556 1.00 41.78 ? 231 TYR A C   1 
ATOM   426  O  O   . TYR A 1 79  ? 28.111  11.224  -12.114 1.00 40.78 ? 231 TYR A O   1 
ATOM   427  C  CB  . TYR A 1 79  ? 25.457  10.641  -13.379 1.00 43.60 ? 231 TYR A CB  1 
ATOM   428  C  CG  . TYR A 1 79  ? 24.581  11.027  -14.541 1.00 45.91 ? 231 TYR A CG  1 
ATOM   429  C  CD1 . TYR A 1 79  ? 24.773  12.230  -15.213 1.00 48.64 ? 231 TYR A CD1 1 
ATOM   430  C  CD2 . TYR A 1 79  ? 23.562  10.196  -14.970 1.00 47.23 ? 231 TYR A CD2 1 
ATOM   431  C  CE1 . TYR A 1 79  ? 23.965  12.592  -16.279 1.00 47.84 ? 231 TYR A CE1 1 
ATOM   432  C  CE2 . TYR A 1 79  ? 22.745  10.548  -16.026 1.00 48.88 ? 231 TYR A CE2 1 
ATOM   433  C  CZ  . TYR A 1 79  ? 22.954  11.745  -16.680 1.00 48.86 ? 231 TYR A CZ  1 
ATOM   434  O  OH  . TYR A 1 79  ? 22.140  12.076  -17.733 1.00 49.20 ? 231 TYR A OH  1 
ATOM   435  N  N   . GLY A 1 80  ? 28.013  8.984   -11.984 1.00 40.67 ? 232 GLY A N   1 
ATOM   436  C  CA  . GLY A 1 80  ? 28.792  8.891   -10.748 1.00 40.44 ? 232 GLY A CA  1 
ATOM   437  C  C   . GLY A 1 80  ? 27.936  8.407   -9.591  1.00 39.56 ? 232 GLY A C   1 
ATOM   438  O  O   . GLY A 1 80  ? 26.763  8.764   -9.488  1.00 37.02 ? 232 GLY A O   1 
ATOM   439  N  N   . ALA A 1 81  ? 28.523  7.606   -8.709  1.00 40.55 ? 233 ALA A N   1 
ATOM   440  C  CA  . ALA A 1 81  ? 27.793  7.082   -7.550  1.00 41.43 ? 233 ALA A CA  1 
ATOM   441  C  C   . ALA A 1 81  ? 27.339  8.181   -6.597  1.00 40.31 ? 233 ALA A C   1 
ATOM   442  O  O   . ALA A 1 81  ? 26.317  8.036   -5.933  1.00 40.43 ? 233 ALA A O   1 
ATOM   443  C  CB  . ALA A 1 81  ? 28.633  6.049   -6.810  1.00 41.74 ? 233 ALA A CB  1 
ATOM   444  N  N   . ASP A 1 82  ? 28.083  9.285   -6.543  1.00 39.37 ? 234 ASP A N   1 
ATOM   445  C  CA  . ASP A 1 82  ? 27.763  10.399  -5.651  1.00 38.66 ? 234 ASP A CA  1 
ATOM   446  C  C   . ASP A 1 82  ? 26.983  11.542  -6.327  1.00 36.93 ? 234 ASP A C   1 
ATOM   447  O  O   . ASP A 1 82  ? 26.767  12.576  -5.716  1.00 36.07 ? 234 ASP A O   1 
ATOM   448  C  CB  . ASP A 1 82  ? 29.047  10.974  -5.040  1.00 40.02 ? 234 ASP A CB  1 
ATOM   449  C  CG  . ASP A 1 82  ? 29.913  11.687  -6.063  1.00 41.19 ? 234 ASP A CG  1 
ATOM   450  O  OD1 . ASP A 1 82  ? 29.807  11.349  -7.268  1.00 40.20 ? 234 ASP A OD1 1 
ATOM   451  O  OD2 . ASP A 1 82  ? 30.702  12.575  -5.665  1.00 43.28 ? 234 ASP A OD2 1 
ATOM   452  N  N   . SER A 1 83  ? 26.552  11.354  -7.565  1.00 37.80 ? 235 SER A N   1 
ATOM   453  C  CA  . SER A 1 83  ? 25.858  12.421  -8.278  1.00 37.53 ? 235 SER A CA  1 
ATOM   454  C  C   . SER A 1 83  ? 24.425  12.595  -7.797  1.00 39.81 ? 235 SER A C   1 
ATOM   455  O  O   . SER A 1 83  ? 23.830  11.691  -7.191  1.00 37.68 ? 235 SER A O   1 
ATOM   456  C  CB  . SER A 1 83  ? 25.859  12.149  -9.769  1.00 38.68 ? 235 SER A CB  1 
ATOM   457  O  OG  . SER A 1 83  ? 25.079  11.002  -10.073 1.00 38.30 ? 235 SER A OG  1 
ATOM   458  N  N   . GLU A 1 84  ? 23.877  13.774  -8.062  1.00 38.70 ? 236 GLU A N   1 
ATOM   459  C  CA  . GLU A 1 84  ? 22.475  14.037  -7.796  1.00 41.65 ? 236 GLU A CA  1 
ATOM   460  C  C   . GLU A 1 84  ? 21.578  13.152  -8.685  1.00 42.03 ? 236 GLU A C   1 
ATOM   461  O  O   . GLU A 1 84  ? 20.483  12.761  -8.260  1.00 41.29 ? 236 GLU A O   1 
ATOM   462  C  CB  . GLU A 1 84  ? 22.174  15.533  -7.957  1.00 42.15 ? 236 GLU A CB  1 
ATOM   463  C  CG  . GLU A 1 84  ? 22.760  16.372  -6.822  1.00 43.19 ? 236 GLU A CG  1 
ATOM   464  C  CD  . GLU A 1 84  ? 22.826  17.867  -7.119  1.00 46.00 ? 236 GLU A CD  1 
ATOM   465  O  OE1 . GLU A 1 84  ? 23.720  18.294  -7.892  1.00 45.64 ? 236 GLU A OE1 1 
ATOM   466  O  OE2 . GLU A 1 84  ? 22.008  18.628  -6.551  1.00 44.34 ? 236 GLU A OE2 1 
ATOM   467  N  N   . GLN A 1 85  ? 22.060  12.820  -9.888  1.00 39.74 ? 237 GLN A N   1 
ATOM   468  C  CA  . GLN A 1 85  ? 21.361  11.886  -10.784 1.00 39.56 ? 237 GLN A CA  1 
ATOM   469  C  C   . GLN A 1 85  ? 21.234  10.508  -10.140 1.00 37.61 ? 237 GLN A C   1 
ATOM   470  O  O   . GLN A 1 85  ? 20.187  9.878   -10.215 1.00 33.00 ? 237 GLN A O   1 
ATOM   471  C  CB  . GLN A 1 85  ? 22.086  11.722  -12.129 1.00 40.68 ? 237 GLN A CB  1 
ATOM   472  C  CG  . GLN A 1 85  ? 21.977  12.916  -13.073 1.00 43.84 ? 237 GLN A CG  1 
ATOM   473  C  CD  . GLN A 1 85  ? 23.078  13.944  -12.875 1.00 44.12 ? 237 GLN A CD  1 
ATOM   474  O  OE1 . GLN A 1 85  ? 23.927  13.809  -12.001 1.00 42.62 ? 237 GLN A OE1 1 
ATOM   475  N  NE2 . GLN A 1 85  ? 23.069  14.980  -13.705 1.00 47.40 ? 237 GLN A NE2 1 
ATOM   476  N  N   . ALA A 1 86  ? 22.318  10.041  -9.525  1.00 36.92 ? 238 ALA A N   1 
ATOM   477  C  CA  . ALA A 1 86  ? 22.285  8.792   -8.800  1.00 36.18 ? 238 ALA A CA  1 
ATOM   478  C  C   . ALA A 1 86  ? 21.275  8.850   -7.658  1.00 36.35 ? 238 ALA A C   1 
ATOM   479  O  O   . ALA A 1 86  ? 20.466  7.928   -7.512  1.00 34.32 ? 238 ALA A O   1 
ATOM   480  C  CB  . ALA A 1 86  ? 23.675  8.419   -8.292  1.00 36.38 ? 238 ALA A CB  1 
ATOM   481  N  N   . ASP A 1 87  ? 21.314  9.920   -6.862  1.00 37.06 ? 239 ASP A N   1 
ATOM   482  C  CA  . ASP A 1 87  ? 20.374  10.085  -5.752  1.00 39.40 ? 239 ASP A CA  1 
ATOM   483  C  C   . ASP A 1 87  ? 18.934  9.969   -6.234  1.00 39.76 ? 239 ASP A C   1 
ATOM   484  O  O   . ASP A 1 87  ? 18.122  9.256   -5.639  1.00 37.11 ? 239 ASP A O   1 
ATOM   485  C  CB  . ASP A 1 87  ? 20.564  11.436  -5.060  1.00 42.72 ? 239 ASP A CB  1 
ATOM   486  C  CG  . ASP A 1 87  ? 21.896  11.544  -4.337  1.00 43.15 ? 239 ASP A CG  1 
ATOM   487  O  OD1 . ASP A 1 87  ? 22.519  10.504  -4.047  1.00 48.82 ? 239 ASP A OD1 1 
ATOM   488  O  OD2 . ASP A 1 87  ? 22.320  12.679  -4.056  1.00 45.99 ? 239 ASP A OD2 1 
ATOM   489  N  N   . ILE A 1 88  ? 18.623  10.672  -7.318  1.00 38.23 ? 240 ILE A N   1 
ATOM   490  C  CA  . ILE A 1 88  ? 17.273  10.671  -7.868  1.00 38.42 ? 240 ILE A CA  1 
ATOM   491  C  C   . ILE A 1 88  ? 16.895  9.270   -8.348  1.00 36.17 ? 240 ILE A C   1 
ATOM   492  O  O   . ILE A 1 88  ? 15.802  8.787   -8.043  1.00 35.30 ? 240 ILE A O   1 
ATOM   493  C  CB  . ILE A 1 88  ? 17.127  11.705  -9.010  1.00 39.33 ? 240 ILE A CB  1 
ATOM   494  C  CG1 . ILE A 1 88  ? 17.153  13.121  -8.431  1.00 42.21 ? 240 ILE A CG1 1 
ATOM   495  C  CG2 . ILE A 1 88  ? 15.840  11.487  -9.799  1.00 39.00 ? 240 ILE A CG2 1 
ATOM   496  C  CD1 . ILE A 1 88  ? 17.604  14.170  -9.424  1.00 43.75 ? 240 ILE A CD1 1 
ATOM   497  N  N   . ALA A 1 89  ? 17.801  8.621   -9.073  1.00 32.86 ? 241 ALA A N   1 
ATOM   498  C  CA  . ALA A 1 89  ? 17.568  7.265   -9.569  1.00 34.16 ? 241 ALA A CA  1 
ATOM   499  C  C   . ALA A 1 89  ? 17.414  6.222   -8.440  1.00 33.24 ? 241 ALA A C   1 
ATOM   500  O  O   . ALA A 1 89  ? 16.672  5.227   -8.578  1.00 32.38 ? 241 ALA A O   1 
ATOM   501  C  CB  . ALA A 1 89  ? 18.687  6.855   -10.510 1.00 34.17 ? 241 ALA A CB  1 
ATOM   502  N  N   . ARG A 1 90  ? 18.120  6.438   -7.336  1.00 33.69 ? 242 ARG A N   1 
ATOM   503  C  CA  . ARG A 1 90  ? 18.044  5.526   -6.184  1.00 34.14 ? 242 ARG A CA  1 
ATOM   504  C  C   . ARG A 1 90  ? 16.658  5.538   -5.568  1.00 35.26 ? 242 ARG A C   1 
ATOM   505  O  O   . ARG A 1 90  ? 16.135  4.490   -5.176  1.00 35.42 ? 242 ARG A O   1 
ATOM   506  C  CB  . ARG A 1 90  ? 19.063  5.900   -5.112  1.00 34.40 ? 242 ARG A CB  1 
ATOM   507  C  CG  . ARG A 1 90  ? 20.442  5.374   -5.413  1.00 36.54 ? 242 ARG A CG  1 
ATOM   508  C  CD  . ARG A 1 90  ? 21.454  5.841   -4.391  1.00 39.56 ? 242 ARG A CD  1 
ATOM   509  N  NE  . ARG A 1 90  ? 22.763  5.408   -4.845  1.00 43.41 ? 242 ARG A NE  1 
ATOM   510  C  CZ  . ARG A 1 90  ? 23.805  6.188   -5.103  1.00 45.81 ? 242 ARG A CZ  1 
ATOM   511  N  NH1 . ARG A 1 90  ? 23.760  7.516   -4.909  1.00 47.36 ? 242 ARG A NH1 1 
ATOM   512  N  NH2 . ARG A 1 90  ? 24.930  5.614   -5.535  1.00 46.36 ? 242 ARG A NH2 1 
ATOM   513  N  N   . MET A 1 91  ? 16.084  6.729   -5.474  1.00 35.09 ? 243 MET A N   1 
ATOM   514  C  CA  . MET A 1 91  ? 14.748  6.899   -4.921  1.00 37.94 ? 243 MET A CA  1 
ATOM   515  C  C   . MET A 1 91  ? 13.718  6.299   -5.850  1.00 35.52 ? 243 MET A C   1 
ATOM   516  O  O   . MET A 1 91  ? 12.758  5.699   -5.391  1.00 33.16 ? 243 MET A O   1 
ATOM   517  C  CB  . MET A 1 91  ? 14.452  8.377   -4.663  1.00 40.70 ? 243 MET A CB  1 
ATOM   518  C  CG  . MET A 1 91  ? 15.303  8.982   -3.556  0.50 42.21 ? 243 MET A CG  1 
ATOM   519  S  SD  . MET A 1 91  ? 15.035  8.204   -1.944  0.50 47.85 ? 243 MET A SD  1 
ATOM   520  C  CE  . MET A 1 91  ? 16.360  6.986   -1.876  0.50 43.05 ? 243 MET A CE  1 
ATOM   521  N  N   . LEU A 1 92  ? 13.924  6.451   -7.155  1.00 35.47 ? 244 LEU A N   1 
ATOM   522  C  CA  . LEU A 1 92  ? 13.046  5.821   -8.140  1.00 35.63 ? 244 LEU A CA  1 
ATOM   523  C  C   . LEU A 1 92  ? 13.016  4.304   -7.970  1.00 33.50 ? 244 LEU A C   1 
ATOM   524  O  O   . LEU A 1 92  ? 11.937  3.715   -7.913  1.00 32.76 ? 244 LEU A O   1 
ATOM   525  C  CB  . LEU A 1 92  ? 13.484  6.152   -9.563  1.00 38.89 ? 244 LEU A CB  1 
ATOM   526  C  CG  . LEU A 1 92  ? 12.438  5.776   -10.616 1.00 42.59 ? 244 LEU A CG  1 
ATOM   527  C  CD1 . LEU A 1 92  ? 11.357  6.855   -10.695 1.00 44.07 ? 244 LEU A CD1 1 
ATOM   528  C  CD2 . LEU A 1 92  ? 13.074  5.545   -11.980 1.00 44.01 ? 244 LEU A CD2 1 
ATOM   529  N  N   . TYR A 1 93  ? 14.196  3.686   -7.899  1.00 30.08 ? 245 TYR A N   1 
ATOM   530  C  CA  . TYR A 1 93  ? 14.324  2.251   -7.669  1.00 29.23 ? 245 TYR A CA  1 
ATOM   531  C  C   . TYR A 1 93  ? 13.682  1.856   -6.338  1.00 30.07 ? 245 TYR A C   1 
ATOM   532  O  O   . TYR A 1 93  ? 12.927  0.888   -6.250  1.00 25.27 ? 245 TYR A O   1 
ATOM   533  C  CB  . TYR A 1 93  ? 15.796  1.841   -7.673  1.00 28.74 ? 245 TYR A CB  1 
ATOM   534  C  CG  . TYR A 1 93  ? 15.992  0.356   -7.455  1.00 29.88 ? 245 TYR A CG  1 
ATOM   535  C  CD1 . TYR A 1 93  ? 15.446  -0.556  -8.337  1.00 30.50 ? 245 TYR A CD1 1 
ATOM   536  C  CD2 . TYR A 1 93  ? 16.730  -0.125  -6.370  1.00 30.20 ? 245 TYR A CD2 1 
ATOM   537  C  CE1 . TYR A 1 93  ? 15.600  -1.906  -8.153  1.00 32.23 ? 245 TYR A CE1 1 
ATOM   538  C  CE2 . TYR A 1 93  ? 16.912  -1.489  -6.185  1.00 30.48 ? 245 TYR A CE2 1 
ATOM   539  C  CZ  . TYR A 1 93  ? 16.342  -2.371  -7.087  1.00 30.99 ? 245 TYR A CZ  1 
ATOM   540  O  OH  . TYR A 1 93  ? 16.482  -3.731  -6.947  1.00 32.99 ? 245 TYR A OH  1 
ATOM   541  N  N   . LYS A 1 94  ? 13.957  2.637   -5.306  1.00 30.79 ? 246 LYS A N   1 
ATOM   542  C  CA  . LYS A 1 94  ? 13.352  2.393   -3.987  1.00 32.31 ? 246 LYS A CA  1 
ATOM   543  C  C   . LYS A 1 94  ? 11.812  2.409   -4.037  1.00 31.14 ? 246 LYS A C   1 
ATOM   544  O  O   . LYS A 1 94  ? 11.145  1.517   -3.502  1.00 31.98 ? 246 LYS A O   1 
ATOM   545  C  CB  . LYS A 1 94  ? 13.892  3.429   -2.992  1.00 33.97 ? 246 LYS A CB  1 
ATOM   546  C  CG  . LYS A 1 94  ? 13.052  3.631   -1.752  1.00 39.10 ? 246 LYS A CG  1 
ATOM   547  C  CD  . LYS A 1 94  ? 13.746  4.585   -0.786  1.00 42.16 ? 246 LYS A CD  1 
ATOM   548  C  CE  . LYS A 1 94  ? 13.209  4.434   0.630   1.00 44.81 ? 246 LYS A CE  1 
ATOM   549  N  NZ  . LYS A 1 94  ? 11.934  5.159   0.841   1.00 46.61 ? 246 LYS A NZ  1 
ATOM   550  N  N   . ASP A 1 95  ? 11.252  3.419   -4.685  1.00 32.08 ? 247 ASP A N   1 
ATOM   551  C  CA  . ASP A 1 95  ? 9.815   3.520   -4.862  1.00 32.99 ? 247 ASP A CA  1 
ATOM   552  C  C   . ASP A 1 95  ? 9.261   2.311   -5.589  1.00 30.51 ? 247 ASP A C   1 
ATOM   553  O  O   . ASP A 1 95  ? 8.248   1.743   -5.178  1.00 28.93 ? 247 ASP A O   1 
ATOM   554  C  CB  . ASP A 1 95  ? 9.452   4.800   -5.626  1.00 36.46 ? 247 ASP A CB  1 
ATOM   555  C  CG  . ASP A 1 95  ? 9.604   6.062   -4.778  1.00 41.72 ? 247 ASP A CG  1 
ATOM   556  O  OD1 . ASP A 1 95  ? 9.677   5.971   -3.528  1.00 43.39 ? 247 ASP A OD1 1 
ATOM   557  O  OD2 . ASP A 1 95  ? 9.653   7.161   -5.377  1.00 44.57 ? 247 ASP A OD2 1 
ATOM   558  N  N   . THR A 1 96  ? 9.928   1.907   -6.664  1.00 28.64 ? 248 THR A N   1 
ATOM   559  C  CA  . THR A 1 96  ? 9.544   0.696   -7.394  1.00 27.48 ? 248 THR A CA  1 
ATOM   560  C  C   . THR A 1 96  ? 9.572   -0.548  -6.519  1.00 27.73 ? 248 THR A C   1 
ATOM   561  O  O   . THR A 1 96  ? 8.623   -1.354  -6.530  1.00 25.22 ? 248 THR A O   1 
ATOM   562  C  CB  . THR A 1 96  ? 10.461  0.481   -8.613  1.00 29.73 ? 248 THR A CB  1 
ATOM   563  O  OG1 . THR A 1 96  ? 10.250  1.541   -9.541  1.00 31.05 ? 248 THR A OG1 1 
ATOM   564  C  CG2 . THR A 1 96  ? 10.158  -0.849  -9.296  1.00 29.59 ? 248 THR A CG2 1 
ATOM   565  N  N   . CYS A 1 97  ? 10.657  -0.726  -5.765  1.00 26.79 ? 249 CYS A N   1 
ATOM   566  C  CA  . CYS A 1 97  ? 10.754  -1.865  -4.868  1.00 25.07 ? 249 CYS A CA  1 
ATOM   567  C  C   . CYS A 1 97  ? 9.671   -1.793  -3.785  1.00 26.17 ? 249 CYS A C   1 
ATOM   568  O  O   . CYS A 1 97  ? 9.155   -2.823  -3.371  1.00 24.22 ? 249 CYS A O   1 
ATOM   569  C  CB  . CYS A 1 97  ? 12.137  -1.960  -4.242  1.00 26.22 ? 249 CYS A CB  1 
ATOM   570  S  SG  . CYS A 1 97  ? 13.404  -2.309  -5.489  1.00 27.15 ? 249 CYS A SG  1 
ATOM   571  N  N   . HIS A 1 98  ? 9.335   -0.588  -3.330  1.00 24.92 ? 250 HIS A N   1 
ATOM   572  C  CA  . HIS A 1 98  ? 8.274   -0.431  -2.343  1.00 24.84 ? 250 HIS A CA  1 
ATOM   573  C  C   . HIS A 1 98  ? 6.932   -0.978  -2.862  1.00 25.81 ? 250 HIS A C   1 
ATOM   574  O  O   . HIS A 1 98  ? 6.172   -1.641  -2.134  1.00 26.75 ? 250 HIS A O   1 
ATOM   575  C  CB  . HIS A 1 98  ? 8.132   1.030   -1.962  1.00 27.49 ? 250 HIS A CB  1 
ATOM   576  C  CG  . HIS A 1 98  ? 7.001   1.288   -1.025  1.00 28.05 ? 250 HIS A CG  1 
ATOM   577  N  ND1 . HIS A 1 98  ? 6.961   0.745   0.243   1.00 27.74 ? 250 HIS A ND1 1 
ATOM   578  C  CD2 . HIS A 1 98  ? 5.856   1.988   -1.178  1.00 27.58 ? 250 HIS A CD2 1 
ATOM   579  C  CE1 . HIS A 1 98  ? 5.848   1.131   0.845   1.00 29.32 ? 250 HIS A CE1 1 
ATOM   580  N  NE2 . HIS A 1 98  ? 5.155   1.876   0.003   1.00 28.59 ? 250 HIS A NE2 1 
ATOM   581  N  N   . GLU A 1 99  ? 6.643   -0.700  -4.123  1.00 25.60 ? 251 GLU A N   1 
ATOM   582  C  CA  . GLU A 1 99  ? 5.427   -1.202  -4.762  1.00 27.62 ? 251 GLU A CA  1 
ATOM   583  C  C   . GLU A 1 99  ? 5.398   -2.709  -4.775  1.00 26.35 ? 251 GLU A C   1 
ATOM   584  O  O   . GLU A 1 99  ? 4.357   -3.316  -4.474  1.00 27.00 ? 251 GLU A O   1 
ATOM   585  C  CB  . GLU A 1 99  ? 5.297   -0.660  -6.185  1.00 28.72 ? 251 GLU A CB  1 
ATOM   586  C  CG  . GLU A 1 99  ? 5.082   0.843   -6.230  1.00 33.42 ? 251 GLU A CG  1 
ATOM   587  C  CD  . GLU A 1 99  ? 3.835   1.269   -5.477  1.00 37.61 ? 251 GLU A CD  1 
ATOM   588  O  OE1 . GLU A 1 99  ? 2.798   0.611   -5.644  1.00 39.91 ? 251 GLU A OE1 1 
ATOM   589  O  OE2 . GLU A 1 99  ? 3.875   2.259   -4.721  1.00 40.78 ? 251 GLU A OE2 1 
ATOM   590  N  N   . LEU A 1 100 ? 6.534   -3.316  -5.093  1.00 23.20 ? 252 LEU A N   1 
ATOM   591  C  CA  . LEU A 1 100 ? 6.653   -4.783  -5.054  1.00 24.54 ? 252 LEU A CA  1 
ATOM   592  C  C   . LEU A 1 100 ? 6.468   -5.330  -3.634  1.00 23.79 ? 252 LEU A C   1 
ATOM   593  O  O   . LEU A 1 100 ? 5.855   -6.397  -3.451  1.00 23.68 ? 252 LEU A O   1 
ATOM   594  C  CB  . LEU A 1 100 ? 8.015   -5.225  -5.604  1.00 24.95 ? 252 LEU A CB  1 
ATOM   595  C  CG  . LEU A 1 100 ? 8.208   -4.969  -7.104  1.00 27.00 ? 252 LEU A CG  1 
ATOM   596  C  CD1 . LEU A 1 100 ? 9.626   -5.343  -7.504  1.00 27.31 ? 252 LEU A CD1 1 
ATOM   597  C  CD2 . LEU A 1 100 ? 7.200   -5.768  -7.924  1.00 29.04 ? 252 LEU A CD2 1 
ATOM   598  N  N   . ASP A 1 101 ? 6.988   -4.609  -2.633  1.00 23.70 ? 253 ASP A N   1 
ATOM   599  C  CA  . ASP A 1 101 ? 6.777   -5.020  -1.234  1.00 22.86 ? 253 ASP A CA  1 
ATOM   600  C  C   . ASP A 1 101 ? 5.271   -5.000  -0.938  1.00 22.04 ? 253 ASP A C   1 
ATOM   601  O  O   . ASP A 1 101 ? 4.744   -5.903  -0.296  1.00 22.93 ? 253 ASP A O   1 
ATOM   602  C  CB  . ASP A 1 101 ? 7.459   -4.085  -0.237  1.00 23.28 ? 253 ASP A CB  1 
ATOM   603  C  CG  . ASP A 1 101 ? 8.987   -4.121  -0.302  1.00 24.80 ? 253 ASP A CG  1 
ATOM   604  O  OD1 . ASP A 1 101 ? 9.615   -5.073  -0.794  1.00 24.57 ? 253 ASP A OD1 1 
ATOM   605  O  OD2 . ASP A 1 101 ? 9.582   -3.176  0.219   1.00 25.41 ? 253 ASP A OD2 1 
ATOM   606  N  N   . GLU A 1 102 ? 4.595   -3.950  -1.373  1.00 23.78 ? 254 GLU A N   1 
ATOM   607  C  CA  . GLU A 1 102 ? 3.178   -3.777  -1.069  1.00 26.11 ? 254 GLU A CA  1 
ATOM   608  C  C   . GLU A 1 102 ? 2.340   -4.841  -1.749  1.00 26.59 ? 254 GLU A C   1 
ATOM   609  O  O   . GLU A 1 102 ? 1.405   -5.390  -1.165  1.00 25.87 ? 254 GLU A O   1 
ATOM   610  C  CB  . GLU A 1 102 ? 2.737   -2.372  -1.469  1.00 27.38 ? 254 GLU A CB  1 
ATOM   611  C  CG  . GLU A 1 102 ? 3.326   -1.310  -0.570  1.00 29.58 ? 254 GLU A CG  1 
ATOM   612  C  CD  . GLU A 1 102 ? 2.650   -1.267  0.790   1.00 32.64 ? 254 GLU A CD  1 
ATOM   613  O  OE1 . GLU A 1 102 ? 1.421   -1.090  0.819   1.00 35.01 ? 254 GLU A OE1 1 
ATOM   614  O  OE2 . GLU A 1 102 ? 3.334   -1.392  1.823   1.00 30.41 ? 254 GLU A OE2 1 
ATOM   615  N  N   . LEU A 1 103 ? 2.722   -5.169  -2.978  1.00 26.53 ? 255 LEU A N   1 
ATOM   616  C  CA  . LEU A 1 103 ? 2.072   -6.221  -3.740  1.00 26.42 ? 255 LEU A CA  1 
ATOM   617  C  C   . LEU A 1 103 ? 2.160   -7.564  -3.008  1.00 29.22 ? 255 LEU A C   1 
ATOM   618  O  O   . LEU A 1 103 ? 1.176   -8.286  -2.894  1.00 27.92 ? 255 LEU A O   1 
ATOM   619  C  CB  . LEU A 1 103 ? 2.718   -6.315  -5.123  1.00 27.19 ? 255 LEU A CB  1 
ATOM   620  C  CG  . LEU A 1 103 ? 2.226   -7.430  -6.041  1.00 28.85 ? 255 LEU A CG  1 
ATOM   621  C  CD1 . LEU A 1 103 ? 0.720   -7.355  -6.218  1.00 28.60 ? 255 LEU A CD1 1 
ATOM   622  C  CD2 . LEU A 1 103 ? 2.935   -7.354  -7.385  1.00 29.17 ? 255 LEU A CD2 1 
ATOM   623  N  N   . GLN A 1 104 ? 3.342   -7.863  -2.477  1.00 28.58 ? 256 GLN A N   1 
ATOM   624  C  CA  . GLN A 1 104 ? 3.559   -9.059  -1.715  1.00 28.72 ? 256 GLN A CA  1 
ATOM   625  C  C   . GLN A 1 104 ? 2.756   -9.080  -0.409  1.00 29.61 ? 256 GLN A C   1 
ATOM   626  O  O   . GLN A 1 104 ? 2.268   -10.125 -0.019  1.00 29.42 ? 256 GLN A O   1 
ATOM   627  C  CB  . GLN A 1 104 ? 5.050   -9.226  -1.416  1.00 30.83 ? 256 GLN A CB  1 
ATOM   628  C  CG  . GLN A 1 104 ? 5.371   -10.428 -0.528  1.00 32.77 ? 256 GLN A CG  1 
ATOM   629  C  CD  . GLN A 1 104 ? 4.886   -11.748 -1.117  0.50 33.49 ? 256 GLN A CD  1 
ATOM   630  O  OE1 . GLN A 1 104 ? 4.924   -11.950 -2.330  0.50 33.88 ? 256 GLN A OE1 1 
ATOM   631  N  NE2 . GLN A 1 104 ? 4.425   -12.649 -0.259  0.50 35.44 ? 256 GLN A NE2 1 
ATOM   632  N  N   . LEU A 1 105 ? 2.637   -7.929  0.252   1.00 29.76 ? 257 LEU A N   1 
ATOM   633  C  CA  . LEU A 1 105 ? 1.863   -7.823  1.486   1.00 29.31 ? 257 LEU A CA  1 
ATOM   634  C  C   . LEU A 1 105 ? 0.422   -8.277  1.307   1.00 28.10 ? 257 LEU A C   1 
ATOM   635  O  O   . LEU A 1 105 ? -0.090  -9.039  2.127   1.00 31.81 ? 257 LEU A O   1 
ATOM   636  C  CB  . LEU A 1 105 ? 1.844   -6.383  2.016   1.00 31.00 ? 257 LEU A CB  1 
ATOM   637  C  CG  . LEU A 1 105 ? 2.848   -5.974  3.086   1.00 31.88 ? 257 LEU A CG  1 
ATOM   638  C  CD1 . LEU A 1 105 ? 2.489   -4.607  3.622   1.00 32.50 ? 257 LEU A CD1 1 
ATOM   639  C  CD2 . LEU A 1 105 ? 2.924   -6.996  4.224   1.00 33.06 ? 257 LEU A CD2 1 
ATOM   640  N  N   . CYS A 1 106 ? -0.243  -7.772  0.272   1.00 24.70 ? 258 CYS A N   1 
ATOM   641  C  CA  . CYS A 1 106 ? -1.600  -8.208  -0.060  1.00 25.44 ? 258 CYS A CA  1 
ATOM   642  C  C   . CYS A 1 106 ? -1.970  -7.781  -1.479  1.00 24.48 ? 258 CYS A C   1 
ATOM   643  O  O   . CYS A 1 106 ? -2.158  -6.617  -1.755  1.00 23.51 ? 258 CYS A O   1 
ATOM   644  C  CB  . CYS A 1 106 ? -2.620  -7.665  0.934   1.00 26.19 ? 258 CYS A CB  1 
ATOM   645  S  SG  . CYS A 1 106 ? -4.335  -8.083  0.515   1.00 24.85 ? 258 CYS A SG  1 
ATOM   646  N  N   . LYS A 1 107 ? -2.078  -8.735  -2.389  1.00 26.56 ? 259 LYS A N   1 
ATOM   647  C  CA  . LYS A 1 107 ? -2.317  -8.384  -3.783  1.00 26.54 ? 259 LYS A CA  1 
ATOM   648  C  C   . LYS A 1 107 ? -3.681  -7.758  -3.984  1.00 26.08 ? 259 LYS A C   1 
ATOM   649  O  O   . LYS A 1 107 ? -3.828  -6.852  -4.805  1.00 26.49 ? 259 LYS A O   1 
ATOM   650  C  CB  . LYS A 1 107 ? -2.086  -9.578  -4.732  1.00 30.29 ? 259 LYS A CB  1 
ATOM   651  C  CG  . LYS A 1 107 ? -3.067  -10.723 -4.610  1.00 30.13 ? 259 LYS A CG  1 
ATOM   652  C  CD  . LYS A 1 107 ? -2.849  -11.730 -5.728  0.20 28.81 ? 259 LYS A CD  1 
ATOM   653  C  CE  . LYS A 1 107 ? -3.822  -12.891 -5.618  0.20 28.38 ? 259 LYS A CE  1 
ATOM   654  N  NZ  . LYS A 1 107 ? -3.747  -13.796 -6.796  0.20 28.07 ? 259 LYS A NZ  1 
ATOM   655  N  N   . ASN A 1 108 ? -4.681  -8.172  -3.210  1.00 25.55 ? 260 ASN A N   1 
ATOM   656  C  CA  . ASN A 1 108 ? -5.996  -7.536  -3.329  1.00 25.70 ? 260 ASN A CA  1 
ATOM   657  C  C   . ASN A 1 108 ? -5.984  -6.057  -2.959  1.00 24.13 ? 260 ASN A C   1 
ATOM   658  O  O   . ASN A 1 108 ? -6.584  -5.230  -3.664  1.00 22.38 ? 260 ASN A O   1 
ATOM   659  C  CB  . ASN A 1 108 ? -7.026  -8.277  -2.483  1.00 28.96 ? 260 ASN A CB  1 
ATOM   660  C  CG  . ASN A 1 108 ? -8.449  -7.926  -2.848  1.00 29.80 ? 260 ASN A CG  1 
ATOM   661  O  OD1 . ASN A 1 108 ? -9.294  -7.696  -1.965  1.00 32.37 ? 260 ASN A OD1 1 
ATOM   662  N  ND2 . ASN A 1 108 ? -8.742  -7.908  -4.132  1.00 28.52 ? 260 ASN A ND2 1 
ATOM   663  N  N   . CYS A 1 109 ? -5.333  -5.727  -1.844  1.00 24.28 ? 261 CYS A N   1 
ATOM   664  C  CA  . CYS A 1 109 ? -5.140  -4.330  -1.432  1.00 23.12 ? 261 CYS A CA  1 
ATOM   665  C  C   . CYS A 1 109 ? -4.402  -3.543  -2.508  1.00 23.88 ? 261 CYS A C   1 
ATOM   666  O  O   . CYS A 1 109 ? -4.765  -2.423  -2.824  1.00 23.76 ? 261 CYS A O   1 
ATOM   667  C  CB  . CYS A 1 109 ? -4.329  -4.239  -0.131  1.00 23.28 ? 261 CYS A CB  1 
ATOM   668  S  SG  . CYS A 1 109 ? -5.317  -4.580  1.361   1.00 24.61 ? 261 CYS A SG  1 
ATOM   669  N  N   . PHE A 1 110 ? -3.346  -4.133  -3.036  1.00 23.72 ? 262 PHE A N   1 
ATOM   670  C  CA  . PHE A 1 110 ? -2.560  -3.482  -4.071  1.00 24.32 ? 262 PHE A CA  1 
ATOM   671  C  C   . PHE A 1 110 ? -3.429  -3.232  -5.297  1.00 24.54 ? 262 PHE A C   1 
ATOM   672  O  O   . PHE A 1 110 ? -3.469  -2.114  -5.830  1.00 26.54 ? 262 PHE A O   1 
ATOM   673  C  CB  . PHE A 1 110 ? -1.357  -4.342  -4.430  1.00 24.54 ? 262 PHE A CB  1 
ATOM   674  C  CG  . PHE A 1 110 ? -0.416  -3.691  -5.398  1.00 26.31 ? 262 PHE A CG  1 
ATOM   675  C  CD1 . PHE A 1 110 ? -0.521  -3.924  -6.757  1.00 27.44 ? 262 PHE A CD1 1 
ATOM   676  C  CD2 . PHE A 1 110 ? 0.565   -2.824  -4.943  1.00 29.54 ? 262 PHE A CD2 1 
ATOM   677  C  CE1 . PHE A 1 110 ? 0.356   -3.313  -7.653  1.00 29.10 ? 262 PHE A CE1 1 
ATOM   678  C  CE2 . PHE A 1 110 ? 1.435   -2.208  -5.823  1.00 28.92 ? 262 PHE A CE2 1 
ATOM   679  C  CZ  . PHE A 1 110 ? 1.326   -2.452  -7.184  1.00 29.11 ? 262 PHE A CZ  1 
ATOM   680  N  N   . TYR A 1 111 ? -4.157  -4.248  -5.733  1.00 25.75 ? 263 TYR A N   1 
ATOM   681  C  CA  . TYR A 1 111 ? -5.058  -4.045  -6.869  1.00 28.51 ? 263 TYR A CA  1 
ATOM   682  C  C   . TYR A 1 111 ? -6.034  -2.897  -6.625  1.00 27.45 ? 263 TYR A C   1 
ATOM   683  O  O   . TYR A 1 111 ? -6.125  -1.959  -7.417  1.00 28.22 ? 263 TYR A O   1 
ATOM   684  C  CB  . TYR A 1 111 ? -5.834  -5.309  -7.185  1.00 29.46 ? 263 TYR A CB  1 
ATOM   685  C  CG  . TYR A 1 111 ? -6.722  -5.110  -8.369  1.00 34.63 ? 263 TYR A CG  1 
ATOM   686  C  CD1 . TYR A 1 111 ? -6.216  -5.217  -9.651  1.00 38.46 ? 263 TYR A CD1 1 
ATOM   687  C  CD2 . TYR A 1 111 ? -8.060  -4.760  -8.211  1.00 36.16 ? 263 TYR A CD2 1 
ATOM   688  C  CE1 . TYR A 1 111 ? -7.017  -5.007  -10.754 1.00 40.74 ? 263 TYR A CE1 1 
ATOM   689  C  CE2 . TYR A 1 111 ? -8.875  -4.555  -9.306  1.00 40.61 ? 263 TYR A CE2 1 
ATOM   690  C  CZ  . TYR A 1 111 ? -8.347  -4.681  -10.576 1.00 41.75 ? 263 TYR A CZ  1 
ATOM   691  O  OH  . TYR A 1 111 ? -9.139  -4.472  -11.668 1.00 44.40 ? 263 TYR A OH  1 
ATOM   692  N  N   . LEU A 1 112 ? -6.761  -2.968  -5.514  1.00 25.58 ? 264 LEU A N   1 
ATOM   693  C  CA  . LEU A 1 112 ? -7.829  -2.012  -5.243  1.00 26.94 ? 264 LEU A CA  1 
ATOM   694  C  C   . LEU A 1 112 ? -7.334  -0.603  -5.006  1.00 27.19 ? 264 LEU A C   1 
ATOM   695  O  O   . LEU A 1 112 ? -7.994  0.362   -5.371  1.00 29.23 ? 264 LEU A O   1 
ATOM   696  C  CB  . LEU A 1 112 ? -8.656  -2.484  -4.053  1.00 27.82 ? 264 LEU A CB  1 
ATOM   697  C  CG  . LEU A 1 112 ? -9.560  -3.658  -4.407  1.00 28.86 ? 264 LEU A CG  1 
ATOM   698  C  CD1 . LEU A 1 112 ? -10.133 -4.308  -3.163  1.00 29.88 ? 264 LEU A CD1 1 
ATOM   699  C  CD2 . LEU A 1 112 ? -10.676 -3.193  -5.326  1.00 30.16 ? 264 LEU A CD2 1 
ATOM   700  N  N   . SER A 1 113 ? -6.170  -0.504  -4.380  1.00 27.57 ? 265 SER A N   1 
ATOM   701  C  CA  . SER A 1 113 ? -5.545  0.761   -4.074  1.00 29.83 ? 265 SER A CA  1 
ATOM   702  C  C   . SER A 1 113 ? -5.028  1.449   -5.334  1.00 30.79 ? 265 SER A C   1 
ATOM   703  O  O   . SER A 1 113 ? -4.857  2.669   -5.353  1.00 30.83 ? 265 SER A O   1 
ATOM   704  C  CB  . SER A 1 113 ? -4.375  0.506   -3.132  1.00 31.66 ? 265 SER A CB  1 
ATOM   705  O  OG  . SER A 1 113 ? -3.655  1.682   -2.909  1.00 35.83 ? 265 SER A OG  1 
ATOM   706  N  N   . ASN A 1 114 ? -4.784  0.663   -6.377  1.00 32.31 ? 266 ASN A N   1 
ATOM   707  C  CA  . ASN A 1 114 ? -4.380  1.184   -7.686  1.00 34.03 ? 266 ASN A CA  1 
ATOM   708  C  C   . ASN A 1 114 ? -5.559  1.426   -8.641  1.00 36.35 ? 266 ASN A C   1 
ATOM   709  O  O   . ASN A 1 114 ? -5.636  2.477   -9.254  1.00 40.49 ? 266 ASN A O   1 
ATOM   710  C  CB  . ASN A 1 114 ? -3.344  0.255   -8.317  1.00 33.54 ? 266 ASN A CB  1 
ATOM   711  C  CG  . ASN A 1 114 ? -1.952  0.494   -7.755  1.00 33.45 ? 266 ASN A CG  1 
ATOM   712  O  OD1 . ASN A 1 114 ? -1.215  1.351   -8.243  1.00 36.00 ? 266 ASN A OD1 1 
ATOM   713  N  ND2 . ASN A 1 114 ? -1.602  -0.226  -6.709  1.00 30.97 ? 266 ASN A ND2 1 
ATOM   714  N  N   . ALA A 1 115 ? -6.492  0.481   -8.728  1.00 37.80 ? 267 ALA A N   1 
ATOM   715  C  CA  . ALA A 1 115 ? -7.668  0.624   -9.597  1.00 38.26 ? 267 ALA A CA  1 
ATOM   716  C  C   . ALA A 1 115 ? -8.696  1.587   -9.019  1.00 39.48 ? 267 ALA A C   1 
ATOM   717  O  O   . ALA A 1 115 ? -9.351  2.318   -9.751  1.00 37.88 ? 267 ALA A O   1 
ATOM   718  C  CB  . ALA A 1 115 ? -8.302  -0.732  -9.866  1.00 39.78 ? 267 ALA A CB  1 
ATOM   719  N  N   . ARG A 1 116 ? -8.834  1.576   -7.698  1.00 36.89 ? 268 ARG A N   1 
ATOM   720  C  CA  . ARG A 1 116 ? -9.714  2.487   -6.986  1.00 35.16 ? 268 ARG A CA  1 
ATOM   721  C  C   . ARG A 1 116 ? -11.139 2.610   -7.509  1.00 34.37 ? 268 ARG A C   1 
ATOM   722  O  O   . ARG A 1 116 ? -11.612 3.717   -7.741  1.00 36.14 ? 268 ARG A O   1 
ATOM   723  C  CB  . ARG A 1 116 ? -9.078  3.870   -6.916  1.00 36.61 ? 268 ARG A CB  1 
ATOM   724  C  CG  . ARG A 1 116 ? -7.712  3.855   -6.266  1.00 39.34 ? 268 ARG A CG  1 
ATOM   725  C  CD  . ARG A 1 116 ? -7.447  5.140   -5.513  1.00 40.69 ? 268 ARG A CD  1 
ATOM   726  N  NE  . ARG A 1 116 ? -6.294  4.989   -4.633  1.00 45.52 ? 268 ARG A NE  1 
ATOM   727  C  CZ  . ARG A 1 116 ? -5.977  5.824   -3.649  1.00 47.67 ? 268 ARG A CZ  1 
ATOM   728  N  NH1 . ARG A 1 116 ? -6.730  6.894   -3.400  1.00 51.51 ? 268 ARG A NH1 1 
ATOM   729  N  NH2 . ARG A 1 116 ? -4.905  5.585   -2.902  1.00 49.45 ? 268 ARG A NH2 1 
ATOM   730  N  N   . PRO A 1 117 ? -11.849 1.486   -7.655  1.00 32.91 ? 269 PRO A N   1 
ATOM   731  C  CA  . PRO A 1 117 ? -13.304 1.625   -7.813  1.00 33.48 ? 269 PRO A CA  1 
ATOM   732  C  C   . PRO A 1 117 ? -13.924 2.337   -6.601  1.00 36.45 ? 269 PRO A C   1 
ATOM   733  O  O   . PRO A 1 117 ? -13.251 2.517   -5.567  1.00 32.83 ? 269 PRO A O   1 
ATOM   734  C  CB  . PRO A 1 117 ? -13.791 0.179   -7.869  1.00 34.69 ? 269 PRO A CB  1 
ATOM   735  C  CG  . PRO A 1 117 ? -12.722 -0.617  -7.200  1.00 33.37 ? 269 PRO A CG  1 
ATOM   736  C  CD  . PRO A 1 117 ? -11.437 0.077   -7.542  1.00 33.05 ? 269 PRO A CD  1 
ATOM   737  N  N   . ASP A 1 118 ? -15.194 2.727   -6.718  1.00 34.24 ? 270 ASP A N   1 
ATOM   738  C  CA  . ASP A 1 118 ? -15.906 3.334   -5.608  1.00 35.20 ? 270 ASP A CA  1 
ATOM   739  C  C   . ASP A 1 118 ? -15.830 2.405   -4.400  1.00 31.53 ? 270 ASP A C   1 
ATOM   740  O  O   . ASP A 1 118 ? -15.965 1.195   -4.541  1.00 32.95 ? 270 ASP A O   1 
ATOM   741  C  CB  . ASP A 1 118 ? -17.383 3.579   -5.955  1.00 37.91 ? 270 ASP A CB  1 
ATOM   742  C  CG  . ASP A 1 118 ? -17.575 4.675   -6.995  1.00 42.08 ? 270 ASP A CG  1 
ATOM   743  O  OD1 . ASP A 1 118 ? -16.611 5.415   -7.310  1.00 42.42 ? 270 ASP A OD1 1 
ATOM   744  O  OD2 . ASP A 1 118 ? -18.711 4.793   -7.493  1.00 44.21 ? 270 ASP A OD2 1 
ATOM   745  N  N   . ASN A 1 119 ? -15.599 2.983   -3.228  1.00 30.44 ? 271 ASN A N   1 
ATOM   746  C  CA  . ASN A 1 119 ? -15.529 2.220   -1.975  1.00 29.58 ? 271 ASN A CA  1 
ATOM   747  C  C   . ASN A 1 119 ? -14.456 1.130   -1.992  1.00 28.61 ? 271 ASN A C   1 
ATOM   748  O  O   . ASN A 1 119 ? -14.584 0.129   -1.294  1.00 27.68 ? 271 ASN A O   1 
ATOM   749  C  CB  . ASN A 1 119 ? -16.893 1.590   -1.690  1.00 30.60 ? 271 ASN A CB  1 
ATOM   750  C  CG  . ASN A 1 119 ? -18.004 2.619   -1.626  1.00 30.84 ? 271 ASN A CG  1 
ATOM   751  O  OD1 . ASN A 1 119 ? -17.887 3.616   -0.936  1.00 32.35 ? 271 ASN A OD1 1 
ATOM   752  N  ND2 . ASN A 1 119 ? -19.089 2.372   -2.335  1.00 32.86 ? 271 ASN A ND2 1 
ATOM   753  N  N   . TRP A 1 120 ? -13.388 1.334   -2.769  1.00 27.07 ? 272 TRP A N   1 
ATOM   754  C  CA  . TRP A 1 120 ? -12.357 0.306   -2.948  1.00 26.68 ? 272 TRP A CA  1 
ATOM   755  C  C   . TRP A 1 120 ? -11.800 -0.275  -1.647  1.00 25.05 ? 272 TRP A C   1 
ATOM   756  O  O   . TRP A 1 120 ? -11.517 -1.473  -1.578  1.00 25.80 ? 272 TRP A O   1 
ATOM   757  C  CB  . TRP A 1 120 ? -11.196 0.824   -3.796  1.00 26.97 ? 272 TRP A CB  1 
ATOM   758  C  CG  . TRP A 1 120 ? -10.476 1.979   -3.225  1.00 27.86 ? 272 TRP A CG  1 
ATOM   759  C  CD1 . TRP A 1 120 ? -10.755 3.295   -3.427  1.00 30.13 ? 272 TRP A CD1 1 
ATOM   760  C  CD2 . TRP A 1 120 ? -9.317  1.935   -2.394  1.00 28.10 ? 272 TRP A CD2 1 
ATOM   761  N  NE1 . TRP A 1 120 ? -9.853  4.076   -2.741  1.00 31.31 ? 272 TRP A NE1 1 
ATOM   762  C  CE2 . TRP A 1 120 ? -8.959  3.262   -2.102  1.00 29.90 ? 272 TRP A CE2 1 
ATOM   763  C  CE3 . TRP A 1 120 ? -8.556  0.897   -1.848  1.00 29.01 ? 272 TRP A CE3 1 
ATOM   764  C  CZ2 . TRP A 1 120 ? -7.858  3.583   -1.292  1.00 30.69 ? 272 TRP A CZ2 1 
ATOM   765  C  CZ3 . TRP A 1 120 ? -7.455  1.223   -1.052  1.00 30.05 ? 272 TRP A CZ3 1 
ATOM   766  C  CH2 . TRP A 1 120 ? -7.119  2.552   -0.793  1.00 29.62 ? 272 TRP A CH2 1 
ATOM   767  N  N   . PHE A 1 121 ? -11.675 0.560   -0.617  1.00 24.02 ? 273 PHE A N   1 
ATOM   768  C  CA  . PHE A 1 121 ? -11.076 0.135   0.670   1.00 23.15 ? 273 PHE A CA  1 
ATOM   769  C  C   . PHE A 1 121 ? -12.043 -0.666  1.536   1.00 24.79 ? 273 PHE A C   1 
ATOM   770  O  O   . PHE A 1 121 ? -11.658 -1.173  2.603   1.00 23.33 ? 273 PHE A O   1 
ATOM   771  C  CB  . PHE A 1 121 ? -10.596 1.369   1.416   1.00 23.55 ? 273 PHE A CB  1 
ATOM   772  C  CG  . PHE A 1 121 ? -9.623  1.092   2.536   1.00 22.66 ? 273 PHE A CG  1 
ATOM   773  C  CD1 . PHE A 1 121 ? -8.382  0.530   2.272   1.00 22.31 ? 273 PHE A CD1 1 
ATOM   774  C  CD2 . PHE A 1 121 ? -9.917  1.481   3.836   1.00 23.11 ? 273 PHE A CD2 1 
ATOM   775  C  CE1 . PHE A 1 121 ? -7.479  0.324   3.290   1.00 22.84 ? 273 PHE A CE1 1 
ATOM   776  C  CE2 . PHE A 1 121 ? -9.012  1.276   4.870   1.00 22.72 ? 273 PHE A CE2 1 
ATOM   777  C  CZ  . PHE A 1 121 ? -7.787  0.689   4.583   1.00 23.44 ? 273 PHE A CZ  1 
ATOM   778  N  N   . CYS A 1 122 ? -13.284 -0.822  1.058   1.00 24.56 ? 274 CYS A N   1 
ATOM   779  C  CA  . CYS A 1 122 ? -14.321 -1.497  1.799   1.00 25.58 ? 274 CYS A CA  1 
ATOM   780  C  C   . CYS A 1 122 ? -14.419 -2.969  1.450   1.00 25.64 ? 274 CYS A C   1 
ATOM   781  O  O   . CYS A 1 122 ? -14.930 -3.757  2.232   1.00 24.20 ? 274 CYS A O   1 
ATOM   782  C  CB  . CYS A 1 122 ? -15.673 -0.816  1.577   1.00 27.72 ? 274 CYS A CB  1 
ATOM   783  S  SG  . CYS A 1 122 ? -15.723 0.861   2.235   1.00 28.18 ? 274 CYS A SG  1 
ATOM   784  N  N   . TYR A 1 123 ? -13.919 -3.352  0.282   1.00 25.06 ? 275 TYR A N   1 
ATOM   785  C  CA  . TYR A 1 123 ? -14.010 -4.709  -0.134  1.00 27.05 ? 275 TYR A CA  1 
ATOM   786  C  C   . TYR A 1 123 ? -13.106 -5.591  0.722   1.00 27.82 ? 275 TYR A C   1 
ATOM   787  O  O   . TYR A 1 123 ? -11.993 -5.208  1.074   1.00 29.00 ? 275 TYR A O   1 
ATOM   788  C  CB  . TYR A 1 123 ? -13.692 -4.832  -1.616  1.00 28.22 ? 275 TYR A CB  1 
ATOM   789  C  CG  . TYR A 1 123 ? -14.768 -4.230  -2.421  1.00 27.05 ? 275 TYR A CG  1 
ATOM   790  C  CD1 . TYR A 1 123 ? -15.919 -4.958  -2.718  1.00 27.76 ? 275 TYR A CD1 1 
ATOM   791  C  CD2 . TYR A 1 123 ? -14.677 -2.912  -2.865  1.00 29.45 ? 275 TYR A CD2 1 
ATOM   792  C  CE1 . TYR A 1 123 ? -16.942 -4.393  -3.452  1.00 27.79 ? 275 TYR A CE1 1 
ATOM   793  C  CE2 . TYR A 1 123 ? -15.692 -2.338  -3.593  1.00 29.40 ? 275 TYR A CE2 1 
ATOM   794  C  CZ  . TYR A 1 123 ? -16.829 -3.085  -3.876  1.00 29.29 ? 275 TYR A CZ  1 
ATOM   795  O  OH  . TYR A 1 123 ? -17.835 -2.510  -4.585  1.00 29.56 ? 275 TYR A OH  1 
ATOM   796  N  N   . PRO A 1 124 ? -13.598 -6.770  1.088   1.00 27.85 ? 276 PRO A N   1 
ATOM   797  C  CA  . PRO A 1 124 ? -12.806 -7.676  1.905   1.00 28.11 ? 276 PRO A CA  1 
ATOM   798  C  C   . PRO A 1 124 ? -11.651 -8.254  1.139   1.00 27.62 ? 276 PRO A C   1 
ATOM   799  O  O   . PRO A 1 124 ? -11.678 -8.266  -0.108  1.00 25.93 ? 276 PRO A O   1 
ATOM   800  C  CB  . PRO A 1 124 ? -13.779 -8.811  2.240   1.00 29.08 ? 276 PRO A CB  1 
ATOM   801  C  CG  . PRO A 1 124 ? -15.087 -8.447  1.670   1.00 28.39 ? 276 PRO A CG  1 
ATOM   802  C  CD  . PRO A 1 124 ? -14.912 -7.328  0.727   1.00 28.72 ? 276 PRO A CD  1 
ATOM   803  N  N   . CYS A 1 125 ? -10.655 -8.724  1.887   1.00 26.44 ? 277 CYS A N   1 
ATOM   804  C  CA  . CYS A 1 125 ? -9.575  -9.563  1.382   1.00 26.80 ? 277 CYS A CA  1 
ATOM   805  C  C   . CYS A 1 125 ? -9.623  -10.937 2.039   1.00 28.42 ? 277 CYS A C   1 
ATOM   806  O  O   . CYS A 1 125 ? -10.309 -11.132 3.043   1.00 28.41 ? 277 CYS A O   1 
ATOM   807  C  CB  . CYS A 1 125 ? -8.223  -8.957  1.740   1.00 27.38 ? 277 CYS A CB  1 
ATOM   808  S  SG  . CYS A 1 125 ? -7.978  -7.319  1.073   1.00 25.75 ? 277 CYS A SG  1 
ATOM   809  N  N   . ILE A 1 126 ? -8.851  -11.870 1.489   1.00 30.21 ? 278 ILE A N   1 
ATOM   810  C  CA  . ILE A 1 126 ? -8.690  -13.208 2.070   1.00 33.86 ? 278 ILE A CA  1 
ATOM   811  C  C   . ILE A 1 126 ? -7.198  -13.537 2.267   1.00 34.53 ? 278 ILE A C   1 
ATOM   812  O  O   . ILE A 1 126 ? -6.430  -13.546 1.313   1.00 35.14 ? 278 ILE A O   1 
ATOM   813  C  CB  . ILE A 1 126 ? -9.306  -14.309 1.180   1.00 36.18 ? 278 ILE A CB  1 
ATOM   814  C  CG1 . ILE A 1 126 ? -10.751 -13.978 0.830   1.00 37.28 ? 278 ILE A CG1 1 
ATOM   815  C  CG2 . ILE A 1 126 ? -9.256  -15.658 1.888   1.00 37.87 ? 278 ILE A CG2 1 
ATOM   816  C  CD1 . ILE A 1 126 ? -11.722 -14.160 1.978   1.00 39.76 ? 278 ILE A CD1 1 
ATOM   817  N  N   . PRO A 1 127 ? -6.773  -13.769 3.514   1.00 36.73 ? 279 PRO A N   1 
ATOM   818  C  CA  . PRO A 1 127 ? -7.584  -13.695 4.713   1.00 35.85 ? 279 PRO A CA  1 
ATOM   819  C  C   . PRO A 1 127 ? -7.985  -12.254 5.002   1.00 33.07 ? 279 PRO A C   1 
ATOM   820  O  O   . PRO A 1 127 ? -7.433  -11.311 4.428   1.00 32.64 ? 279 PRO A O   1 
ATOM   821  C  CB  . PRO A 1 127 ? -6.647  -14.218 5.791   1.00 36.78 ? 279 PRO A CB  1 
ATOM   822  C  CG  . PRO A 1 127 ? -5.313  -13.764 5.340   1.00 36.76 ? 279 PRO A CG  1 
ATOM   823  C  CD  . PRO A 1 127 ? -5.338  -13.844 3.837   1.00 37.74 ? 279 PRO A CD  1 
ATOM   824  N  N   . ASN A 1 128 ? -8.983  -12.108 5.855   1.00 31.03 ? 280 ASN A N   1 
ATOM   825  C  CA  . ASN A 1 128 ? -9.474  -10.812 6.263   1.00 29.08 ? 280 ASN A CA  1 
ATOM   826  C  C   . ASN A 1 128 ? -8.405  -10.075 7.053   1.00 28.39 ? 280 ASN A C   1 
ATOM   827  O  O   . ASN A 1 128 ? -7.740  -10.674 7.882   1.00 29.44 ? 280 ASN A O   1 
ATOM   828  C  CB  . ASN A 1 128 ? -10.681 -10.978 7.180   1.00 29.78 ? 280 ASN A CB  1 
ATOM   829  C  CG  . ASN A 1 128 ? -11.882 -11.589 6.490   1.00 30.29 ? 280 ASN A CG  1 
ATOM   830  O  OD1 . ASN A 1 128 ? -11.921 -11.797 5.275   1.00 31.06 ? 280 ASN A OD1 1 
ATOM   831  N  ND2 . ASN A 1 128 ? -12.879 -11.867 7.276   1.00 29.82 ? 280 ASN A ND2 1 
ATOM   832  N  N   . HIS A 1 129 ? -8.254  -8.775  6.825   1.00 26.77 ? 281 HIS A N   1 
ATOM   833  C  CA  . HIS A 1 129 ? -7.374  -7.963  7.673   1.00 25.42 ? 281 HIS A CA  1 
ATOM   834  C  C   . HIS A 1 129 ? -7.978  -7.808  9.041   1.00 25.04 ? 281 HIS A C   1 
ATOM   835  O  O   . HIS A 1 129 ? -9.170  -7.593  9.173   1.00 25.33 ? 281 HIS A O   1 
ATOM   836  C  CB  . HIS A 1 129 ? -7.147  -6.577  7.087   1.00 24.67 ? 281 HIS A CB  1 
ATOM   837  C  CG  . HIS A 1 129 ? -6.389  -6.604  5.802   1.00 25.07 ? 281 HIS A CG  1 
ATOM   838  N  ND1 . HIS A 1 129 ? -5.016  -6.617  5.762   1.00 25.72 ? 281 HIS A ND1 1 
ATOM   839  C  CD2 . HIS A 1 129 ? -6.805  -6.697  4.521   1.00 26.07 ? 281 HIS A CD2 1 
ATOM   840  C  CE1 . HIS A 1 129 ? -4.614  -6.682  4.507   1.00 26.04 ? 281 HIS A CE1 1 
ATOM   841  N  NE2 . HIS A 1 129 ? -5.678  -6.736  3.736   1.00 26.57 ? 281 HIS A NE2 1 
ATOM   842  N  N   . GLU A 1 130 ? -7.141  -7.899  10.057  1.00 25.86 ? 282 GLU A N   1 
ATOM   843  C  CA  . GLU A 1 130 ? -7.527  -7.506  11.396  1.00 26.92 ? 282 GLU A CA  1 
ATOM   844  C  C   . GLU A 1 130 ? -7.818  -6.001  11.395  1.00 25.95 ? 282 GLU A C   1 
ATOM   845  O  O   . GLU A 1 130 ? -7.135  -5.221  10.727  1.00 27.14 ? 282 GLU A O   1 
ATOM   846  C  CB  . GLU A 1 130 ? -6.395  -7.863  12.366  1.00 28.02 ? 282 GLU A CB  1 
ATOM   847  C  CG  . GLU A 1 130 ? -6.645  -7.517  13.822  1.00 31.09 ? 282 GLU A CG  1 
ATOM   848  C  CD  . GLU A 1 130 ? -5.437  -7.849  14.712  1.00 33.96 ? 282 GLU A CD  1 
ATOM   849  O  OE1 . GLU A 1 130 ? -4.354  -8.217  14.195  1.00 33.42 ? 282 GLU A OE1 1 
ATOM   850  O  OE2 . GLU A 1 130 ? -5.580  -7.721  15.933  1.00 37.24 ? 282 GLU A OE2 1 
ATOM   851  N  N   . LEU A 1 131 ? -8.867  -5.600  12.108  1.00 23.64 ? 283 LEU A N   1 
ATOM   852  C  CA  . LEU A 1 131 ? -9.256  -4.212  12.210  1.00 23.91 ? 283 LEU A CA  1 
ATOM   853  C  C   . LEU A 1 131 ? -8.943  -3.764  13.628  1.00 25.75 ? 283 LEU A C   1 
ATOM   854  O  O   . LEU A 1 131 ? -9.115  -4.520  14.582  1.00 25.04 ? 283 LEU A O   1 
ATOM   855  C  CB  . LEU A 1 131 ? -10.732 -4.016  11.921  1.00 23.60 ? 283 LEU A CB  1 
ATOM   856  C  CG  . LEU A 1 131 ? -11.205 -4.582  10.575  1.00 23.31 ? 283 LEU A CG  1 
ATOM   857  C  CD1 . LEU A 1 131 ? -12.726 -4.582  10.468  1.00 23.98 ? 283 LEU A CD1 1 
ATOM   858  C  CD2 . LEU A 1 131 ? -10.546 -3.833  9.437   1.00 23.11 ? 283 LEU A CD2 1 
ATOM   859  N  N   . VAL A 1 132 ? -8.468  -2.542  13.752  1.00 23.49 ? 284 VAL A N   1 
ATOM   860  C  CA  . VAL A 1 132 ? -8.105  -2.005  15.061  1.00 23.62 ? 284 VAL A CA  1 
ATOM   861  C  C   . VAL A 1 132 ? -8.399  -0.527  15.131  1.00 23.65 ? 284 VAL A C   1 
ATOM   862  O  O   . VAL A 1 132 ? -8.634  0.131   14.114  1.00 24.75 ? 284 VAL A O   1 
ATOM   863  C  CB  . VAL A 1 132 ? -6.598  -2.200  15.362  1.00 23.39 ? 284 VAL A CB  1 
ATOM   864  C  CG1 . VAL A 1 132 ? -6.239  -3.670  15.464  1.00 24.56 ? 284 VAL A CG1 1 
ATOM   865  C  CG2 . VAL A 1 132 ? -5.758  -1.498  14.321  1.00 24.26 ? 284 VAL A CG2 1 
ATOM   866  N  N   . TRP A 1 133 ? -8.398  0.004   16.343  1.00 23.25 ? 285 TRP A N   1 
ATOM   867  C  CA  . TRP A 1 133 ? -8.330  1.436   16.515  1.00 22.80 ? 285 TRP A CA  1 
ATOM   868  C  C   . TRP A 1 133 ? -6.863  1.758   16.790  1.00 23.00 ? 285 TRP A C   1 
ATOM   869  O  O   . TRP A 1 133 ? -6.226  1.097   17.610  1.00 24.32 ? 285 TRP A O   1 
ATOM   870  C  CB  . TRP A 1 133 ? -9.166  1.884   17.694  1.00 23.42 ? 285 TRP A CB  1 
ATOM   871  C  CG  . TRP A 1 133 ? -10.603 1.697   17.492  1.00 23.64 ? 285 TRP A CG  1 
ATOM   872  C  CD1 . TRP A 1 133 ? -11.352 0.660   17.935  1.00 25.98 ? 285 TRP A CD1 1 
ATOM   873  C  CD2 . TRP A 1 133 ? -11.491 2.577   16.798  1.00 25.34 ? 285 TRP A CD2 1 
ATOM   874  N  NE1 . TRP A 1 133 ? -12.669 0.831   17.574  1.00 26.46 ? 285 TRP A NE1 1 
ATOM   875  C  CE2 . TRP A 1 133 ? -12.785 2.004   16.872  1.00 26.51 ? 285 TRP A CE2 1 
ATOM   876  C  CE3 . TRP A 1 133 ? -11.327 3.797   16.134  1.00 25.99 ? 285 TRP A CE3 1 
ATOM   877  C  CZ2 . TRP A 1 133 ? -13.902 2.597   16.278  1.00 27.18 ? 285 TRP A CZ2 1 
ATOM   878  C  CZ3 . TRP A 1 133 ? -12.444 4.398   15.550  1.00 26.24 ? 285 TRP A CZ3 1 
ATOM   879  C  CH2 . TRP A 1 133 ? -13.712 3.795   15.625  1.00 25.73 ? 285 TRP A CH2 1 
ATOM   880  N  N   . ALA A 1 134 ? -6.329  2.754   16.107  1.00 23.01 ? 286 ALA A N   1 
ATOM   881  C  CA  . ALA A 1 134 ? -4.911  3.091   16.252  1.00 24.43 ? 286 ALA A CA  1 
ATOM   882  C  C   . ALA A 1 134 ? -4.730  4.579   16.428  1.00 26.23 ? 286 ALA A C   1 
ATOM   883  O  O   . ALA A 1 134 ? -5.380  5.374   15.782  1.00 27.66 ? 286 ALA A O   1 
ATOM   884  C  CB  . ALA A 1 134 ? -4.117  2.578   15.066  1.00 24.46 ? 286 ALA A CB  1 
ATOM   885  N  N   . LYS A 1 135 ? -3.828  4.930   17.340  1.00 29.52 ? 287 LYS A N   1 
ATOM   886  C  CA  . LYS A 1 135 ? -3.515  6.287   17.678  1.00 33.67 ? 287 LYS A CA  1 
ATOM   887  C  C   . LYS A 1 135 ? -2.090  6.560   17.204  1.00 37.39 ? 287 LYS A C   1 
ATOM   888  O  O   . LYS A 1 135 ? -1.159  5.911   17.675  1.00 36.77 ? 287 LYS A O   1 
ATOM   889  C  CB  . LYS A 1 135 ? -3.626  6.419   19.203  1.00 37.21 ? 287 LYS A CB  1 
ATOM   890  C  CG  . LYS A 1 135 ? -2.983  7.638   19.824  1.00 41.42 ? 287 LYS A CG  1 
ATOM   891  C  CD  . LYS A 1 135 ? -3.468  7.836   21.260  1.00 42.16 ? 287 LYS A CD  1 
ATOM   892  C  CE  . LYS A 1 135 ? -2.871  6.825   22.227  1.00 44.66 ? 287 LYS A CE  1 
ATOM   893  N  NZ  . LYS A 1 135 ? -2.979  7.287   23.648  1.00 45.81 ? 287 LYS A NZ  1 
ATOM   894  N  N   . MET A 1 136 ? -1.946  7.453   16.227  1.00 40.35 ? 288 MET A N   1 
ATOM   895  C  CA  . MET A 1 136 ? -0.635  7.999   15.824  1.00 43.81 ? 288 MET A CA  1 
ATOM   896  C  C   . MET A 1 136 ? -0.238  9.064   16.845  1.00 46.72 ? 288 MET A C   1 
ATOM   897  O  O   . MET A 1 136 ? -1.105  9.767   17.366  1.00 45.61 ? 288 MET A O   1 
ATOM   898  C  CB  . MET A 1 136 ? -0.716  8.653   14.439  1.00 44.04 ? 288 MET A CB  1 
ATOM   899  C  CG  . MET A 1 136 ? -0.210  7.817   13.267  1.00 45.06 ? 288 MET A CG  1 
ATOM   900  S  SD  . MET A 1 136 ? -0.344  8.723   11.707  1.00 52.34 ? 288 MET A SD  1 
ATOM   901  C  CE  . MET A 1 136 ? -2.112  9.035   11.620  1.00 53.43 ? 288 MET A CE  1 
ATOM   902  N  N   . LYS A 1 137 ? 1.058   9.190   17.129  1.00 50.01 ? 289 LYS A N   1 
ATOM   903  C  CA  . LYS A 1 137 ? 1.550   10.250  18.019  1.00 52.17 ? 289 LYS A CA  1 
ATOM   904  C  C   . LYS A 1 137 ? 1.036   11.611  17.548  1.00 50.67 ? 289 LYS A C   1 
ATOM   905  O  O   . LYS A 1 137 ? 1.202   11.968  16.383  1.00 47.06 ? 289 LYS A O   1 
ATOM   906  C  CB  . LYS A 1 137 ? 3.085   10.279  18.078  1.00 58.67 ? 289 LYS A CB  1 
ATOM   907  C  CG  . LYS A 1 137 ? 3.683   9.668   19.339  1.00 63.59 ? 289 LYS A CG  1 
ATOM   908  C  CD  . LYS A 1 137 ? 5.009   10.334  19.695  1.00 67.18 ? 289 LYS A CD  1 
ATOM   909  C  CE  . LYS A 1 137 ? 5.597   9.790   20.991  1.00 69.15 ? 289 LYS A CE  1 
ATOM   910  N  NZ  . LYS A 1 137 ? 6.167   8.424   20.827  1.00 70.18 ? 289 LYS A NZ  1 
ATOM   911  N  N   . GLY A 1 138 ? 0.397   12.346  18.457  1.00 49.08 ? 290 GLY A N   1 
ATOM   912  C  CA  . GLY A 1 138 ? -0.226  13.632  18.134  1.00 46.96 ? 290 GLY A CA  1 
ATOM   913  C  C   . GLY A 1 138 ? -1.712  13.574  17.807  1.00 46.73 ? 290 GLY A C   1 
ATOM   914  O  O   . GLY A 1 138 ? -2.386  14.602  17.817  1.00 46.80 ? 290 GLY A O   1 
ATOM   915  N  N   . PHE A 1 139 ? -2.232  12.384  17.514  1.00 44.91 ? 291 PHE A N   1 
ATOM   916  C  CA  . PHE A 1 139 ? -3.627  12.230  17.093  1.00 44.22 ? 291 PHE A CA  1 
ATOM   917  C  C   . PHE A 1 139 ? -4.416  11.396  18.102  1.00 41.03 ? 291 PHE A C   1 
ATOM   918  O  O   . PHE A 1 139 ? -3.831  10.735  18.947  1.00 41.93 ? 291 PHE A O   1 
ATOM   919  C  CB  . PHE A 1 139 ? -3.689  11.531  15.734  1.00 46.98 ? 291 PHE A CB  1 
ATOM   920  C  CG  . PHE A 1 139 ? -3.086  12.320  14.603  1.00 48.15 ? 291 PHE A CG  1 
ATOM   921  C  CD1 . PHE A 1 139 ? -3.899  12.938  13.664  1.00 50.33 ? 291 PHE A CD1 1 
ATOM   922  C  CD2 . PHE A 1 139 ? -1.703  12.423  14.461  1.00 49.67 ? 291 PHE A CD2 1 
ATOM   923  C  CE1 . PHE A 1 139 ? -3.349  13.658  12.611  1.00 52.92 ? 291 PHE A CE1 1 
ATOM   924  C  CE2 . PHE A 1 139 ? -1.145  13.142  13.411  1.00 50.22 ? 291 PHE A CE2 1 
ATOM   925  C  CZ  . PHE A 1 139 ? -1.970  13.763  12.487  1.00 51.40 ? 291 PHE A CZ  1 
ATOM   926  N  N   . GLY A 1 140 ? -5.741  11.430  18.000  1.00 37.56 ? 292 GLY A N   1 
ATOM   927  C  CA  . GLY A 1 140 ? -6.592  10.479  18.701  1.00 36.12 ? 292 GLY A CA  1 
ATOM   928  C  C   . GLY A 1 140 ? -6.746  9.199   17.890  1.00 34.21 ? 292 GLY A C   1 
ATOM   929  O  O   . GLY A 1 140 ? -6.108  9.030   16.848  1.00 33.46 ? 292 GLY A O   1 
ATOM   930  N  N   . PHE A 1 141 ? -7.594  8.296   18.361  1.00 31.97 ? 293 PHE A N   1 
ATOM   931  C  CA  . PHE A 1 141 ? -7.734  6.994   17.721  1.00 32.33 ? 293 PHE A CA  1 
ATOM   932  C  C   . PHE A 1 141 ? -8.469  7.127   16.382  1.00 30.91 ? 293 PHE A C   1 
ATOM   933  O  O   . PHE A 1 141 ? -9.367  7.947   16.241  1.00 30.59 ? 293 PHE A O   1 
ATOM   934  C  CB  . PHE A 1 141 ? -8.456  5.993   18.634  1.00 31.42 ? 293 PHE A CB  1 
ATOM   935  C  CG  . PHE A 1 141 ? -7.591  5.428   19.736  1.00 31.97 ? 293 PHE A CG  1 
ATOM   936  C  CD1 . PHE A 1 141 ? -6.817  4.304   19.531  1.00 29.66 ? 293 PHE A CD1 1 
ATOM   937  C  CD2 . PHE A 1 141 ? -7.574  6.018   20.989  1.00 32.88 ? 293 PHE A CD2 1 
ATOM   938  C  CE1 . PHE A 1 141 ? -6.039  3.779   20.548  1.00 31.36 ? 293 PHE A CE1 1 
ATOM   939  C  CE2 . PHE A 1 141 ? -6.784  5.509   22.004  1.00 32.79 ? 293 PHE A CE2 1 
ATOM   940  C  CZ  . PHE A 1 141 ? -6.015  4.385   21.786  1.00 32.52 ? 293 PHE A CZ  1 
ATOM   941  N  N   . TRP A 1 142 ? -8.024  6.350   15.393  1.00 29.63 ? 294 TRP A N   1 
ATOM   942  C  CA  . TRP A 1 142 ? -8.680  6.252   14.077  1.00 27.64 ? 294 TRP A CA  1 
ATOM   943  C  C   . TRP A 1 142 ? -8.789  4.769   13.732  1.00 26.31 ? 294 TRP A C   1 
ATOM   944  O  O   . TRP A 1 142 ? -7.945  3.964   14.143  1.00 23.35 ? 294 TRP A O   1 
ATOM   945  C  CB  . TRP A 1 142 ? -7.867  6.972   12.999  1.00 29.15 ? 294 TRP A CB  1 
ATOM   946  C  CG  . TRP A 1 142 ? -8.108  8.439   12.872  1.00 29.23 ? 294 TRP A CG  1 
ATOM   947  C  CD1 . TRP A 1 142 ? -7.859  9.404   13.821  1.00 31.20 ? 294 TRP A CD1 1 
ATOM   948  C  CD2 . TRP A 1 142 ? -8.601  9.137   11.721  1.00 31.12 ? 294 TRP A CD2 1 
ATOM   949  N  NE1 . TRP A 1 142 ? -8.182  10.642  13.335  1.00 32.08 ? 294 TRP A NE1 1 
ATOM   950  C  CE2 . TRP A 1 142 ? -8.640  10.514  12.051  1.00 31.85 ? 294 TRP A CE2 1 
ATOM   951  C  CE3 . TRP A 1 142 ? -9.011  8.735   10.442  1.00 32.29 ? 294 TRP A CE3 1 
ATOM   952  C  CZ2 . TRP A 1 142 ? -9.078  11.492  11.153  1.00 33.01 ? 294 TRP A CZ2 1 
ATOM   953  C  CZ3 . TRP A 1 142 ? -9.452  9.702   9.550   1.00 32.82 ? 294 TRP A CZ3 1 
ATOM   954  C  CH2 . TRP A 1 142 ? -9.486  11.069  9.909   1.00 34.00 ? 294 TRP A CH2 1 
ATOM   955  N  N   . PRO A 1 143 ? -9.839  4.373   12.996  1.00 26.05 ? 295 PRO A N   1 
ATOM   956  C  CA  . PRO A 1 143 ? -9.887  2.968   12.658  1.00 25.41 ? 295 PRO A CA  1 
ATOM   957  C  C   . PRO A 1 143 ? -8.930  2.660   11.504  1.00 23.31 ? 295 PRO A C   1 
ATOM   958  O  O   . PRO A 1 143 ? -8.616  3.541   10.714  1.00 22.57 ? 295 PRO A O   1 
ATOM   959  C  CB  . PRO A 1 143 ? -11.349 2.755   12.266  1.00 25.69 ? 295 PRO A CB  1 
ATOM   960  C  CG  . PRO A 1 143 ? -11.793 4.070   11.753  1.00 25.45 ? 295 PRO A CG  1 
ATOM   961  C  CD  . PRO A 1 143 ? -10.961 5.125   12.415  1.00 26.44 ? 295 PRO A CD  1 
ATOM   962  N  N   . ALA A 1 144 ? -8.462  1.421   11.431  1.00 23.84 ? 296 ALA A N   1 
ATOM   963  C  CA  . ALA A 1 144 ? -7.449  1.020   10.439  1.00 24.18 ? 296 ALA A CA  1 
ATOM   964  C  C   . ALA A 1 144 ? -7.440  -0.490  10.220  1.00 23.62 ? 296 ALA A C   1 
ATOM   965  O  O   . ALA A 1 144 ? -7.976  -1.237  11.036  1.00 24.04 ? 296 ALA A O   1 
ATOM   966  C  CB  . ALA A 1 144 ? -6.070  1.458   10.913  1.00 25.05 ? 296 ALA A CB  1 
ATOM   967  N  N   . LYS A 1 145 ? -6.833  -0.920  9.114   1.00 22.08 ? 297 LYS A N   1 
ATOM   968  C  CA  . LYS A 1 145 ? -6.595  -2.351  8.799   1.00 20.96 ? 297 LYS A CA  1 
ATOM   969  C  C   . LYS A 1 145 ? -5.146  -2.697  9.101   1.00 21.08 ? 297 LYS A C   1 
ATOM   970  O  O   . LYS A 1 145 ? -4.240  -1.941  8.749   1.00 21.51 ? 297 LYS A O   1 
ATOM   971  C  CB  . LYS A 1 145 ? -6.774  -2.629  7.308   1.00 21.10 ? 297 LYS A CB  1 
ATOM   972  C  CG  . LYS A 1 145 ? -8.156  -2.470  6.750   1.00 21.98 ? 297 LYS A CG  1 
ATOM   973  C  CD  . LYS A 1 145 ? -8.169  -2.843  5.277   1.00 21.96 ? 297 LYS A CD  1 
ATOM   974  C  CE  . LYS A 1 145 ? -9.483  -2.461  4.643   1.00 23.27 ? 297 LYS A CE  1 
ATOM   975  N  NZ  . LYS A 1 145 ? -9.585  -2.862  3.219   1.00 23.59 ? 297 LYS A NZ  1 
ATOM   976  N  N   . VAL A 1 146 ? -4.916  -3.854  9.706   1.00 21.87 ? 298 VAL A N   1 
ATOM   977  C  CA  . VAL A 1 146 ? -3.569  -4.299  10.007  1.00 23.28 ? 298 VAL A CA  1 
ATOM   978  C  C   . VAL A 1 146 ? -2.996  -4.964  8.775   1.00 23.68 ? 298 VAL A C   1 
ATOM   979  O  O   . VAL A 1 146 ? -3.621  -5.873  8.218   1.00 23.84 ? 298 VAL A O   1 
ATOM   980  C  CB  . VAL A 1 146 ? -3.558  -5.303  11.172  1.00 22.29 ? 298 VAL A CB  1 
ATOM   981  C  CG1 . VAL A 1 146 ? -2.153  -5.818  11.401  1.00 23.22 ? 298 VAL A CG1 1 
ATOM   982  C  CG2 . VAL A 1 146 ? -4.101  -4.667  12.429  1.00 23.03 ? 298 VAL A CG2 1 
ATOM   983  N  N   . MET A 1 147 ? -1.828  -4.501  8.327   1.00 23.64 ? 299 MET A N   1 
ATOM   984  C  CA  . MET A 1 147 ? -1.179  -5.082  7.153   1.00 22.62 ? 299 MET A CA  1 
ATOM   985  C  C   . MET A 1 147 ? -0.168  -6.155  7.547   1.00 23.02 ? 299 MET A C   1 
ATOM   986  O  O   . MET A 1 147 ? -0.007  -7.138  6.835   1.00 23.25 ? 299 MET A O   1 
ATOM   987  C  CB  . MET A 1 147 ? -0.480  -3.999  6.321   1.00 23.50 ? 299 MET A CB  1 
ATOM   988  C  CG  . MET A 1 147 ? -1.390  -2.908  5.785   1.00 23.13 ? 299 MET A CG  1 
ATOM   989  S  SD  . MET A 1 147 ? -2.764  -3.536  4.785   1.00 25.56 ? 299 MET A SD  1 
ATOM   990  C  CE  . MET A 1 147 ? -1.905  -4.130  3.324   1.00 26.48 ? 299 MET A CE  1 
ATOM   991  N  N   . GLN A 1 148 ? 0.531   -5.931  8.652   1.00 22.81 ? 300 GLN A N   1 
ATOM   992  C  CA  . GLN A 1 148 ? 1.515   -6.866  9.184   1.00 25.35 ? 300 GLN A CA  1 
ATOM   993  C  C   . GLN A 1 148 ? 1.905   -6.375  10.569  1.00 25.41 ? 300 GLN A C   1 
ATOM   994  O  O   . GLN A 1 148 ? 1.560   -5.272  10.948  1.00 22.96 ? 300 GLN A O   1 
ATOM   995  C  CB  . GLN A 1 148 ? 2.774   -6.926  8.302   1.00 24.94 ? 300 GLN A CB  1 
ATOM   996  C  CG  . GLN A 1 148 ? 3.406   -5.568  8.020   1.00 24.33 ? 300 GLN A CG  1 
ATOM   997  C  CD  . GLN A 1 148 ? 4.678   -5.656  7.165   1.00 24.65 ? 300 GLN A CD  1 
ATOM   998  O  OE1 . GLN A 1 148 ? 5.288   -6.715  7.036   1.00 25.49 ? 300 GLN A OE1 1 
ATOM   999  N  NE2 . GLN A 1 148 ? 5.084   -4.537  6.610   1.00 21.86 ? 300 GLN A NE2 1 
ATOM   1000 N  N   . LYS A 1 149 ? 2.611   -7.199  11.333  1.00 27.68 ? 301 LYS A N   1 
ATOM   1001 C  CA  . LYS A 1 149 ? 3.076   -6.748  12.639  1.00 30.05 ? 301 LYS A CA  1 
ATOM   1002 C  C   . LYS A 1 149 ? 4.267   -7.515  13.171  1.00 30.16 ? 301 LYS A C   1 
ATOM   1003 O  O   . LYS A 1 149 ? 4.644   -8.558  12.646  1.00 30.09 ? 301 LYS A O   1 
ATOM   1004 C  CB  . LYS A 1 149 ? 1.958   -6.832  13.663  1.00 33.72 ? 301 LYS A CB  1 
ATOM   1005 C  CG  . LYS A 1 149 ? 1.333   -8.202  13.788  1.00 34.11 ? 301 LYS A CG  1 
ATOM   1006 C  CD  . LYS A 1 149 ? 0.256   -8.175  14.863  1.00 38.31 ? 301 LYS A CD  1 
ATOM   1007 C  CE  . LYS A 1 149 ? -1.026  -8.804  14.376  1.00 40.60 ? 301 LYS A CE  1 
ATOM   1008 N  NZ  . LYS A 1 149 ? -2.061  -8.783  15.449  1.00 43.40 ? 301 LYS A NZ  1 
ATOM   1009 N  N   . GLU A 1 150 ? 4.865   -6.938  14.193  1.00 29.96 ? 302 GLU A N   1 
ATOM   1010 C  CA  . GLU A 1 150 ? 5.901   -7.594  14.975  1.00 32.82 ? 302 GLU A CA  1 
ATOM   1011 C  C   . GLU A 1 150 ? 5.533   -7.326  16.430  1.00 33.96 ? 302 GLU A C   1 
ATOM   1012 O  O   . GLU A 1 150 ? 4.497   -6.704  16.694  1.00 33.56 ? 302 GLU A O   1 
ATOM   1013 C  CB  . GLU A 1 150 ? 7.308   -7.094  14.586  1.00 32.13 ? 302 GLU A CB  1 
ATOM   1014 C  CG  . GLU A 1 150 ? 7.537   -5.602  14.680  1.00 32.23 ? 302 GLU A CG  1 
ATOM   1015 C  CD  . GLU A 1 150 ? 8.950   -5.196  14.280  1.00 34.13 ? 302 GLU A CD  1 
ATOM   1016 O  OE1 . GLU A 1 150 ? 9.588   -5.878  13.440  1.00 34.44 ? 302 GLU A OE1 1 
ATOM   1017 O  OE2 . GLU A 1 150 ? 9.431   -4.180  14.810  1.00 37.02 ? 302 GLU A OE2 1 
ATOM   1018 N  N   . ASP A 1 151 ? 6.330   -7.819  17.376  1.00 37.31 ? 303 ASP A N   1 
ATOM   1019 C  CA  . ASP A 1 151 ? 5.937   -7.752  18.784  1.00 40.05 ? 303 ASP A CA  1 
ATOM   1020 C  C   . ASP A 1 151 ? 5.597   -6.353  19.270  1.00 37.86 ? 303 ASP A C   1 
ATOM   1021 O  O   . ASP A 1 151 ? 4.621   -6.178  19.988  1.00 39.70 ? 303 ASP A O   1 
ATOM   1022 C  CB  . ASP A 1 151 ? 7.018   -8.347  19.686  1.00 45.03 ? 303 ASP A CB  1 
ATOM   1023 C  CG  . ASP A 1 151 ? 7.041   -9.855  19.651  1.00 46.69 ? 303 ASP A CG  1 
ATOM   1024 O  OD1 . ASP A 1 151 ? 6.091   -10.471 19.124  1.00 50.08 ? 303 ASP A OD1 1 
ATOM   1025 O  OD2 . ASP A 1 151 ? 8.022   -10.430 20.156  1.00 54.58 ? 303 ASP A OD2 1 
ATOM   1026 N  N   . ASN A 1 152 ? 6.378   -5.354  18.882  1.00 35.75 ? 304 ASN A N   1 
ATOM   1027 C  CA  . ASN A 1 152 ? 6.229   -4.035  19.478  1.00 35.27 ? 304 ASN A CA  1 
ATOM   1028 C  C   . ASN A 1 152 ? 5.544   -2.996  18.611  1.00 31.84 ? 304 ASN A C   1 
ATOM   1029 O  O   . ASN A 1 152 ? 5.373   -1.861  19.045  1.00 30.22 ? 304 ASN A O   1 
ATOM   1030 C  CB  . ASN A 1 152 ? 7.593   -3.513  19.956  1.00 39.58 ? 304 ASN A CB  1 
ATOM   1031 C  CG  . ASN A 1 152 ? 8.239   -4.432  20.981  1.00 42.40 ? 304 ASN A CG  1 
ATOM   1032 O  OD1 . ASN A 1 152 ? 7.556   -5.211  21.652  1.00 44.23 ? 304 ASN A OD1 1 
ATOM   1033 N  ND2 . ASN A 1 152 ? 9.562   -4.355  21.100  1.00 45.11 ? 304 ASN A ND2 1 
ATOM   1034 N  N   . GLN A 1 153 ? 5.140   -3.353  17.390  1.00 29.30 ? 305 GLN A N   1 
ATOM   1035 C  CA  . GLN A 1 153 ? 4.504   -2.356  16.524  1.00 26.55 ? 305 GLN A CA  1 
ATOM   1036 C  C   . GLN A 1 153 ? 3.741   -3.001  15.384  1.00 25.47 ? 305 GLN A C   1 
ATOM   1037 O  O   . GLN A 1 153 ? 4.015   -4.118  15.004  1.00 26.47 ? 305 GLN A O   1 
ATOM   1038 C  CB  . GLN A 1 153 ? 5.516   -1.356  15.975  1.00 26.84 ? 305 GLN A CB  1 
ATOM   1039 C  CG  . GLN A 1 153 ? 6.660   -2.026  15.237  1.00 27.68 ? 305 GLN A CG  1 
ATOM   1040 C  CD  . GLN A 1 153 ? 7.626   -1.064  14.608  1.00 29.09 ? 305 GLN A CD  1 
ATOM   1041 O  OE1 . GLN A 1 153 ? 7.325   0.117   14.399  1.00 28.74 ? 305 GLN A OE1 1 
ATOM   1042 N  NE2 . GLN A 1 153 ? 8.809   -1.569  14.277  1.00 29.43 ? 305 GLN A NE2 1 
ATOM   1043 N  N   . VAL A 1 154 ? 2.783   -2.265  14.844  1.00 25.47 ? 306 VAL A N   1 
ATOM   1044 C  CA  . VAL A 1 154 ? 1.861   -2.818  13.872  1.00 23.98 ? 306 VAL A CA  1 
ATOM   1045 C  C   . VAL A 1 154 ? 1.820   -1.859  12.684  1.00 23.37 ? 306 VAL A C   1 
ATOM   1046 O  O   . VAL A 1 154 ? 1.778   -0.646  12.855  1.00 23.50 ? 306 VAL A O   1 
ATOM   1047 C  CB  . VAL A 1 154 ? 0.468   -2.970  14.522  1.00 25.23 ? 306 VAL A CB  1 
ATOM   1048 C  CG1 . VAL A 1 154 ? -0.512  -3.639  13.587  1.00 25.72 ? 306 VAL A CG1 1 
ATOM   1049 C  CG2 . VAL A 1 154 ? 0.576   -3.789  15.804  1.00 25.50 ? 306 VAL A CG2 1 
ATOM   1050 N  N   . ASP A 1 155 ? 1.844   -2.415  11.483  1.00 23.40 ? 307 ASP A N   1 
ATOM   1051 C  CA  . ASP A 1 155 ? 1.778   -1.635  10.236  1.00 24.16 ? 307 ASP A CA  1 
ATOM   1052 C  C   . ASP A 1 155 ? 0.308   -1.563  9.810   1.00 23.12 ? 307 ASP A C   1 
ATOM   1053 O  O   . ASP A 1 155 ? -0.303  -2.578  9.488   1.00 22.58 ? 307 ASP A O   1 
ATOM   1054 C  CB  . ASP A 1 155 ? 2.595   -2.384  9.187   1.00 25.52 ? 307 ASP A CB  1 
ATOM   1055 C  CG  . ASP A 1 155 ? 2.695   -1.664  7.865   1.00 26.03 ? 307 ASP A CG  1 
ATOM   1056 O  OD1 . ASP A 1 155 ? 2.259   -0.489  7.740   1.00 27.01 ? 307 ASP A OD1 1 
ATOM   1057 O  OD2 . ASP A 1 155 ? 3.245   -2.300  6.926   1.00 24.86 ? 307 ASP A OD2 1 
ATOM   1058 N  N   . VAL A 1 156 ? -0.276  -0.379  9.845   1.00 25.73 ? 308 VAL A N   1 
ATOM   1059 C  CA  . VAL A 1 156 ? -1.707  -0.238  9.535   1.00 24.76 ? 308 VAL A CA  1 
ATOM   1060 C  C   . VAL A 1 156 ? -1.939  0.692   8.366   1.00 25.69 ? 308 VAL A C   1 
ATOM   1061 O  O   . VAL A 1 156 ? -1.094  1.537   8.046   1.00 23.39 ? 308 VAL A O   1 
ATOM   1062 C  CB  . VAL A 1 156 ? -2.516  0.268   10.742  1.00 24.88 ? 308 VAL A CB  1 
ATOM   1063 C  CG1 . VAL A 1 156 ? -2.191  -0.544  11.985  1.00 24.71 ? 308 VAL A CG1 1 
ATOM   1064 C  CG2 . VAL A 1 156 ? -2.306  1.753   10.983  1.00 26.35 ? 308 VAL A CG2 1 
ATOM   1065 N  N   . ARG A 1 157 ? -3.087  0.519   7.720   1.00 24.03 ? 309 ARG A N   1 
ATOM   1066 C  CA  . ARG A 1 157 ? -3.585  1.491   6.797   1.00 23.29 ? 309 ARG A CA  1 
ATOM   1067 C  C   . ARG A 1 157 ? -4.913  2.004   7.324   1.00 22.48 ? 309 ARG A C   1 
ATOM   1068 O  O   . ARG A 1 157 ? -5.864  1.254   7.508   1.00 20.91 ? 309 ARG A O   1 
ATOM   1069 C  CB  . ARG A 1 157 ? -3.759  0.901   5.398   1.00 25.33 ? 309 ARG A CB  1 
ATOM   1070 C  CG  . ARG A 1 157 ? -4.091  1.973   4.392   1.00 28.05 ? 309 ARG A CG  1 
ATOM   1071 C  CD  . ARG A 1 157 ? -3.768  1.597   2.956   1.00 31.05 ? 309 ARG A CD  1 
ATOM   1072 N  NE  . ARG A 1 157 ? -3.580  2.819   2.182   1.00 32.30 ? 309 ARG A NE  1 
ATOM   1073 C  CZ  . ARG A 1 157 ? -3.538  2.874   0.859   1.00 36.81 ? 309 ARG A CZ  1 
ATOM   1074 N  NH1 . ARG A 1 157 ? -3.653  1.765   0.142   1.00 39.23 ? 309 ARG A NH1 1 
ATOM   1075 N  NH2 . ARG A 1 157 ? -3.375  4.043   0.250   1.00 34.91 ? 309 ARG A NH2 1 
ATOM   1076 N  N   . PHE A 1 158 ? -4.985  3.304   7.536   1.00 21.69 ? 310 PHE A N   1 
ATOM   1077 C  CA  . PHE A 1 158 ? -6.166  3.904   8.117   1.00 22.37 ? 310 PHE A CA  1 
ATOM   1078 C  C   . PHE A 1 158 ? -7.324  3.987   7.157   1.00 23.52 ? 310 PHE A C   1 
ATOM   1079 O  O   . PHE A 1 158 ? -7.125  4.128   5.964   1.00 23.66 ? 310 PHE A O   1 
ATOM   1080 C  CB  . PHE A 1 158 ? -5.845  5.297   8.624   1.00 23.29 ? 310 PHE A CB  1 
ATOM   1081 C  CG  . PHE A 1 158 ? -5.029  5.283   9.871   1.00 23.48 ? 310 PHE A CG  1 
ATOM   1082 C  CD1 . PHE A 1 158 ? -5.623  5.068   11.094  1.00 23.16 ? 310 PHE A CD1 1 
ATOM   1083 C  CD2 . PHE A 1 158 ? -3.661  5.435   9.812   1.00 23.99 ? 310 PHE A CD2 1 
ATOM   1084 C  CE1 . PHE A 1 158 ? -4.864  5.025   12.258  1.00 23.55 ? 310 PHE A CE1 1 
ATOM   1085 C  CE2 . PHE A 1 158 ? -2.904  5.415   10.960  1.00 23.20 ? 310 PHE A CE2 1 
ATOM   1086 C  CZ  . PHE A 1 158 ? -3.498  5.225   12.183  1.00 24.06 ? 310 PHE A CZ  1 
ATOM   1087 N  N   . PHE A 1 159 ? -8.537  3.889   7.696   1.00 23.53 ? 311 PHE A N   1 
ATOM   1088 C  CA  . PHE A 1 159 ? -9.731  4.334   6.974   1.00 24.57 ? 311 PHE A CA  1 
ATOM   1089 C  C   . PHE A 1 159 ? -9.770  5.850   6.838   1.00 27.87 ? 311 PHE A C   1 
ATOM   1090 O  O   . PHE A 1 159 ? -9.078  6.578   7.551   1.00 27.87 ? 311 PHE A O   1 
ATOM   1091 C  CB  . PHE A 1 159 ? -10.986 3.864   7.717   1.00 24.06 ? 311 PHE A CB  1 
ATOM   1092 C  CG  . PHE A 1 159 ? -11.188 2.401   7.620   1.00 22.39 ? 311 PHE A CG  1 
ATOM   1093 C  CD1 . PHE A 1 159 ? -10.605 1.544   8.542   1.00 22.90 ? 311 PHE A CD1 1 
ATOM   1094 C  CD2 . PHE A 1 159 ? -11.909 1.865   6.569   1.00 22.95 ? 311 PHE A CD2 1 
ATOM   1095 C  CE1 . PHE A 1 159 ? -10.764 0.175   8.443   1.00 22.36 ? 311 PHE A CE1 1 
ATOM   1096 C  CE2 . PHE A 1 159 ? -12.057 0.497   6.450   1.00 22.17 ? 311 PHE A CE2 1 
ATOM   1097 C  CZ  . PHE A 1 159 ? -11.499 -0.349  7.389   1.00 22.25 ? 311 PHE A CZ  1 
ATOM   1098 N  N   . GLY A 1 160 ? -10.598 6.333   5.922   1.00 28.85 ? 312 GLY A N   1 
ATOM   1099 C  CA  . GLY A 1 160 ? -10.751 7.756   5.735   1.00 31.95 ? 312 GLY A CA  1 
ATOM   1100 C  C   . GLY A 1 160 ? -10.157 8.182   4.424   1.00 34.49 ? 312 GLY A C   1 
ATOM   1101 O  O   . GLY A 1 160 ? -9.494  7.401   3.729   1.00 35.16 ? 312 GLY A O   1 
ATOM   1102 N  N   . HIS A 1 161 ? -10.366 9.442   4.101   1.00 37.00 ? 313 HIS A N   1 
ATOM   1103 C  CA  . HIS A 1 161 ? -10.115 9.912   2.757   1.00 40.81 ? 313 HIS A CA  1 
ATOM   1104 C  C   . HIS A 1 161 ? -8.672  9.722   2.289   1.00 38.80 ? 313 HIS A C   1 
ATOM   1105 O  O   . HIS A 1 161 ? -8.428  9.491   1.100   1.00 39.11 ? 313 HIS A O   1 
ATOM   1106 C  CB  . HIS A 1 161 ? -10.523 11.377  2.626   1.00 48.30 ? 313 HIS A CB  1 
ATOM   1107 C  CG  . HIS A 1 161 ? -10.478 11.869  1.220   1.00 55.17 ? 313 HIS A CG  1 
ATOM   1108 N  ND1 . HIS A 1 161 ? -9.443  12.638  0.734   1.00 59.88 ? 313 HIS A ND1 1 
ATOM   1109 C  CD2 . HIS A 1 161 ? -11.306 11.645  0.175   1.00 59.93 ? 313 HIS A CD2 1 
ATOM   1110 C  CE1 . HIS A 1 161 ? -9.655  12.894  -0.545  1.00 63.28 ? 313 HIS A CE1 1 
ATOM   1111 N  NE2 . HIS A 1 161 ? -10.777 12.299  -0.910  1.00 61.76 ? 313 HIS A NE2 1 
ATOM   1112 N  N   . HIS A 1 162 ? -7.720  9.798   3.212   1.00 35.58 ? 314 HIS A N   1 
ATOM   1113 C  CA  . HIS A 1 162 ? -6.315  9.781   2.835   1.00 36.25 ? 314 HIS A CA  1 
ATOM   1114 C  C   . HIS A 1 162 ? -5.650  8.421   2.958   1.00 31.35 ? 314 HIS A C   1 
ATOM   1115 O  O   . HIS A 1 162 ? -4.556  8.245   2.443   1.00 29.55 ? 314 HIS A O   1 
ATOM   1116 C  CB  . HIS A 1 162 ? -5.553  10.839  3.642   1.00 38.90 ? 314 HIS A CB  1 
ATOM   1117 C  CG  . HIS A 1 162 ? -6.019  12.228  3.359   1.00 40.23 ? 314 HIS A CG  1 
ATOM   1118 N  ND1 . HIS A 1 162 ? -5.665  12.907  2.211   1.00 42.89 ? 314 HIS A ND1 1 
ATOM   1119 C  CD2 . HIS A 1 162 ? -6.869  13.039  4.031   1.00 39.08 ? 314 HIS A CD2 1 
ATOM   1120 C  CE1 . HIS A 1 162 ? -6.255  14.088  2.205   1.00 41.00 ? 314 HIS A CE1 1 
ATOM   1121 N  NE2 . HIS A 1 162 ? -6.995  14.191  3.295   1.00 40.43 ? 314 HIS A NE2 1 
ATOM   1122 N  N   . HIS A 1 163 ? -6.312  7.475   3.637   1.00 27.68 ? 315 HIS A N   1 
ATOM   1123 C  CA  . HIS A 1 163 ? -5.838  6.101   3.763   1.00 28.33 ? 315 HIS A CA  1 
ATOM   1124 C  C   . HIS A 1 163 ? -4.371  6.045   4.115   1.00 27.93 ? 315 HIS A C   1 
ATOM   1125 O  O   . HIS A 1 163 ? -3.595  5.407   3.444   1.00 26.55 ? 315 HIS A O   1 
ATOM   1126 C  CB  . HIS A 1 163 ? -6.135  5.316   2.479   1.00 27.76 ? 315 HIS A CB  1 
ATOM   1127 C  CG  . HIS A 1 163 ? -7.599  5.146   2.235   1.00 28.71 ? 315 HIS A CG  1 
ATOM   1128 N  ND1 . HIS A 1 163 ? -8.267  5.805   1.230   1.00 28.44 ? 315 HIS A ND1 1 
ATOM   1129 C  CD2 . HIS A 1 163 ? -8.541  4.466   2.932   1.00 28.56 ? 315 HIS A CD2 1 
ATOM   1130 C  CE1 . HIS A 1 163 ? -9.553  5.505   1.290   1.00 29.25 ? 315 HIS A CE1 1 
ATOM   1131 N  NE2 . HIS A 1 163 ? -9.743  4.693   2.311   1.00 28.24 ? 315 HIS A NE2 1 
ATOM   1132 N  N   . GLN A 1 164 ? -4.016  6.726   5.189   1.00 29.97 ? 316 GLN A N   1 
ATOM   1133 C  CA  . GLN A 1 164 ? -2.619  6.962   5.515   1.00 32.33 ? 316 GLN A CA  1 
ATOM   1134 C  C   . GLN A 1 164 ? -2.023  5.652   6.016   1.00 31.14 ? 316 GLN A C   1 
ATOM   1135 O  O   . GLN A 1 164 ? -2.705  4.855   6.683   1.00 28.53 ? 316 GLN A O   1 
ATOM   1136 C  CB  . GLN A 1 164 ? -2.461  8.071   6.571   1.00 32.14 ? 316 GLN A CB  1 
ATOM   1137 C  CG  . GLN A 1 164 ? -3.611  9.072   6.660   0.20 32.24 ? 316 GLN A CG  1 
ATOM   1138 C  CD  . GLN A 1 164 ? -3.177  10.510  6.485   0.20 32.17 ? 316 GLN A CD  1 
ATOM   1139 O  OE1 . GLN A 1 164 ? -2.289  10.824  5.687   0.20 32.42 ? 316 GLN A OE1 1 
ATOM   1140 N  NE2 . GLN A 1 164 ? -3.825  11.400  7.210   0.20 31.41 ? 316 GLN A NE2 1 
ATOM   1141 N  N   . ARG A 1 165 ? -0.761  5.421   5.662   1.00 31.13 ? 317 ARG A N   1 
ATOM   1142 C  CA  . ARG A 1 165 ? -0.031  4.240   6.086   1.00 31.19 ? 317 ARG A CA  1 
ATOM   1143 C  C   . ARG A 1 165 ? 0.926   4.580   7.224   1.00 30.75 ? 317 ARG A C   1 
ATOM   1144 O  O   . ARG A 1 165 ? 1.624   5.570   7.132   1.00 31.35 ? 317 ARG A O   1 
ATOM   1145 C  CB  . ARG A 1 165 ? 0.780   3.670   4.929   1.00 32.66 ? 317 ARG A CB  1 
ATOM   1146 C  CG  . ARG A 1 165 ? 0.236   2.394   4.353   1.00 35.83 ? 317 ARG A CG  1 
ATOM   1147 C  CD  . ARG A 1 165 ? 0.018   1.311   5.422   1.00 35.17 ? 317 ARG A CD  1 
ATOM   1148 N  NE  . ARG A 1 165 ? 0.978   0.226   5.403   1.00 30.91 ? 317 ARG A NE  1 
ATOM   1149 C  CZ  . ARG A 1 165 ? 1.272   -0.465  4.315   1.00 30.97 ? 317 ARG A CZ  1 
ATOM   1150 N  NH1 . ARG A 1 165 ? 0.683   -0.163  3.176   1.00 31.01 ? 317 ARG A NH1 1 
ATOM   1151 N  NH2 . ARG A 1 165 ? 2.152   -1.456  4.360   1.00 30.57 ? 317 ARG A NH2 1 
ATOM   1152 N  N   . ALA A 1 166 ? 0.971   3.763   8.276   1.00 28.23 ? 318 ALA A N   1 
ATOM   1153 C  CA  . ALA A 1 166 ? 1.855   4.052   9.405   1.00 27.76 ? 318 ALA A CA  1 
ATOM   1154 C  C   . ALA A 1 166 ? 2.160   2.850   10.286  1.00 26.87 ? 318 ALA A C   1 
ATOM   1155 O  O   . ALA A 1 166 ? 1.343   1.927   10.417  1.00 24.90 ? 318 ALA A O   1 
ATOM   1156 C  CB  . ALA A 1 166 ? 1.282   5.183   10.264  1.00 29.13 ? 318 ALA A CB  1 
ATOM   1157 N  N   . TRP A 1 167 ? 3.353   2.874   10.894  1.00 25.68 ? 319 TRP A N   1 
ATOM   1158 C  CA  . TRP A 1 167 ? 3.700   1.948   11.954  1.00 25.67 ? 319 TRP A CA  1 
ATOM   1159 C  C   . TRP A 1 167 ? 3.218   2.509   13.268  1.00 26.06 ? 319 TRP A C   1 
ATOM   1160 O  O   . TRP A 1 167 ? 3.539   3.641   13.602  1.00 25.05 ? 319 TRP A O   1 
ATOM   1161 C  CB  . TRP A 1 167 ? 5.221   1.709   12.042  1.00 25.86 ? 319 TRP A CB  1 
ATOM   1162 C  CG  . TRP A 1 167 ? 5.724   0.854   10.921  1.00 24.53 ? 319 TRP A CG  1 
ATOM   1163 C  CD1 . TRP A 1 167 ? 6.208   1.289   9.732   1.00 24.99 ? 319 TRP A CD1 1 
ATOM   1164 C  CD2 . TRP A 1 167 ? 5.723   -0.578  10.854  1.00 24.58 ? 319 TRP A CD2 1 
ATOM   1165 N  NE1 . TRP A 1 167 ? 6.528   0.225   8.931   1.00 23.95 ? 319 TRP A NE1 1 
ATOM   1166 C  CE2 . TRP A 1 167 ? 6.252   -0.933  9.596   1.00 23.20 ? 319 TRP A CE2 1 
ATOM   1167 C  CE3 . TRP A 1 167 ? 5.361   -1.596  11.743  1.00 23.21 ? 319 TRP A CE3 1 
ATOM   1168 C  CZ2 . TRP A 1 167 ? 6.426   -2.249  9.208   1.00 22.28 ? 319 TRP A CZ2 1 
ATOM   1169 C  CZ3 . TRP A 1 167 ? 5.516   -2.899  11.349  1.00 24.78 ? 319 TRP A CZ3 1 
ATOM   1170 C  CH2 . TRP A 1 167 ? 6.057   -3.214  10.086  1.00 23.36 ? 319 TRP A CH2 1 
ATOM   1171 N  N   . ILE A 1 168 ? 2.500   1.696   14.036  1.00 26.44 ? 320 ILE A N   1 
ATOM   1172 C  CA  . ILE A 1 168 ? 1.904   2.143   15.295  1.00 26.08 ? 320 ILE A CA  1 
ATOM   1173 C  C   . ILE A 1 168 ? 2.477   1.283   16.434  1.00 25.97 ? 320 ILE A C   1 
ATOM   1174 O  O   . ILE A 1 168 ? 2.425   0.048   16.374  1.00 26.29 ? 320 ILE A O   1 
ATOM   1175 C  CB  . ILE A 1 168 ? 0.355   2.008   15.278  1.00 26.75 ? 320 ILE A CB  1 
ATOM   1176 C  CG1 . ILE A 1 168 ? -0.264  2.711   14.067  1.00 25.65 ? 320 ILE A CG1 1 
ATOM   1177 C  CG2 . ILE A 1 168 ? -0.267  2.578   16.559  1.00 28.26 ? 320 ILE A CG2 1 
ATOM   1178 C  CD1 . ILE A 1 168 ? -0.241  4.227   14.103  1.00 26.15 ? 320 ILE A CD1 1 
ATOM   1179 N  N   . PRO A 1 169 ? 2.998   1.920   17.490  1.00 27.72 ? 321 PRO A N   1 
ATOM   1180 C  CA  . PRO A 1 169 ? 3.413   1.150   18.663  1.00 29.53 ? 321 PRO A CA  1 
ATOM   1181 C  C   . PRO A 1 169 ? 2.276   0.295   19.201  1.00 29.74 ? 321 PRO A C   1 
ATOM   1182 O  O   . PRO A 1 169 ? 1.138   0.770   19.280  1.00 28.94 ? 321 PRO A O   1 
ATOM   1183 C  CB  . PRO A 1 169 ? 3.758   2.234   19.702  1.00 29.38 ? 321 PRO A CB  1 
ATOM   1184 C  CG  . PRO A 1 169 ? 3.995   3.464   18.913  1.00 30.79 ? 321 PRO A CG  1 
ATOM   1185 C  CD  . PRO A 1 169 ? 3.101   3.371   17.716  1.00 28.33 ? 321 PRO A CD  1 
ATOM   1186 N  N   . SER A 1 170 ? 2.587   -0.930  19.596  1.00 30.39 ? 322 SER A N   1 
ATOM   1187 C  CA  . SER A 1 170 ? 1.589   -1.878  20.080  1.00 34.08 ? 322 SER A CA  1 
ATOM   1188 C  C   . SER A 1 170 ? 0.724   -1.335  21.210  1.00 34.48 ? 322 SER A C   1 
ATOM   1189 O  O   . SER A 1 170 ? -0.436  -1.714  21.334  1.00 33.90 ? 322 SER A O   1 
ATOM   1190 C  CB  . SER A 1 170 ? 2.249   -3.170  20.560  1.00 36.13 ? 322 SER A CB  1 
ATOM   1191 O  OG  . SER A 1 170 ? 2.629   -3.982  19.472  1.00 40.29 ? 322 SER A OG  1 
ATOM   1192 N  N   . GLU A 1 171 ? 1.285   -0.456  22.032  1.00 34.84 ? 323 GLU A N   1 
ATOM   1193 C  CA  . GLU A 1 171 ? 0.537   0.083   23.156  1.00 36.39 ? 323 GLU A CA  1 
ATOM   1194 C  C   . GLU A 1 171 ? -0.493  1.129   22.690  1.00 35.65 ? 323 GLU A C   1 
ATOM   1195 O  O   . GLU A 1 171 ? -1.377  1.493   23.457  1.00 31.95 ? 323 GLU A O   1 
ATOM   1196 C  CB  . GLU A 1 171 ? 1.486   0.639   24.236  1.00 38.86 ? 323 GLU A CB  1 
ATOM   1197 C  CG  . GLU A 1 171 ? 2.170   1.963   23.907  1.00 41.79 ? 323 GLU A CG  1 
ATOM   1198 C  CD  . GLU A 1 171 ? 3.541   1.822   23.260  1.00 45.51 ? 323 GLU A CD  1 
ATOM   1199 O  OE1 . GLU A 1 171 ? 3.887   0.719   22.771  1.00 46.39 ? 323 GLU A OE1 1 
ATOM   1200 O  OE2 . GLU A 1 171 ? 4.278   2.838   23.231  1.00 50.38 ? 323 GLU A OE2 1 
ATOM   1201 N  N   . ASN A 1 172 ? -0.388  1.596   21.436  1.00 31.45 ? 324 ASN A N   1 
ATOM   1202 C  CA  . ASN A 1 172 ? -1.349  2.547   20.888  1.00 30.27 ? 324 ASN A CA  1 
ATOM   1203 C  C   . ASN A 1 172 ? -2.424  1.914   19.992  1.00 29.08 ? 324 ASN A C   1 
ATOM   1204 O  O   . ASN A 1 172 ? -3.000  2.598   19.167  1.00 26.81 ? 324 ASN A O   1 
ATOM   1205 C  CB  . ASN A 1 172 ? -0.617  3.639   20.121  1.00 29.48 ? 324 ASN A CB  1 
ATOM   1206 C  CG  . ASN A 1 172 ? 0.281   4.460   21.016  1.00 32.86 ? 324 ASN A CG  1 
ATOM   1207 O  OD1 . ASN A 1 172 ? 0.330   4.244   22.223  1.00 31.90 ? 324 ASN A OD1 1 
ATOM   1208 N  ND2 . ASN A 1 172 ? 0.978   5.406   20.439  1.00 33.94 ? 324 ASN A ND2 1 
ATOM   1209 N  N   . ILE A 1 173 ? -2.689  0.629   20.194  1.00 29.40 ? 325 ILE A N   1 
ATOM   1210 C  CA  . ILE A 1 173 ? -3.679  -0.135  19.431  1.00 31.14 ? 325 ILE A CA  1 
ATOM   1211 C  C   . ILE A 1 173 ? -4.754  -0.626  20.392  1.00 30.65 ? 325 ILE A C   1 
ATOM   1212 O  O   . ILE A 1 173 ? -4.452  -1.074  21.495  1.00 29.60 ? 325 ILE A O   1 
ATOM   1213 C  CB  . ILE A 1 173 ? -3.036  -1.379  18.763  1.00 33.65 ? 325 ILE A CB  1 
ATOM   1214 C  CG1 . ILE A 1 173 ? -2.347  -0.996  17.446  1.00 36.51 ? 325 ILE A CG1 1 
ATOM   1215 C  CG2 . ILE A 1 173 ? -4.047  -2.490  18.477  1.00 33.75 ? 325 ILE A CG2 1 
ATOM   1216 C  CD1 . ILE A 1 173 ? -0.880  -0.817  17.635  1.00 39.52 ? 325 ILE A CD1 1 
ATOM   1217 N  N   . GLN A 1 174 ? -6.001  -0.567  19.957  1.00 28.86 ? 326 GLN A N   1 
ATOM   1218 C  CA  . GLN A 1 174 ? -7.121  -1.112  20.714  1.00 30.79 ? 326 GLN A CA  1 
ATOM   1219 C  C   . GLN A 1 174 ? -7.936  -2.030  19.806  1.00 31.77 ? 326 GLN A C   1 
ATOM   1220 O  O   . GLN A 1 174 ? -8.005  -1.826  18.584  1.00 30.59 ? 326 GLN A O   1 
ATOM   1221 C  CB  . GLN A 1 174 ? -7.991  0.026   21.244  1.00 32.14 ? 326 GLN A CB  1 
ATOM   1222 C  CG  . GLN A 1 174 ? -7.311  0.909   22.290  1.00 33.38 ? 326 GLN A CG  1 
ATOM   1223 C  CD  . GLN A 1 174 ? -7.277  0.258   23.658  1.00 35.64 ? 326 GLN A CD  1 
ATOM   1224 O  OE1 . GLN A 1 174 ? -8.243  -0.387  24.063  1.00 34.62 ? 326 GLN A OE1 1 
ATOM   1225 N  NE2 . GLN A 1 174 ? -6.167  0.414   24.374  1.00 36.14 ? 326 GLN A NE2 1 
ATOM   1226 N  N   . ASP A 1 175 ? -8.543  -3.048  20.412  1.00 33.22 ? 327 ASP A N   1 
ATOM   1227 C  CA  . ASP A 1 175 ? -9.390  -3.995  19.699  1.00 33.46 ? 327 ASP A CA  1 
ATOM   1228 C  C   . ASP A 1 175 ? -10.534 -3.197  19.060  1.00 31.57 ? 327 ASP A C   1 
ATOM   1229 O  O   . ASP A 1 175 ? -10.994 -2.211  19.632  1.00 29.58 ? 327 ASP A O   1 
ATOM   1230 C  CB  . ASP A 1 175 ? -9.911  -5.061  20.689  1.00 38.17 ? 327 ASP A CB  1 
ATOM   1231 C  CG  . ASP A 1 175 ? -10.386 -6.326  20.007  1.00 41.64 ? 327 ASP A CG  1 
ATOM   1232 O  OD1 . ASP A 1 175 ? -9.608  -7.309  19.955  1.00 43.19 ? 327 ASP A OD1 1 
ATOM   1233 O  OD2 . ASP A 1 175 ? -11.538 -6.341  19.527  1.00 41.04 ? 327 ASP A OD2 1 
ATOM   1234 N  N   . ILE A 1 176 ? -10.997 -3.618  17.886  1.00 30.46 ? 328 ILE A N   1 
ATOM   1235 C  CA  . ILE A 1 176 ? -12.067 -2.903  17.204  1.00 30.51 ? 328 ILE A CA  1 
ATOM   1236 C  C   . ILE A 1 176 ? -13.372 -2.934  17.998  1.00 31.03 ? 328 ILE A C   1 
ATOM   1237 O  O   . ILE A 1 176 ? -14.211 -2.070  17.816  1.00 31.18 ? 328 ILE A O   1 
ATOM   1238 C  CB  . ILE A 1 176 ? -12.294 -3.421  15.762  1.00 31.77 ? 328 ILE A CB  1 
ATOM   1239 C  CG1 . ILE A 1 176 ? -12.936 -2.357  14.885  1.00 31.97 ? 328 ILE A CG1 1 
ATOM   1240 C  CG2 . ILE A 1 176 ? -13.104 -4.711  15.744  1.00 34.17 ? 328 ILE A CG2 1 
ATOM   1241 C  CD1 . ILE A 1 176 ? -12.045 -1.173  14.564  1.00 31.97 ? 328 ILE A CD1 1 
ATOM   1242 N  N   . THR A 1 177 ? -13.513 -3.912  18.891  1.00 33.10 ? 329 THR A N   1 
ATOM   1243 C  CA  . THR A 1 177 ? -14.735 -4.102  19.675  1.00 34.48 ? 329 THR A CA  1 
ATOM   1244 C  C   . THR A 1 177 ? -14.820 -3.215  20.919  1.00 36.00 ? 329 THR A C   1 
ATOM   1245 O  O   . THR A 1 177 ? -15.811 -3.262  21.649  1.00 36.55 ? 329 THR A O   1 
ATOM   1246 C  CB  . THR A 1 177 ? -14.838 -5.566  20.143  1.00 33.87 ? 329 THR A CB  1 
ATOM   1247 O  OG1 . THR A 1 177 ? -13.749 -5.875  21.019  1.00 32.66 ? 329 THR A OG1 1 
ATOM   1248 C  CG2 . THR A 1 177 ? -14.779 -6.501  18.953  1.00 36.39 ? 329 THR A CG2 1 
ATOM   1249 N  N   . VAL A 1 178 ? -13.797 -2.406  21.161  1.00 36.85 ? 330 VAL A N   1 
ATOM   1250 C  CA  . VAL A 1 178 ? -13.789 -1.536  22.315  1.00 39.02 ? 330 VAL A CA  1 
ATOM   1251 C  C   . VAL A 1 178 ? -14.855 -0.449  22.143  1.00 42.47 ? 330 VAL A C   1 
ATOM   1252 O  O   . VAL A 1 178 ? -15.186 -0.040  21.025  1.00 39.85 ? 330 VAL A O   1 
ATOM   1253 C  CB  . VAL A 1 178 ? -12.391 -0.903  22.541  1.00 39.62 ? 330 VAL A CB  1 
ATOM   1254 C  CG1 . VAL A 1 178 ? -12.075 0.138   21.474  1.00 41.68 ? 330 VAL A CG1 1 
ATOM   1255 C  CG2 . VAL A 1 178 ? -12.304 -0.269  23.917  1.00 40.04 ? 330 VAL A CG2 1 
ATOM   1256 N  N   . ASN A 1 179 ? -15.400 -0.003  23.268  1.00 45.78 ? 331 ASN A N   1 
ATOM   1257 C  CA  . ASN A 1 179 ? -16.273 1.149   23.289  1.00 47.68 ? 331 ASN A CA  1 
ATOM   1258 C  C   . ASN A 1 179 ? -15.410 2.398   23.118  1.00 46.95 ? 331 ASN A C   1 
ATOM   1259 O  O   . ASN A 1 179 ? -14.705 2.823   24.047  1.00 44.03 ? 331 ASN A O   1 
ATOM   1260 C  CB  . ASN A 1 179 ? -17.049 1.198   24.608  1.00 50.17 ? 331 ASN A CB  1 
ATOM   1261 C  CG  . ASN A 1 179 ? -17.948 2.420   24.731  1.00 51.63 ? 331 ASN A CG  1 
ATOM   1262 O  OD1 . ASN A 1 179 ? -18.471 2.677   25.809  1.00 55.54 ? 331 ASN A OD1 1 
ATOM   1263 N  ND2 . ASN A 1 179 ? -18.160 3.157   23.640  1.00 50.12 ? 331 ASN A ND2 1 
ATOM   1264 N  N   . ILE A 1 180 ? -15.460 2.975   21.924  1.00 51.48 ? 332 ILE A N   1 
ATOM   1265 C  CA  . ILE A 1 180 ? -14.521 4.033   21.564  1.00 57.87 ? 332 ILE A CA  1 
ATOM   1266 C  C   . ILE A 1 180 ? -14.874 5.366   22.217  1.00 61.61 ? 332 ILE A C   1 
ATOM   1267 O  O   . ILE A 1 180 ? -14.004 6.212   22.421  1.00 62.16 ? 332 ILE A O   1 
ATOM   1268 C  CB  . ILE A 1 180 ? -14.389 4.181   20.026  1.00 61.25 ? 332 ILE A CB  1 
ATOM   1269 C  CG1 . ILE A 1 180 ? -13.022 4.767   19.650  1.00 60.31 ? 332 ILE A CG1 1 
ATOM   1270 C  CG2 . ILE A 1 180 ? -15.526 5.026   19.455  1.00 62.10 ? 332 ILE A CG2 1 
ATOM   1271 C  CD1 . ILE A 1 180 ? -11.859 4.165   20.410  1.00 60.75 ? 332 ILE A CD1 1 
ATOM   1272 N  N   . HIS A 1 181 ? -16.148 5.536   22.563  1.00 67.74 ? 333 HIS A N   1 
ATOM   1273 C  CA  . HIS A 1 181 ? -16.615 6.729   23.279  1.00 70.86 ? 333 HIS A CA  1 
ATOM   1274 C  C   . HIS A 1 181 ? -15.805 7.020   24.544  1.00 69.15 ? 333 HIS A C   1 
ATOM   1275 O  O   . HIS A 1 181 ? -15.674 8.173   24.955  1.00 65.88 ? 333 HIS A O   1 
ATOM   1276 C  CB  . HIS A 1 181 ? -18.106 6.604   23.618  1.00 73.61 ? 333 HIS A CB  1 
ATOM   1277 C  CG  . HIS A 1 181 ? -18.978 6.428   22.412  1.00 75.91 ? 333 HIS A CG  1 
ATOM   1278 N  ND1 . HIS A 1 181 ? -20.250 5.895   22.464  1.00 77.60 ? 333 HIS A ND1 1 
ATOM   1279 C  CD2 . HIS A 1 181 ? -18.736 6.692   21.109  1.00 77.61 ? 333 HIS A CD2 1 
ATOM   1280 C  CE1 . HIS A 1 181 ? -20.759 5.862   21.243  1.00 78.83 ? 333 HIS A CE1 1 
ATOM   1281 N  NE2 . HIS A 1 181 ? -19.859 6.339   20.403  1.00 79.69 ? 333 HIS A NE2 1 
ATOM   1282 N  N   . ARG A 1 182 ? -15.251 5.970   25.144  1.00 71.12 ? 334 ARG A N   1 
ATOM   1283 C  CA  . ARG A 1 182 ? -14.399 6.101   26.323  1.00 72.35 ? 334 ARG A CA  1 
ATOM   1284 C  C   . ARG A 1 182 ? -13.051 6.791   26.056  1.00 69.39 ? 334 ARG A C   1 
ATOM   1285 O  O   . ARG A 1 182 ? -12.474 7.400   26.962  1.00 71.59 ? 334 ARG A O   1 
ATOM   1286 C  CB  . ARG A 1 182 ? -14.132 4.713   26.927  1.00 77.41 ? 334 ARG A CB  1 
ATOM   1287 C  CG  . ARG A 1 182 ? -15.366 4.014   27.478  1.00 82.28 ? 334 ARG A CG  1 
ATOM   1288 C  CD  . ARG A 1 182 ? -15.804 4.610   28.809  1.00 86.29 ? 334 ARG A CD  1 
ATOM   1289 N  NE  . ARG A 1 182 ? -17.182 4.253   29.148  1.00 91.18 ? 334 ARG A NE  1 
ATOM   1290 C  CZ  . ARG A 1 182 ? -18.272 4.789   28.593  1.00 93.48 ? 334 ARG A CZ  1 
ATOM   1291 N  NH1 . ARG A 1 182 ? -18.175 5.720   27.644  1.00 92.57 ? 334 ARG A NH1 1 
ATOM   1292 N  NH2 . ARG A 1 182 ? -19.477 4.384   28.986  1.00 94.58 ? 334 ARG A NH2 1 
ATOM   1293 N  N   . LEU A 1 183 ? -12.555 6.708   24.822  1.00 61.01 ? 335 LEU A N   1 
ATOM   1294 C  CA  . LEU A 1 183 ? -11.162 7.055   24.542  1.00 55.25 ? 335 LEU A CA  1 
ATOM   1295 C  C   . LEU A 1 183 ? -10.957 8.357   23.782  1.00 49.23 ? 335 LEU A C   1 
ATOM   1296 O  O   . LEU A 1 183 ? -11.884 8.960   23.245  1.00 46.06 ? 335 LEU A O   1 
ATOM   1297 C  CB  . LEU A 1 183 ? -10.488 5.922   23.764  1.00 56.36 ? 335 LEU A CB  1 
ATOM   1298 C  CG  . LEU A 1 183 ? -10.856 4.493   24.171  1.00 56.70 ? 335 LEU A CG  1 
ATOM   1299 C  CD1 . LEU A 1 183 ? -10.299 3.486   23.178  1.00 58.15 ? 335 LEU A CD1 1 
ATOM   1300 C  CD2 . LEU A 1 183 ? -10.364 4.178   25.579  1.00 56.11 ? 335 LEU A CD2 1 
ATOM   1301 N  N   . HIS A 1 184 ? -9.696  8.760   23.731  1.00 46.98 ? 336 HIS A N   1 
ATOM   1302 C  CA  . HIS A 1 184 ? -9.298  9.971   23.061  1.00 43.82 ? 336 HIS A CA  1 
ATOM   1303 C  C   . HIS A 1 184 ? -9.536  9.878   21.558  1.00 42.19 ? 336 HIS A C   1 
ATOM   1304 O  O   . HIS A 1 184 ? -8.820  9.173   20.844  1.00 40.21 ? 336 HIS A O   1 
ATOM   1305 C  CB  . HIS A 1 184 ? -7.822  10.251  23.339  1.00 45.73 ? 336 HIS A CB  1 
ATOM   1306 C  CG  . HIS A 1 184 ? -7.281  11.420  22.584  1.00 44.17 ? 336 HIS A CG  1 
ATOM   1307 N  ND1 . HIS A 1 184 ? -5.972  11.492  22.161  1.00 44.77 ? 336 HIS A ND1 1 
ATOM   1308 C  CD2 . HIS A 1 184 ? -7.879  12.554  22.152  1.00 45.88 ? 336 HIS A CD2 1 
ATOM   1309 C  CE1 . HIS A 1 184 ? -5.783  12.627  21.512  1.00 45.60 ? 336 HIS A CE1 1 
ATOM   1310 N  NE2 . HIS A 1 184 ? -6.925  13.289  21.491  1.00 46.50 ? 336 HIS A NE2 1 
ATOM   1311 N  N   . VAL A 1 185 ? -10.553 10.599  21.098  1.00 40.46 ? 337 VAL A N   1 
ATOM   1312 C  CA  . VAL A 1 185 ? -10.780 10.804  19.681  1.00 40.47 ? 337 VAL A CA  1 
ATOM   1313 C  C   . VAL A 1 185 ? -11.203 12.247  19.458  1.00 40.50 ? 337 VAL A C   1 
ATOM   1314 O  O   . VAL A 1 185 ? -11.789 12.868  20.344  1.00 41.44 ? 337 VAL A O   1 
ATOM   1315 C  CB  . VAL A 1 185 ? -11.864 9.847   19.122  1.00 40.60 ? 337 VAL A CB  1 
ATOM   1316 C  CG1 . VAL A 1 185 ? -11.632 8.423   19.608  1.00 40.42 ? 337 VAL A CG1 1 
ATOM   1317 C  CG2 . VAL A 1 185 ? -13.260 10.289  19.531  1.00 42.01 ? 337 VAL A CG2 1 
ATOM   1318 N  N   . LYS A 1 186 ? -10.909 12.772  18.277  1.00 40.40 ? 338 LYS A N   1 
ATOM   1319 C  CA  . LYS A 1 186 ? -11.482 14.031  17.848  1.00 42.74 ? 338 LYS A CA  1 
ATOM   1320 C  C   . LYS A 1 186 ? -12.459 13.722  16.750  1.00 41.59 ? 338 LYS A C   1 
ATOM   1321 O  O   . LYS A 1 186 ? -12.072 13.220  15.691  1.00 38.44 ? 338 LYS A O   1 
ATOM   1322 C  CB  . LYS A 1 186 ? -10.427 15.003  17.321  1.00 44.50 ? 338 LYS A CB  1 
ATOM   1323 C  CG  . LYS A 1 186 ? -11.022 16.373  17.018  1.00 48.31 ? 338 LYS A CG  1 
ATOM   1324 C  CD  . LYS A 1 186 ? -10.021 17.298  16.346  1.00 49.11 ? 338 LYS A CD  1 
ATOM   1325 C  CE  . LYS A 1 186 ? -10.351 18.758  16.609  1.00 50.85 ? 338 LYS A CE  1 
ATOM   1326 N  NZ  . LYS A 1 186 ? -11.102 19.403  15.503  1.00 51.11 ? 338 LYS A NZ  1 
ATOM   1327 N  N   . ARG A 1 187 ? -13.722 14.052  16.992  1.00 40.61 ? 339 ARG A N   1 
ATOM   1328 C  CA  . ARG A 1 187 ? -14.791 13.739  16.067  1.00 41.83 ? 339 ARG A CA  1 
ATOM   1329 C  C   . ARG A 1 187 ? -14.892 14.720  14.935  1.00 40.41 ? 339 ARG A C   1 
ATOM   1330 O  O   . ARG A 1 187 ? -15.939 15.326  14.735  1.00 43.68 ? 339 ARG A O   1 
ATOM   1331 C  CB  . ARG A 1 187 ? -16.120 13.720  16.796  1.00 45.95 ? 339 ARG A CB  1 
ATOM   1332 C  CG  . ARG A 1 187 ? -16.169 12.658  17.850  1.00 49.39 ? 339 ARG A CG  1 
ATOM   1333 C  CD  . ARG A 1 187 ? -17.561 12.514  18.425  1.00 52.80 ? 339 ARG A CD  1 
ATOM   1334 N  NE  . ARG A 1 187 ? -17.788 11.123  18.781  1.00 57.23 ? 339 ARG A NE  1 
ATOM   1335 C  CZ  . ARG A 1 187 ? -17.154 10.479  19.758  1.00 61.23 ? 339 ARG A CZ  1 
ATOM   1336 N  NH1 . ARG A 1 187 ? -16.245 11.086  20.520  1.00 64.23 ? 339 ARG A NH1 1 
ATOM   1337 N  NH2 . ARG A 1 187 ? -17.433 9.208   19.975  1.00 60.56 ? 339 ARG A NH2 1 
ATOM   1338 N  N   . SER A 1 188 ? -13.822 14.855  14.165  1.00 35.86 ? 340 SER A N   1 
ATOM   1339 C  CA  . SER A 1 188 ? -13.836 15.702  13.001  1.00 34.31 ? 340 SER A CA  1 
ATOM   1340 C  C   . SER A 1 188 ? -14.660 15.050  11.911  1.00 36.43 ? 340 SER A C   1 
ATOM   1341 O  O   . SER A 1 188 ? -15.038 13.882  12.011  1.00 37.03 ? 340 SER A O   1 
ATOM   1342 C  CB  . SER A 1 188 ? -12.418 15.905  12.492  1.00 34.77 ? 340 SER A CB  1 
ATOM   1343 O  OG  . SER A 1 188 ? -11.863 14.657  12.113  1.00 31.90 ? 340 SER A OG  1 
ATOM   1344 N  N   . MET A 1 189 ? -14.911 15.806  10.855  1.00 39.33 ? 341 MET A N   1 
ATOM   1345 C  CA  . MET A 1 189 ? -15.634 15.288  9.706   1.00 43.70 ? 341 MET A CA  1 
ATOM   1346 C  C   . MET A 1 189 ? -14.831 14.188  9.021   1.00 40.91 ? 341 MET A C   1 
ATOM   1347 O  O   . MET A 1 189 ? -15.405 13.212  8.542   1.00 38.01 ? 341 MET A O   1 
ATOM   1348 C  CB  . MET A 1 189 ? -15.934 16.394  8.700   1.00 48.71 ? 341 MET A CB  1 
ATOM   1349 C  CG  . MET A 1 189 ? -17.310 16.286  8.059   1.00 55.49 ? 341 MET A CG  1 
ATOM   1350 S  SD  . MET A 1 189 ? -18.712 16.569  9.180   1.00 63.23 ? 341 MET A SD  1 
ATOM   1351 C  CE  . MET A 1 189 ? -17.995 17.530  10.516  1.00 60.52 ? 341 MET A CE  1 
ATOM   1352 N  N   . GLY A 1 190 ? -13.511 14.344  8.966   1.00 37.71 ? 342 GLY A N   1 
ATOM   1353 C  CA  . GLY A 1 190 ? -12.658 13.316  8.373   1.00 34.93 ? 342 GLY A CA  1 
ATOM   1354 C  C   . GLY A 1 190 ? -12.774 12.007  9.143   1.00 32.16 ? 342 GLY A C   1 
ATOM   1355 O  O   . GLY A 1 190 ? -12.871 10.932  8.552   1.00 31.76 ? 342 GLY A O   1 
ATOM   1356 N  N   . TRP A 1 191 ? -12.751 12.113  10.466  1.00 31.04 ? 343 TRP A N   1 
ATOM   1357 C  CA  . TRP A 1 191 ? -12.859 10.969  11.349  1.00 30.25 ? 343 TRP A CA  1 
ATOM   1358 C  C   . TRP A 1 191 ? -14.213 10.275  11.205  1.00 32.03 ? 343 TRP A C   1 
ATOM   1359 O  O   . TRP A 1 191 ? -14.288 9.038   11.127  1.00 28.31 ? 343 TRP A O   1 
ATOM   1360 C  CB  . TRP A 1 191 ? -12.648 11.411  12.790  1.00 30.11 ? 343 TRP A CB  1 
ATOM   1361 C  CG  . TRP A 1 191 ? -12.645 10.331  13.778  1.00 28.78 ? 343 TRP A CG  1 
ATOM   1362 C  CD1 . TRP A 1 191 ? -11.569 9.584   14.174  1.00 30.16 ? 343 TRP A CD1 1 
ATOM   1363 C  CD2 . TRP A 1 191 ? -13.761 9.855   14.535  1.00 30.21 ? 343 TRP A CD2 1 
ATOM   1364 N  NE1 . TRP A 1 191 ? -11.950 8.681   15.133  1.00 29.63 ? 343 TRP A NE1 1 
ATOM   1365 C  CE2 . TRP A 1 191 ? -13.289 8.831   15.376  1.00 30.04 ? 343 TRP A CE2 1 
ATOM   1366 C  CE3 . TRP A 1 191 ? -15.117 10.206  14.594  1.00 31.61 ? 343 TRP A CE3 1 
ATOM   1367 C  CZ2 . TRP A 1 191 ? -14.121 8.141   16.251  1.00 30.87 ? 343 TRP A CZ2 1 
ATOM   1368 C  CZ3 . TRP A 1 191 ? -15.937 9.529   15.473  1.00 31.39 ? 343 TRP A CZ3 1 
ATOM   1369 C  CH2 . TRP A 1 191 ? -15.435 8.506   16.290  1.00 32.91 ? 343 TRP A CH2 1 
ATOM   1370 N  N   . LYS A 1 192 ? -15.273 11.070  11.180  1.00 31.24 ? 344 LYS A N   1 
ATOM   1371 C  CA  . LYS A 1 192 ? -16.603 10.524  11.019  1.00 33.34 ? 344 LYS A CA  1 
ATOM   1372 C  C   . LYS A 1 192 ? -16.682 9.770   9.712   1.00 31.88 ? 344 LYS A C   1 
ATOM   1373 O  O   . LYS A 1 192 ? -17.261 8.702   9.675   1.00 31.93 ? 344 LYS A O   1 
ATOM   1374 C  CB  . LYS A 1 192 ? -17.671 11.620  11.031  1.00 36.59 ? 344 LYS A CB  1 
ATOM   1375 C  CG  . LYS A 1 192 ? -17.986 12.173  12.405  1.00 41.73 ? 344 LYS A CG  1 
ATOM   1376 C  CD  . LYS A 1 192 ? -19.042 13.268  12.289  1.00 45.53 ? 344 LYS A CD  1 
ATOM   1377 C  CE  . LYS A 1 192 ? -19.110 14.169  13.509  1.00 49.50 ? 344 LYS A CE  1 
ATOM   1378 N  NZ  . LYS A 1 192 ? -19.611 15.529  13.148  1.00 51.47 ? 344 LYS A NZ  1 
ATOM   1379 N  N   . LYS A 1 193 ? -16.103 10.323  8.649   1.00 32.96 ? 345 LYS A N   1 
ATOM   1380 C  CA  . LYS A 1 193 ? -16.089 9.654   7.358   1.00 35.03 ? 345 LYS A CA  1 
ATOM   1381 C  C   . LYS A 1 193 ? -15.334 8.330   7.442   1.00 33.17 ? 345 LYS A C   1 
ATOM   1382 O  O   . LYS A 1 193 ? -15.748 7.344   6.839   1.00 32.53 ? 345 LYS A O   1 
ATOM   1383 C  CB  . LYS A 1 193 ? -15.461 10.537  6.266   1.00 38.76 ? 345 LYS A CB  1 
ATOM   1384 C  CG  . LYS A 1 193 ? -16.108 11.907  6.108   1.00 45.71 ? 345 LYS A CG  1 
ATOM   1385 C  CD  . LYS A 1 193 ? -17.012 12.041  4.895   1.00 48.80 ? 345 LYS A CD  1 
ATOM   1386 C  CE  . LYS A 1 193 ? -17.767 13.370  4.917   1.00 53.19 ? 345 LYS A CE  1 
ATOM   1387 N  NZ  . LYS A 1 193 ? -17.032 14.482  4.238   1.00 55.04 ? 345 LYS A NZ  1 
ATOM   1388 N  N   . ALA A 1 194 ? -14.241 8.302   8.205   1.00 32.48 ? 346 ALA A N   1 
ATOM   1389 C  CA  . ALA A 1 194 ? -13.474 7.072   8.391   1.00 30.62 ? 346 ALA A CA  1 
ATOM   1390 C  C   . ALA A 1 194 ? -14.305 5.996   9.086   1.00 29.88 ? 346 ALA A C   1 
ATOM   1391 O  O   . ALA A 1 194 ? -14.265 4.845   8.684   1.00 28.34 ? 346 ALA A O   1 
ATOM   1392 C  CB  . ALA A 1 194 ? -12.186 7.331   9.160   1.00 30.53 ? 346 ALA A CB  1 
ATOM   1393 N  N   . CYS A 1 195 ? -15.070 6.380   10.102  1.00 28.54 ? 347 CYS A N   1 
ATOM   1394 C  CA  . CYS A 1 195 ? -15.950 5.448   10.804  1.00 29.03 ? 347 CYS A CA  1 
ATOM   1395 C  C   . CYS A 1 195 ? -17.063 4.922   9.890   1.00 28.93 ? 347 CYS A C   1 
ATOM   1396 O  O   . CYS A 1 195 ? -17.400 3.744   9.950   1.00 29.23 ? 347 CYS A O   1 
ATOM   1397 C  CB  . CYS A 1 195 ? -16.544 6.103   12.053  1.00 30.65 ? 347 CYS A CB  1 
ATOM   1398 S  SG  . CYS A 1 195 ? -15.279 6.423   13.319  1.00 32.58 ? 347 CYS A SG  1 
ATOM   1399 N  N   . ASP A 1 196 ? -17.608 5.796   9.052   1.00 29.44 ? 348 ASP A N   1 
ATOM   1400 C  CA  . ASP A 1 196 ? -18.579 5.398   8.026   1.00 29.56 ? 348 ASP A CA  1 
ATOM   1401 C  C   . ASP A 1 196 ? -17.950 4.390   7.075   1.00 28.25 ? 348 ASP A C   1 
ATOM   1402 O  O   . ASP A 1 196 ? -18.568 3.385   6.714   1.00 26.39 ? 348 ASP A O   1 
ATOM   1403 C  CB  . ASP A 1 196 ? -19.049 6.602   7.206   1.00 29.99 ? 348 ASP A CB  1 
ATOM   1404 C  CG  . ASP A 1 196 ? -19.970 7.555   7.990   1.00 32.11 ? 348 ASP A CG  1 
ATOM   1405 O  OD1 . ASP A 1 196 ? -20.375 7.245   9.120   1.00 33.17 ? 348 ASP A OD1 1 
ATOM   1406 O  OD2 . ASP A 1 196 ? -20.271 8.642   7.457   1.00 35.15 ? 348 ASP A OD2 1 
ATOM   1407 N  N   . GLU A 1 197 ? -16.717 4.650   6.659   1.00 27.52 ? 349 GLU A N   1 
ATOM   1408 C  CA  . GLU A 1 197 ? -16.042 3.739   5.755   1.00 26.08 ? 349 GLU A CA  1 
ATOM   1409 C  C   . GLU A 1 197 ? -15.782 2.391   6.444   1.00 24.85 ? 349 GLU A C   1 
ATOM   1410 O  O   . GLU A 1 197 ? -15.897 1.321   5.826   1.00 23.96 ? 349 GLU A O   1 
ATOM   1411 C  CB  . GLU A 1 197 ? -14.737 4.339   5.245   1.00 26.68 ? 349 GLU A CB  1 
ATOM   1412 C  CG  . GLU A 1 197 ? -14.220 3.671   3.982   1.00 27.54 ? 349 GLU A CG  1 
ATOM   1413 C  CD  . GLU A 1 197 ? -12.840 4.151   3.581   1.00 28.78 ? 349 GLU A CD  1 
ATOM   1414 O  OE1 . GLU A 1 197 ? -12.148 4.789   4.392   1.00 32.38 ? 349 GLU A OE1 1 
ATOM   1415 O  OE2 . GLU A 1 197 ? -12.436 3.897   2.442   1.00 30.79 ? 349 GLU A OE2 1 
ATOM   1416 N  N   . LEU A 1 198 ? -15.397 2.439   7.712   1.00 23.57 ? 350 LEU A N   1 
ATOM   1417 C  CA  . LEU A 1 198 ? -15.210 1.216   8.491   1.00 24.90 ? 350 LEU A CA  1 
ATOM   1418 C  C   . LEU A 1 198 ? -16.497 0.390   8.529   1.00 25.34 ? 350 LEU A C   1 
ATOM   1419 O  O   . LEU A 1 198 ? -16.479 -0.836  8.361   1.00 25.34 ? 350 LEU A O   1 
ATOM   1420 C  CB  . LEU A 1 198 ? -14.802 1.572   9.905   1.00 24.88 ? 350 LEU A CB  1 
ATOM   1421 C  CG  . LEU A 1 198 ? -14.865 0.507   10.969  1.00 26.85 ? 350 LEU A CG  1 
ATOM   1422 C  CD1 . LEU A 1 198 ? -13.844 -0.597  10.708  1.00 28.21 ? 350 LEU A CD1 1 
ATOM   1423 C  CD2 . LEU A 1 198 ? -14.653 1.148   12.340  1.00 27.90 ? 350 LEU A CD2 1 
ATOM   1424 N  N   . GLU A 1 199 ? -17.616 1.056   8.763   1.00 26.63 ? 351 GLU A N   1 
ATOM   1425 C  CA  . GLU A 1 199 ? -18.866 0.311   8.888   1.00 27.56 ? 351 GLU A CA  1 
ATOM   1426 C  C   . GLU A 1 199 ? -19.264 -0.299  7.547   1.00 25.21 ? 351 GLU A C   1 
ATOM   1427 O  O   . GLU A 1 199 ? -19.773 -1.409  7.508   1.00 26.15 ? 351 GLU A O   1 
ATOM   1428 C  CB  . GLU A 1 199 ? -19.981 1.208   9.441   1.00 28.73 ? 351 GLU A CB  1 
ATOM   1429 C  CG  . GLU A 1 199 ? -21.330 0.516   9.564   1.00 32.45 ? 351 GLU A CG  1 
ATOM   1430 C  CD  . GLU A 1 199 ? -21.246 -0.873  10.196  1.00 34.94 ? 351 GLU A CD  1 
ATOM   1431 O  OE1 . GLU A 1 199 ? -20.516 -1.037  11.205  1.00 36.60 ? 351 GLU A OE1 1 
ATOM   1432 O  OE2 . GLU A 1 199 ? -21.899 -1.814  9.674   1.00 34.07 ? 351 GLU A OE2 1 
ATOM   1433 N  N   . LEU A 1 200 ? -19.030 0.425   6.460   1.00 24.75 ? 352 LEU A N   1 
ATOM   1434 C  CA  . LEU A 1 200 ? -19.344 -0.096  5.132   1.00 24.04 ? 352 LEU A CA  1 
ATOM   1435 C  C   . LEU A 1 200 ? -18.484 -1.333  4.847   1.00 23.83 ? 352 LEU A C   1 
ATOM   1436 O  O   . LEU A 1 200 ? -18.969 -2.350  4.340   1.00 21.32 ? 352 LEU A O   1 
ATOM   1437 C  CB  . LEU A 1 200 ? -19.197 1.001   4.069   1.00 24.21 ? 352 LEU A CB  1 
ATOM   1438 C  CG  . LEU A 1 200 ? -19.627 0.615   2.649   1.00 23.85 ? 352 LEU A CG  1 
ATOM   1439 C  CD1 . LEU A 1 200 ? -21.101 0.199   2.618   1.00 23.84 ? 352 LEU A CD1 1 
ATOM   1440 C  CD2 . LEU A 1 200 ? -19.383 1.723   1.651   1.00 25.48 ? 352 LEU A CD2 1 
ATOM   1441 N  N   . HIS A 1 201 ? -17.213 -1.272  5.244   1.00 22.70 ? 353 HIS A N   1 
ATOM   1442 C  CA  . HIS A 1 201 ? -16.330 -2.411  5.160   1.00 22.69 ? 353 HIS A CA  1 
ATOM   1443 C  C   . HIS A 1 201 ? -16.832 -3.637  5.950   1.00 22.93 ? 353 HIS A C   1 
ATOM   1444 O  O   . HIS A 1 201 ? -16.847 -4.769  5.437   1.00 24.06 ? 353 HIS A O   1 
ATOM   1445 C  CB  . HIS A 1 201 ? -14.933 -2.017  5.649   1.00 21.97 ? 353 HIS A CB  1 
ATOM   1446 C  CG  . HIS A 1 201 ? -13.993 -3.176  5.766   1.00 21.60 ? 353 HIS A CG  1 
ATOM   1447 N  ND1 . HIS A 1 201 ? -13.676 -3.980  4.699   1.00 21.05 ? 353 HIS A ND1 1 
ATOM   1448 C  CD2 . HIS A 1 201 ? -13.288 -3.648  6.817   1.00 22.05 ? 353 HIS A CD2 1 
ATOM   1449 C  CE1 . HIS A 1 201 ? -12.812 -4.901  5.082   1.00 23.17 ? 353 HIS A CE1 1 
ATOM   1450 N  NE2 . HIS A 1 201 ? -12.546 -4.711  6.364   1.00 22.13 ? 353 HIS A NE2 1 
ATOM   1451 N  N   . GLN A 1 202 ? -17.238 -3.433  7.194   1.00 23.19 ? 354 GLN A N   1 
ATOM   1452 C  CA  . GLN A 1 202 ? -17.715 -4.541  8.019   1.00 24.06 ? 354 GLN A CA  1 
ATOM   1453 C  C   . GLN A 1 202 ? -18.977 -5.175  7.422   1.00 23.03 ? 354 GLN A C   1 
ATOM   1454 O  O   . GLN A 1 202 ? -19.167 -6.390  7.486   1.00 24.53 ? 354 GLN A O   1 
ATOM   1455 C  CB  . GLN A 1 202 ? -17.947 -4.058  9.447   1.00 28.01 ? 354 GLN A CB  1 
ATOM   1456 C  CG  . GLN A 1 202 ? -16.614 -3.873  10.157  1.00 30.30 ? 354 GLN A CG  1 
ATOM   1457 C  CD  . GLN A 1 202 ? -16.753 -3.329  11.549  1.00 34.29 ? 354 GLN A CD  1 
ATOM   1458 O  OE1 . GLN A 1 202 ? -17.479 -2.355  11.782  1.00 39.74 ? 354 GLN A OE1 1 
ATOM   1459 N  NE2 . GLN A 1 202 ? -16.037 -3.930  12.488  1.00 33.93 ? 354 GLN A NE2 1 
ATOM   1460 N  N   . ARG A 1 203 ? -19.815 -4.347  6.837   1.00 23.38 ? 355 ARG A N   1 
ATOM   1461 C  CA  . ARG A 1 203 ? -20.998 -4.803  6.114   1.00 25.22 ? 355 ARG A CA  1 
ATOM   1462 C  C   . ARG A 1 203 ? -20.616 -5.651  4.902   1.00 23.33 ? 355 ARG A C   1 
ATOM   1463 O  O   . ARG A 1 203 ? -21.172 -6.733  4.697   1.00 24.50 ? 355 ARG A O   1 
ATOM   1464 C  CB  . ARG A 1 203 ? -21.824 -3.586  5.663   1.00 25.52 ? 355 ARG A CB  1 
ATOM   1465 C  CG  . ARG A 1 203 ? -23.086 -3.976  4.893   1.00 28.89 ? 355 ARG A CG  1 
ATOM   1466 C  CD  . ARG A 1 203 ? -23.825 -2.742  4.409   1.00 30.48 ? 355 ARG A CD  1 
ATOM   1467 N  NE  . ARG A 1 203 ? -24.640 -3.054  3.248   1.00 35.87 ? 355 ARG A NE  1 
ATOM   1468 C  CZ  . ARG A 1 203 ? -25.100 -2.155  2.385   1.00 40.55 ? 355 ARG A CZ  1 
ATOM   1469 N  NH1 . ARG A 1 203 ? -24.815 -0.864  2.533   1.00 42.54 ? 355 ARG A NH1 1 
ATOM   1470 N  NH2 . ARG A 1 203 ? -25.859 -2.545  1.365   1.00 44.66 ? 355 ARG A NH2 1 
ATOM   1471 N  N   . PHE A 1 204 ? -19.684 -5.163  4.086   1.00 23.54 ? 356 PHE A N   1 
ATOM   1472 C  CA  . PHE A 1 204 ? -19.247 -5.925  2.892   1.00 21.94 ? 356 PHE A CA  1 
ATOM   1473 C  C   . PHE A 1 204 ? -18.719 -7.281  3.316   1.00 23.62 ? 356 PHE A C   1 
ATOM   1474 O  O   . PHE A 1 204 ? -18.989 -8.292  2.627   1.00 22.78 ? 356 PHE A O   1 
ATOM   1475 C  CB  . PHE A 1 204 ? -18.179 -5.182  2.085   1.00 22.60 ? 356 PHE A CB  1 
ATOM   1476 C  CG  . PHE A 1 204 ? -18.709 -4.051  1.225   1.00 22.28 ? 356 PHE A CG  1 
ATOM   1477 C  CD1 . PHE A 1 204 ? -20.015 -3.600  1.344   1.00 23.11 ? 356 PHE A CD1 1 
ATOM   1478 C  CD2 . PHE A 1 204 ? -17.864 -3.398  0.325   1.00 23.91 ? 356 PHE A CD2 1 
ATOM   1479 C  CE1 . PHE A 1 204 ? -20.484 -2.563  0.551   1.00 22.04 ? 356 PHE A CE1 1 
ATOM   1480 C  CE2 . PHE A 1 204 ? -18.318 -2.329  -0.445  1.00 22.93 ? 356 PHE A CE2 1 
ATOM   1481 C  CZ  . PHE A 1 204 ? -19.631 -1.918  -0.335  1.00 23.03 ? 356 PHE A CZ  1 
ATOM   1482 N  N   . LEU A 1 205 ? -17.983 -7.315  4.438   1.00 22.32 ? 357 LEU A N   1 
ATOM   1483 C  CA  . LEU A 1 205 ? -17.518 -8.583  5.041   1.00 23.17 ? 357 LEU A CA  1 
ATOM   1484 C  C   . LEU A 1 205 ? -18.659 -9.526  5.370   1.00 23.92 ? 357 LEU A C   1 
ATOM   1485 O  O   . LEU A 1 205 ? -18.618 -10.740 5.071   1.00 25.30 ? 357 LEU A O   1 
ATOM   1486 C  CB  . LEU A 1 205 ? -16.737 -8.338  6.357   1.00 24.19 ? 357 LEU A CB  1 
ATOM   1487 C  CG  . LEU A 1 205 ? -15.269 -7.931  6.264   1.00 26.63 ? 357 LEU A CG  1 
ATOM   1488 C  CD1 . LEU A 1 205 ? -14.692 -7.626  7.636   1.00 28.68 ? 357 LEU A CD1 1 
ATOM   1489 C  CD2 . LEU A 1 205 ? -14.436 -9.003  5.621   1.00 26.83 ? 357 LEU A CD2 1 
ATOM   1490 N  N   . ARG A 1 206 ? -19.674 -8.987  6.029   1.00 23.06 ? 358 ARG A N   1 
ATOM   1491 C  CA  . ARG A 1 206 ? -20.804 -9.807  6.418   1.00 23.49 ? 358 ARG A CA  1 
ATOM   1492 C  C   . ARG A 1 206 ? -21.599 -10.268 5.206   1.00 23.03 ? 358 ARG A C   1 
ATOM   1493 O  O   . ARG A 1 206 ? -22.182 -11.340 5.244   1.00 23.12 ? 358 ARG A O   1 
ATOM   1494 C  CB  . ARG A 1 206 ? -21.694 -9.063  7.392   1.00 22.22 ? 358 ARG A CB  1 
ATOM   1495 C  CG  . ARG A 1 206 ? -21.024 -8.859  8.741   1.00 23.66 ? 358 ARG A CG  1 
ATOM   1496 C  CD  . ARG A 1 206 ? -21.977 -8.250  9.751   1.00 23.27 ? 358 ARG A CD  1 
ATOM   1497 N  NE  . ARG A 1 206 ? -22.536 -6.948  9.339   1.00 23.66 ? 358 ARG A NE  1 
ATOM   1498 C  CZ  . ARG A 1 206 ? -22.115 -5.750  9.755   1.00 24.60 ? 358 ARG A CZ  1 
ATOM   1499 N  NH1 . ARG A 1 206 ? -21.070 -5.615  10.585  1.00 24.07 ? 358 ARG A NH1 1 
ATOM   1500 N  NH2 . ARG A 1 206 ? -22.719 -4.664  9.329   1.00 26.55 ? 358 ARG A NH2 1 
ATOM   1501 N  N   . GLU A 1 207 ? -21.616 -9.453  4.154   1.00 22.66 ? 359 GLU A N   1 
ATOM   1502 C  CA  . GLU A 1 207 ? -22.371 -9.755  2.927   1.00 22.68 ? 359 GLU A CA  1 
ATOM   1503 C  C   . GLU A 1 207 ? -21.647 -10.743 2.037   1.00 24.58 ? 359 GLU A C   1 
ATOM   1504 O  O   . GLU A 1 207 ? -22.253 -11.307 1.125   1.00 23.62 ? 359 GLU A O   1 
ATOM   1505 C  CB  . GLU A 1 207 ? -22.577 -8.497  2.098   1.00 22.23 ? 359 GLU A CB  1 
ATOM   1506 C  CG  . GLU A 1 207 ? -23.539 -7.499  2.691   1.00 23.46 ? 359 GLU A CG  1 
ATOM   1507 C  CD  . GLU A 1 207 ? -23.627 -6.233  1.867   1.00 24.16 ? 359 GLU A CD  1 
ATOM   1508 O  OE1 . GLU A 1 207 ? -22.670 -5.928  1.130   1.00 24.16 ? 359 GLU A OE1 1 
ATOM   1509 O  OE2 . GLU A 1 207 ? -24.660 -5.544  1.961   1.00 25.10 ? 359 GLU A OE2 1 
ATOM   1510 N  N   . GLY A 1 208 ? -20.345 -10.909 2.270   1.00 23.66 ? 360 GLY A N   1 
ATOM   1511 C  CA  . GLY A 1 208 ? -19.498 -11.623 1.338   1.00 24.14 ? 360 GLY A CA  1 
ATOM   1512 C  C   . GLY A 1 208 ? -19.446 -10.908 0.003   1.00 23.86 ? 360 GLY A C   1 
ATOM   1513 O  O   . GLY A 1 208 ? -19.439 -11.558 -1.047  1.00 23.84 ? 360 GLY A O   1 
ATOM   1514 N  N   . ARG A 1 209 ? -19.435 -9.576  0.034   1.00 23.11 ? 361 ARG A N   1 
ATOM   1515 C  CA  . ARG A 1 209 ? -19.356 -8.782  -1.173  1.00 23.47 ? 361 ARG A CA  1 
ATOM   1516 C  C   . ARG A 1 209 ? -17.886 -8.610  -1.535  1.00 24.93 ? 361 ARG A C   1 
ATOM   1517 O  O   . ARG A 1 209 ? -17.190 -7.776  -0.953  1.00 24.07 ? 361 ARG A O   1 
ATOM   1518 C  CB  . ARG A 1 209 ? -20.005 -7.420  -0.976  1.00 24.20 ? 361 ARG A CB  1 
ATOM   1519 C  CG  . ARG A 1 209 ? -20.170 -6.662  -2.274  1.00 23.57 ? 361 ARG A CG  1 
ATOM   1520 C  CD  . ARG A 1 209 ? -20.490 -5.219  -2.030  1.00 23.01 ? 361 ARG A CD  1 
ATOM   1521 N  NE  . ARG A 1 209 ? -21.750 -5.027  -1.302  1.00 23.09 ? 361 ARG A NE  1 
ATOM   1522 C  CZ  . ARG A 1 209 ? -22.723 -4.194  -1.670  1.00 23.42 ? 361 ARG A CZ  1 
ATOM   1523 N  NH1 . ARG A 1 209 ? -22.613 -3.474  -2.776  1.00 24.13 ? 361 ARG A NH1 1 
ATOM   1524 N  NH2 . ARG A 1 209 ? -23.833 -4.093  -0.940  1.00 22.31 ? 361 ARG A NH2 1 
ATOM   1525 N  N   . PHE A 1 210 ? -17.400 -9.424  -2.465  1.00 27.32 ? 362 PHE A N   1 
ATOM   1526 C  CA  . PHE A 1 210 ? -15.994 -9.336  -2.887  1.00 29.76 ? 362 PHE A CA  1 
ATOM   1527 C  C   . PHE A 1 210 ? -15.921 -8.556  -4.166  1.00 30.42 ? 362 PHE A C   1 
ATOM   1528 O  O   . PHE A 1 210 ? -16.873 -8.563  -4.951  1.00 28.76 ? 362 PHE A O   1 
ATOM   1529 C  CB  . PHE A 1 210 ? -15.373 -10.720 -3.060  1.00 32.50 ? 362 PHE A CB  1 
ATOM   1530 C  CG  . PHE A 1 210 ? -15.157 -11.426 -1.765  1.00 34.69 ? 362 PHE A CG  1 
ATOM   1531 C  CD1 . PHE A 1 210 ? -16.119 -12.293 -1.268  1.00 36.13 ? 362 PHE A CD1 1 
ATOM   1532 C  CD2 . PHE A 1 210 ? -14.019 -11.176 -1.002  1.00 37.33 ? 362 PHE A CD2 1 
ATOM   1533 C  CE1 . PHE A 1 210 ? -15.945 -12.915 -0.053  1.00 36.50 ? 362 PHE A CE1 1 
ATOM   1534 C  CE2 . PHE A 1 210 ? -13.834 -11.812 0.214   1.00 35.14 ? 362 PHE A CE2 1 
ATOM   1535 C  CZ  . PHE A 1 210 ? -14.806 -12.671 0.693   1.00 35.72 ? 362 PHE A CZ  1 
ATOM   1536 N  N   . TRP A 1 211 ? -14.791 -7.888  -4.388  1.00 32.97 ? 363 TRP A N   1 
ATOM   1537 C  CA  . TRP A 1 211 ? -14.672 -6.978  -5.515  1.00 37.02 ? 363 TRP A CA  1 
ATOM   1538 C  C   . TRP A 1 211 ? -14.954 -7.659  -6.881  1.00 39.83 ? 363 TRP A C   1 
ATOM   1539 O  O   . TRP A 1 211 ? -14.397 -8.706  -7.169  1.00 39.65 ? 363 TRP A O   1 
ATOM   1540 C  CB  . TRP A 1 211 ? -13.295 -6.311  -5.552  1.00 38.29 ? 363 TRP A CB  1 
ATOM   1541 C  CG  . TRP A 1 211 ? -13.102 -5.650  -6.865  1.00 39.39 ? 363 TRP A CG  1 
ATOM   1542 C  CD1 . TRP A 1 211 ? -12.205 -5.989  -7.835  1.00 40.09 ? 363 TRP A CD1 1 
ATOM   1543 C  CD2 . TRP A 1 211 ? -13.890 -4.589  -7.392  1.00 39.96 ? 363 TRP A CD2 1 
ATOM   1544 N  NE1 . TRP A 1 211 ? -12.361 -5.169  -8.923  1.00 41.17 ? 363 TRP A NE1 1 
ATOM   1545 C  CE2 . TRP A 1 211 ? -13.395 -4.304  -8.681  1.00 41.26 ? 363 TRP A CE2 1 
ATOM   1546 C  CE3 . TRP A 1 211 ? -14.964 -3.846  -6.899  1.00 40.85 ? 363 TRP A CE3 1 
ATOM   1547 C  CZ2 . TRP A 1 211 ? -13.936 -3.306  -9.482  1.00 42.02 ? 363 TRP A CZ2 1 
ATOM   1548 C  CZ3 . TRP A 1 211 ? -15.506 -2.852  -7.697  1.00 43.17 ? 363 TRP A CZ3 1 
ATOM   1549 C  CH2 . TRP A 1 211 ? -14.990 -2.592  -8.977  1.00 42.86 ? 363 TRP A CH2 1 
ATOM   1550 N  N   . LYS A 1 212 ? -15.787 -6.997  -7.694  1.00 44.94 ? 364 LYS A N   1 
ATOM   1551 C  CA  . LYS A 1 212 ? -16.282 -7.459  -9.013  1.00 49.57 ? 364 LYS A CA  1 
ATOM   1552 C  C   . LYS A 1 212 ? -16.431 -8.974  -9.124  1.00 51.02 ? 364 LYS A C   1 
ATOM   1553 O  O   . LYS A 1 212 ? -17.485 -9.521  -8.805  0.50 52.16 ? 364 LYS A O   1 
ATOM   1554 C  CB  . LYS A 1 212 ? -15.436 -6.887  -10.176 1.00 47.60 ? 364 LYS A CB  1 
ATOM   1555 C  CG  . LYS A 1 212 ? -14.340 -7.802  -10.708 1.00 49.25 ? 364 LYS A CG  1 
ATOM   1556 C  CD  . LYS A 1 212 ? -13.383 -7.079  -11.651 1.00 52.59 ? 364 LYS A CD  1 
ATOM   1557 C  CE  . LYS A 1 212 ? -14.031 -6.620  -12.953 1.00 55.77 ? 364 LYS A CE  1 
ATOM   1558 N  NZ  . LYS A 1 212 ? -15.039 -7.572  -13.497 1.00 56.53 ? 364 LYS A NZ  1 
HETATM 1559 ZN ZN  . ZN  B 2 .   ? -5.758  -6.751  1.638   1.00 25.42 ? 401 ZN  A ZN  1 
HETATM 1560 O  O   . HOH C 3 .   ? 5.641   -2.171  2.715   1.00 25.19 ? 501 HOH A O   1 
HETATM 1561 O  O   . HOH C 3 .   ? -10.245 -7.661  4.799   1.00 23.80 ? 502 HOH A O   1 
HETATM 1562 O  O   . HOH C 3 .   ? 8.006   -1.214  1.626   1.00 19.96 ? 503 HOH A O   1 
HETATM 1563 O  O   . HOH C 3 .   ? -4.495  -8.340  9.447   1.00 28.01 ? 504 HOH A O   1 
HETATM 1564 O  O   . HOH C 3 .   ? -10.375 -3.278  0.239   1.00 22.95 ? 505 HOH A O   1 
HETATM 1565 O  O   . HOH C 3 .   ? 8.119   4.026   -9.181  1.00 46.79 ? 506 HOH A O   1 
HETATM 1566 O  O   . HOH C 3 .   ? -9.953  -5.516  2.863   1.00 24.25 ? 507 HOH A O   1 
HETATM 1567 O  O   . HOH C 3 .   ? -11.168 -7.065  7.383   1.00 22.37 ? 508 HOH A O   1 
HETATM 1568 O  O   . HOH C 3 .   ? -7.752  -2.771  0.942   1.00 25.42 ? 509 HOH A O   1 
HETATM 1569 O  O   . HOH C 3 .   ? -26.741 -6.010  3.582   1.00 22.39 ? 510 HOH A O   1 
HETATM 1570 O  O   . HOH C 3 .   ? 14.990  1.943   -11.083 1.00 31.59 ? 511 HOH A O   1 
HETATM 1571 O  O   . HOH C 3 .   ? -12.873 3.285   -0.052  1.00 32.81 ? 512 HOH A O   1 
HETATM 1572 O  O   . HOH C 3 .   ? -4.351  8.286   14.626  1.00 34.40 ? 513 HOH A O   1 
HETATM 1573 O  O   . HOH C 3 .   ? -1.584  -11.477 -1.312  1.00 37.08 ? 514 HOH A O   1 
HETATM 1574 O  O   . HOH C 3 .   ? -19.859 -14.125 -1.640  1.00 34.84 ? 515 HOH A O   1 
HETATM 1575 O  O   . HOH C 3 .   ? -15.204 -6.655  -16.098 1.00 56.56 ? 516 HOH A O   1 
HETATM 1576 O  O   . HOH C 3 .   ? 6.326   -8.308  10.279  1.00 44.86 ? 517 HOH A O   1 
HETATM 1577 O  O   . HOH C 3 .   ? -1.477  -7.792  4.587   1.00 28.18 ? 518 HOH A O   1 
HETATM 1578 O  O   . HOH C 3 .   ? 17.846  2.576   -3.922  1.00 40.70 ? 519 HOH A O   1 
HETATM 1579 O  O   . HOH C 3 .   ? 10.962  -5.406  -3.522  1.00 34.14 ? 520 HOH A O   1 
HETATM 1580 O  O   . HOH C 3 .   ? -9.370  -6.070  16.847  1.00 32.27 ? 521 HOH A O   1 
HETATM 1581 O  O   . HOH C 3 .   ? 2.840   -9.888  10.312  1.00 35.79 ? 522 HOH A O   1 
HETATM 1582 O  O   . HOH C 3 .   ? -12.628 -8.310  -2.528  1.00 26.44 ? 523 HOH A O   1 
HETATM 1583 O  O   . HOH C 3 .   ? 6.134   -7.323  1.726   1.00 26.37 ? 524 HOH A O   1 
HETATM 1584 O  O   . HOH C 3 .   ? 8.924   -5.292  17.702  1.00 41.88 ? 525 HOH A O   1 
HETATM 1585 O  O   . HOH C 3 .   ? -0.867  -4.320  -0.382  1.00 30.93 ? 526 HOH A O   1 
HETATM 1586 O  O   . HOH C 3 .   ? -7.823  -11.292 -1.185  1.00 35.93 ? 527 HOH A O   1 
HETATM 1587 O  O   . HOH C 3 .   ? 0.577   1.160   -4.907  1.00 44.74 ? 528 HOH A O   1 
HETATM 1588 O  O   . HOH C 3 .   ? -10.472 -7.585  13.283  1.00 30.45 ? 529 HOH A O   1 
HETATM 1589 O  O   . HOH C 3 .   ? 8.629   1.790   12.574  1.00 30.04 ? 530 HOH A O   1 
HETATM 1590 O  O   . HOH C 3 .   ? -3.907  -10.203 7.646   1.00 35.77 ? 531 HOH A O   1 
HETATM 1591 O  O   . HOH C 3 .   ? -9.362  10.945  16.675  1.00 32.03 ? 532 HOH A O   1 
HETATM 1592 O  O   . HOH C 3 .   ? -20.719 -3.524  12.348  1.00 37.29 ? 533 HOH A O   1 
HETATM 1593 O  O   . HOH C 3 .   ? -11.422 10.980  6.226   1.00 40.35 ? 534 HOH A O   1 
HETATM 1594 O  O   . HOH C 3 .   ? -21.225 3.522   6.617   1.00 35.45 ? 535 HOH A O   1 
HETATM 1595 O  O   . HOH C 3 .   ? 0.549   7.221   3.803   1.00 42.38 ? 536 HOH A O   1 
HETATM 1596 O  O   . HOH C 3 .   ? -6.902  8.310   6.479   1.00 46.65 ? 537 HOH A O   1 
HETATM 1597 O  O   . HOH C 3 .   ? 5.120   4.961   10.153  1.00 34.41 ? 538 HOH A O   1 
HETATM 1598 O  O   . HOH C 3 .   ? -14.307 -13.124 4.222   1.00 36.42 ? 539 HOH A O   1 
HETATM 1599 O  O   . HOH C 3 .   ? -17.827 -7.545  9.739   1.00 31.20 ? 540 HOH A O   1 
HETATM 1600 O  O   . HOH C 3 .   ? -4.127  2.058   23.668  1.00 31.12 ? 541 HOH A O   1 
HETATM 1601 O  O   . HOH C 3 .   ? -22.338 -12.853 7.621   1.00 42.80 ? 542 HOH A O   1 
HETATM 1602 O  O   . HOH C 3 .   ? 29.693  13.194  -9.213  1.00 38.49 ? 543 HOH A O   1 
HETATM 1603 O  O   . HOH C 3 .   ? -23.992 -1.024  8.324   1.00 36.61 ? 544 HOH A O   1 
HETATM 1604 O  O   . HOH C 3 .   ? -22.775 0.290   6.009   1.00 41.72 ? 545 HOH A O   1 
HETATM 1605 O  O   . HOH C 3 .   ? 1.972   -6.570  17.857  1.00 51.09 ? 546 HOH A O   1 
HETATM 1606 O  O   . HOH C 3 .   ? -10.094 -14.494 7.142   1.00 39.94 ? 547 HOH A O   1 
HETATM 1607 O  O   . HOH C 3 .   ? -10.673 8.958   -0.559  1.00 45.25 ? 548 HOH A O   1 
HETATM 1608 O  O   . HOH C 3 .   ? -8.480  -3.054  23.105  1.00 44.80 ? 549 HOH A O   1 
HETATM 1609 O  O   . HOH C 3 .   ? 15.687  -9.448  -15.754 1.00 47.59 ? 550 HOH A O   1 
HETATM 1610 O  O   . HOH C 3 .   ? -3.300  -10.010 5.100   1.00 40.85 ? 551 HOH A O   1 
HETATM 1611 O  O   . HOH C 3 .   ? 17.587  -6.497  -19.575 1.00 50.12 ? 552 HOH A O   1 
HETATM 1612 O  O   . HOH C 3 .   ? 4.896   -9.412  6.198   1.00 52.92 ? 553 HOH A O   1 
HETATM 1613 O  O   . HOH C 3 .   ? 4.605   -10.757 -4.866  1.00 52.92 ? 554 HOH A O   1 
HETATM 1614 O  O   . HOH C 3 .   ? 7.046   -12.977 -25.373 1.00 43.99 ? 555 HOH A O   1 
HETATM 1615 O  O   . HOH C 3 .   ? -3.108  -9.208  11.820  1.00 36.15 ? 556 HOH A O   1 
HETATM 1616 O  O   . HOH C 3 .   ? 17.461  -4.294  -4.680  1.00 44.46 ? 557 HOH A O   1 
HETATM 1617 O  O   . HOH C 3 .   ? -5.115  -10.667 -1.513  1.00 41.04 ? 558 HOH A O   1 
HETATM 1618 O  O   . HOH C 3 .   ? -10.073 13.775  13.896  1.00 41.48 ? 559 HOH A O   1 
HETATM 1619 O  O   . HOH C 3 .   ? -2.553  -1.404  23.313  1.00 41.95 ? 560 HOH A O   1 
HETATM 1620 O  O   . HOH C 3 .   ? -6.568  7.346   -0.457  1.00 45.87 ? 561 HOH A O   1 
HETATM 1621 O  O   . HOH C 3 .   ? 8.504   -9.369  16.696  1.00 44.98 ? 562 HOH A O   1 
HETATM 1622 O  O   . HOH C 3 .   ? -24.867 -0.791  -0.668  1.00 52.64 ? 563 HOH A O   1 
HETATM 1623 O  O   . HOH C 3 .   ? 10.292  -8.107  -3.939  1.00 43.09 ? 564 HOH A O   1 
HETATM 1624 O  O   . HOH C 3 .   ? -22.706 0.481   -1.558  1.00 49.00 ? 565 HOH A O   1 
HETATM 1625 O  O   . HOH C 3 .   ? 10.837  -8.171  17.946  1.00 40.52 ? 566 HOH A O   1 
HETATM 1626 O  O   . HOH C 3 .   ? -7.268  -9.192  -6.114  1.00 46.27 ? 567 HOH A O   1 
HETATM 1627 O  O   . HOH C 3 .   ? -14.427 15.305  19.320  1.00 44.53 ? 568 HOH A O   1 
HETATM 1628 O  O   . HOH C 3 .   ? -9.124  -8.773  -8.390  1.00 55.53 ? 569 HOH A O   1 
HETATM 1629 O  O   . HOH C 3 .   ? -18.555 0.115   12.686  1.00 44.35 ? 570 HOH A O   1 
HETATM 1630 O  O   . HOH C 3 .   ? -4.989  -10.279 3.157   1.00 33.15 ? 571 HOH A O   1 
HETATM 1631 O  O   . HOH C 3 .   ? 6.061   -0.355  21.436  1.00 42.29 ? 572 HOH A O   1 
HETATM 1632 O  O   . HOH C 3 .   ? 1.031   -11.117 3.838   1.00 48.86 ? 573 HOH A O   1 
HETATM 1633 O  O   . HOH C 3 .   ? 3.681   1.697   7.730   1.00 42.10 ? 574 HOH A O   1 
HETATM 1634 O  O   . HOH C 3 .   ? 18.697  8.892   -2.935  1.00 40.51 ? 575 HOH A O   1 
HETATM 1635 O  O   . HOH C 3 .   ? 6.322   -8.526  -5.256  1.00 42.73 ? 576 HOH A O   1 
HETATM 1636 O  O   . HOH C 3 .   ? -15.486 -12.491 7.053   1.00 50.81 ? 577 HOH A O   1 
HETATM 1637 O  O   . HOH C 3 .   ? -1.599  12.733  8.538   1.00 52.51 ? 578 HOH A O   1 
HETATM 1638 O  O   . HOH C 3 .   ? 16.455  4.211   -11.215 1.00 34.17 ? 579 HOH A O   1 
HETATM 1639 O  O   . HOH C 3 .   ? 8.198   13.922  -11.116 1.00 58.71 ? 580 HOH A O   1 
HETATM 1640 O  O   . HOH C 3 .   ? -9.866  6.792   -2.796  1.00 60.35 ? 581 HOH A O   1 
HETATM 1641 O  O   . HOH C 3 .   ? 0.188   0.388   -1.534  1.00 56.96 ? 582 HOH A O   1 
HETATM 1642 O  O   . HOH C 3 .   ? -16.287 2.446   -9.625  1.00 39.39 ? 583 HOH A O   1 
HETATM 1643 O  O   . HOH C 3 .   ? -8.236  -12.303 10.100  1.00 61.87 ? 584 HOH A O   1 
HETATM 1644 O  O   . HOH C 3 .   ? 5.330   -1.215  5.462   1.00 28.18 ? 585 HOH A O   1 
HETATM 1645 O  O   . HOH C 3 .   ? -18.287 7.133   18.323  1.00 57.11 ? 586 HOH A O   1 
HETATM 1646 O  O   . HOH C 3 .   ? -17.960 4.213   15.780  1.00 57.82 ? 587 HOH A O   1 
HETATM 1647 O  O   . HOH C 3 .   ? -15.147 13.336  21.470  1.00 60.98 ? 588 HOH A O   1 
HETATM 1648 O  O   . HOH C 3 .   ? -7.971  14.614  11.239  1.00 45.85 ? 589 HOH A O   1 
HETATM 1649 O  O   . HOH C 3 .   ? -17.935 5.258   3.382   1.00 37.08 ? 590 HOH A O   1 
HETATM 1650 O  O   . HOH C 3 .   ? -18.024 2.731   12.621  1.00 43.69 ? 591 HOH A O   1 
HETATM 1651 O  O   . HOH C 3 .   ? 12.162  1.558   -11.410 1.00 41.72 ? 592 HOH A O   1 
HETATM 1652 O  O   . HOH C 3 .   ? 6.171   3.360   -4.265  1.00 40.61 ? 593 HOH A O   1 
HETATM 1653 O  O   . HOH C 3 .   ? 5.268   -9.644  2.984   1.00 42.55 ? 594 HOH A O   1 
# 
